data_1ECB
#
_entry.id   1ECB
#
_cell.length_a   95.800
_cell.length_b   113.200
_cell.length_c   199.600
_cell.angle_alpha   90.00
_cell.angle_beta   90.00
_cell.angle_gamma   90.00
#
_symmetry.space_group_name_H-M   'P 21 21 21'
#
loop_
_entity.id
_entity.type
_entity.pdbx_description
1 polymer 'GLUTAMINE PHOSPHORIBOSYLPYROPHOSPHATE AMIDOTRANSFERASE'
2 non-polymer 'MAGNESIUM ION'
3 non-polymer "GUANOSINE-5'-MONOPHOSPHATE"
4 water water
#
_entity_poly.entity_id   1
_entity_poly.type   'polypeptide(L)'
_entity_poly.pdbx_seq_one_letter_code
;CGIVGIAGVMPVNQSIYDALTVLQHRGQDAAGIITIDANNCFRLRKANGLVSDVFEARHMQRLQGNMGIGHVRYPTAGSS
SASEAQPFYVNSPYGITLAHNGNLTNAHELRKKLFEEKRRHINTTSDSEILLNIFASELDNFRHYPLEADNIFAAIAATN
RLIRGAYACVAMIIGHGMVAFRDPNGIRPLVLGKRDIDENRTEYMVASESVALDTLGFDFLRDVAPGEAIYITEEGQLFT
RQCADNPVSNPCLFEYVYFARPDSFIDKISVYSARVNMGTKLGEKIAREWEDLDIDVVIPIPETSCDIALEIARILGKPY
RQGFVKNRYVGRTFIMPGQQLRRKSVRRKLNANRAEFRDKNVLLVDDSIVRGTTSEQIIEMAREAGAKKVYLASAAPEIR
FPNVYGIDMPSATELIAHGREVDEIRQIIGADGLIFQDLNDLIDAVRAENPDIQQFECSVFNGVYVTKDVDQGYLDFLDT
LRNDDAKAVQRQNEVENLEMHNEG
;
_entity_poly.pdbx_strand_id   A,B,C,D
#
loop_
_chem_comp.id
_chem_comp.type
_chem_comp.name
_chem_comp.formula
5GP non-polymer GUANOSINE-5'-MONOPHOSPHATE 'C10 H14 N5 O8 P'
MG non-polymer 'MAGNESIUM ION' 'Mg 2'
#
# COMPACT_ATOMS: atom_id res chain seq x y z
N CYS A 1 9.55 -0.08 25.66
CA CYS A 1 8.92 -1.31 25.12
C CYS A 1 7.81 -1.72 26.07
N GLY A 2 6.91 -2.58 25.61
CA GLY A 2 5.81 -3.02 26.45
C GLY A 2 5.50 -4.40 26.01
N ILE A 3 5.01 -5.25 26.92
CA ILE A 3 4.71 -6.64 26.55
C ILE A 3 3.42 -7.13 27.17
N VAL A 4 2.88 -8.16 26.56
CA VAL A 4 1.63 -8.78 26.98
C VAL A 4 1.71 -10.23 26.57
N GLY A 5 0.99 -11.09 27.29
CA GLY A 5 0.97 -12.51 26.97
C GLY A 5 -0.34 -12.98 27.57
N ILE A 6 -1.02 -13.87 26.84
CA ILE A 6 -2.30 -14.34 27.31
C ILE A 6 -2.47 -15.81 27.02
N ALA A 7 -2.76 -16.59 28.06
CA ALA A 7 -2.98 -18.01 27.90
C ALA A 7 -4.47 -18.14 28.09
N GLY A 8 -5.20 -18.08 26.99
CA GLY A 8 -6.65 -18.16 27.07
C GLY A 8 -7.22 -19.50 26.69
N VAL A 9 -8.55 -19.56 26.67
CA VAL A 9 -9.29 -20.76 26.30
C VAL A 9 -10.14 -20.40 25.08
N MET A 10 -9.79 -19.27 24.47
CA MET A 10 -10.47 -18.75 23.31
C MET A 10 -9.52 -17.76 22.69
N PRO A 11 -9.66 -17.52 21.39
CA PRO A 11 -8.84 -16.61 20.59
C PRO A 11 -8.35 -15.41 21.37
N VAL A 12 -7.07 -15.13 21.22
CA VAL A 12 -6.46 -14.04 21.94
C VAL A 12 -6.01 -12.91 21.02
N ASN A 13 -6.10 -13.14 19.71
CA ASN A 13 -5.66 -12.13 18.76
C ASN A 13 -6.24 -10.73 18.98
N GLN A 14 -7.54 -10.63 19.22
CA GLN A 14 -8.13 -9.33 19.46
C GLN A 14 -7.68 -8.85 20.81
N SER A 15 -7.75 -9.70 21.81
CA SER A 15 -7.35 -9.24 23.13
C SER A 15 -5.91 -8.75 23.23
N ILE A 16 -5.00 -9.30 22.45
CA ILE A 16 -3.62 -8.86 22.52
C ILE A 16 -3.48 -7.47 21.91
N TYR A 17 -4.07 -7.29 20.72
CA TYR A 17 -4.06 -6.01 20.01
C TYR A 17 -4.64 -4.92 20.94
N ASP A 18 -5.70 -5.28 21.65
CA ASP A 18 -6.34 -4.34 22.55
C ASP A 18 -5.43 -4.04 23.73
N ALA A 19 -4.74 -5.05 24.23
CA ALA A 19 -3.82 -4.78 25.31
C ALA A 19 -2.63 -3.93 24.78
N LEU A 20 -2.15 -4.20 23.56
CA LEU A 20 -1.05 -3.40 23.02
C LEU A 20 -1.47 -1.96 22.75
N THR A 21 -2.72 -1.72 22.33
CA THR A 21 -3.18 -0.34 22.10
C THR A 21 -3.15 0.44 23.41
N VAL A 22 -3.48 -0.19 24.54
CA VAL A 22 -3.34 0.55 25.85
C VAL A 22 -1.86 0.59 26.36
N LEU A 23 -0.96 -0.16 25.72
CA LEU A 23 0.44 -0.13 26.08
C LEU A 23 1.22 0.61 25.01
N GLN A 24 0.54 1.15 24.01
CA GLN A 24 1.16 1.89 22.90
C GLN A 24 2.09 3.02 23.31
N HIS A 25 1.83 3.62 24.47
CA HIS A 25 2.65 4.73 24.95
C HIS A 25 4.08 4.29 25.26
N ARG A 26 4.29 2.98 25.32
CA ARG A 26 5.58 2.40 25.66
C ARG A 26 6.48 2.18 24.49
N GLY A 27 5.95 2.38 23.28
CA GLY A 27 6.76 2.20 22.09
C GLY A 27 5.88 2.30 20.89
N GLN A 28 6.26 3.12 19.91
CA GLN A 28 5.46 3.25 18.69
C GLN A 28 6.31 3.04 17.46
N ASP A 29 7.53 2.57 17.67
CA ASP A 29 8.45 2.32 16.59
C ASP A 29 8.06 1.09 15.78
N ALA A 30 7.52 0.07 16.45
CA ALA A 30 7.13 -1.17 15.80
C ALA A 30 6.26 -1.97 16.72
N ALA A 31 5.63 -3.02 16.20
CA ALA A 31 4.75 -3.90 17.00
C ALA A 31 4.82 -5.31 16.43
N GLY A 32 4.40 -6.28 17.23
CA GLY A 32 4.40 -7.65 16.79
C GLY A 32 3.50 -8.46 17.70
N ILE A 33 2.81 -9.46 17.14
CA ILE A 33 1.96 -10.36 17.91
C ILE A 33 2.31 -11.73 17.38
N ILE A 34 2.24 -12.75 18.22
CA ILE A 34 2.57 -14.10 17.78
C ILE A 34 1.78 -15.05 18.65
N THR A 35 0.99 -15.91 18.01
CA THR A 35 0.14 -16.88 18.70
C THR A 35 0.52 -18.32 18.28
N ILE A 36 -0.14 -19.31 18.89
CA ILE A 36 0.12 -20.70 18.58
C ILE A 36 -1.21 -21.28 18.16
N ASP A 37 -1.29 -21.76 16.93
CA ASP A 37 -2.52 -22.34 16.40
C ASP A 37 -2.81 -23.74 16.95
N ALA A 38 -3.93 -24.31 16.52
CA ALA A 38 -4.34 -25.64 16.95
C ALA A 38 -3.31 -26.68 16.56
N ASN A 39 -2.57 -26.41 15.49
CA ASN A 39 -1.57 -27.33 14.99
C ASN A 39 -0.26 -27.14 15.67
N ASN A 40 -0.26 -26.44 16.78
CA ASN A 40 0.97 -26.18 17.49
C ASN A 40 2.04 -25.53 16.60
N CYS A 41 1.67 -24.42 15.96
CA CYS A 41 2.55 -23.70 15.08
C CYS A 41 2.32 -22.26 15.37
N PHE A 42 3.39 -21.48 15.32
CA PHE A 42 3.34 -20.06 15.58
C PHE A 42 2.76 -19.27 14.41
N ARG A 43 1.97 -18.26 14.72
CA ARG A 43 1.43 -17.37 13.69
C ARG A 43 1.95 -16.03 14.16
N LEU A 44 2.69 -15.35 13.32
CA LEU A 44 3.31 -14.07 13.69
C LEU A 44 3.06 -12.92 12.71
N ARG A 45 3.14 -11.69 13.21
CA ARG A 45 3.00 -10.49 12.41
C ARG A 45 3.72 -9.39 13.12
N LYS A 46 4.82 -8.93 12.55
CA LYS A 46 5.52 -7.83 13.15
C LYS A 46 6.02 -6.93 12.06
N ALA A 47 5.94 -5.63 12.30
CA ALA A 47 6.34 -4.64 11.31
C ALA A 47 6.64 -3.34 12.03
N ASN A 48 7.16 -2.35 11.32
CA ASN A 48 7.40 -1.08 11.98
C ASN A 48 6.08 -0.33 11.97
N GLY A 49 5.83 0.50 12.98
CA GLY A 49 4.60 1.25 13.00
C GLY A 49 3.76 1.12 14.24
N LEU A 50 2.61 1.80 14.23
CA LEU A 50 1.69 1.76 15.35
C LEU A 50 0.90 0.48 15.28
N VAL A 51 0.39 0.07 16.43
CA VAL A 51 -0.41 -1.16 16.52
C VAL A 51 -1.48 -1.06 15.44
N SER A 52 -2.22 0.05 15.45
CA SER A 52 -3.30 0.28 14.50
C SER A 52 -2.85 0.14 13.06
N ASP A 53 -1.60 0.49 12.75
CA ASP A 53 -1.12 0.36 11.36
C ASP A 53 -0.54 -1.01 11.01
N VAL A 54 0.01 -1.70 12.01
CA VAL A 54 0.65 -2.99 11.79
C VAL A 54 -0.36 -4.13 11.58
N PHE A 55 -1.37 -4.20 12.44
CA PHE A 55 -2.32 -5.27 12.31
C PHE A 55 -3.58 -4.97 11.55
N GLU A 56 -3.53 -5.40 10.31
CA GLU A 56 -4.67 -5.28 9.39
C GLU A 56 -5.54 -6.53 9.53
N ALA A 57 -6.75 -6.47 9.00
CA ALA A 57 -7.63 -7.60 9.12
C ALA A 57 -7.08 -8.91 8.54
N ARG A 58 -6.30 -8.84 7.47
CA ARG A 58 -5.77 -10.08 6.93
C ARG A 58 -4.84 -10.75 7.90
N HIS A 59 -4.10 -9.92 8.63
CA HIS A 59 -3.15 -10.40 9.61
C HIS A 59 -3.88 -11.01 10.79
N MET A 60 -4.81 -10.26 11.39
CA MET A 60 -5.55 -10.78 12.56
C MET A 60 -6.16 -12.15 12.23
N GLN A 61 -6.75 -12.22 11.04
CA GLN A 61 -7.42 -13.39 10.50
C GLN A 61 -6.50 -14.60 10.57
N ARG A 62 -5.21 -14.35 10.37
CA ARG A 62 -4.16 -15.36 10.37
C ARG A 62 -3.68 -15.67 11.79
N LEU A 63 -3.78 -14.73 12.71
CA LEU A 63 -3.31 -15.00 14.06
C LEU A 63 -4.27 -15.89 14.85
N GLN A 64 -4.26 -17.19 14.53
CA GLN A 64 -5.14 -18.15 15.20
C GLN A 64 -4.48 -18.76 16.41
N GLY A 65 -5.29 -19.07 17.41
CA GLY A 65 -4.80 -19.66 18.64
C GLY A 65 -5.43 -19.09 19.91
N ASN A 66 -5.21 -19.78 21.01
CA ASN A 66 -5.75 -19.38 22.30
C ASN A 66 -4.65 -18.90 23.26
N MET A 67 -3.43 -18.82 22.74
CA MET A 67 -2.31 -18.34 23.51
C MET A 67 -1.48 -17.47 22.56
N GLY A 68 -0.93 -16.38 23.09
CA GLY A 68 -0.11 -15.49 22.29
C GLY A 68 0.58 -14.43 23.14
N ILE A 69 1.56 -13.77 22.54
CA ILE A 69 2.27 -12.67 23.20
C ILE A 69 2.39 -11.48 22.23
N GLY A 70 2.61 -10.27 22.75
CA GLY A 70 2.72 -9.10 21.89
C GLY A 70 3.76 -8.11 22.38
N HIS A 71 4.25 -7.25 21.51
CA HIS A 71 5.28 -6.29 21.88
C HIS A 71 5.15 -4.96 21.16
N VAL A 72 5.43 -3.87 21.85
CA VAL A 72 5.43 -2.54 21.24
C VAL A 72 6.82 -2.02 21.53
N ARG A 73 7.56 -1.76 20.47
CA ARG A 73 8.93 -1.29 20.58
C ARG A 73 9.15 0.21 20.62
N TYR A 74 9.81 0.65 21.68
CA TYR A 74 10.13 2.05 21.80
C TYR A 74 11.32 2.17 20.85
N PRO A 75 11.37 3.23 20.03
CA PRO A 75 12.50 3.38 19.11
C PRO A 75 13.85 3.45 19.80
N THR A 76 14.41 2.29 20.11
CA THR A 76 15.70 2.26 20.78
C THR A 76 16.74 2.67 19.74
N ALA A 77 17.34 3.83 19.96
CA ALA A 77 18.39 4.35 19.08
C ALA A 77 19.61 3.45 19.30
N GLY A 78 20.30 3.13 18.21
CA GLY A 78 21.45 2.23 18.29
C GLY A 78 21.01 0.90 17.68
N SER A 79 19.83 0.42 18.10
CA SER A 79 19.23 -0.84 17.61
C SER A 79 18.40 -0.61 16.33
N SER A 80 18.98 0.21 15.45
CA SER A 80 18.46 0.57 14.14
C SER A 80 17.14 1.35 14.00
N SER A 81 16.13 1.06 14.83
CA SER A 81 14.83 1.73 14.74
C SER A 81 14.17 1.42 13.35
N ALA A 82 14.83 0.53 12.62
CA ALA A 82 14.43 0.05 11.30
C ALA A 82 14.92 -1.40 11.22
N SER A 83 15.29 -1.96 12.37
CA SER A 83 15.80 -3.32 12.47
C SER A 83 14.64 -4.29 12.68
N GLU A 84 14.96 -5.57 12.83
CA GLU A 84 13.95 -6.57 13.06
C GLU A 84 13.24 -6.26 14.39
N ALA A 85 11.92 -6.34 14.39
CA ALA A 85 11.12 -6.07 15.58
C ALA A 85 10.91 -7.36 16.39
N GLN A 86 10.38 -7.23 17.60
CA GLN A 86 10.12 -8.42 18.41
C GLN A 86 8.64 -8.70 18.21
N PRO A 87 8.13 -9.84 18.69
CA PRO A 87 8.81 -10.91 19.41
C PRO A 87 9.74 -11.68 18.51
N PHE A 88 10.72 -12.34 19.12
CA PHE A 88 11.68 -13.14 18.40
C PHE A 88 11.29 -14.61 18.49
N TYR A 89 11.87 -15.42 17.64
CA TYR A 89 11.50 -16.82 17.57
C TYR A 89 12.71 -17.64 17.13
N VAL A 90 12.74 -18.91 17.55
CA VAL A 90 13.77 -19.92 17.23
C VAL A 90 13.01 -21.22 17.19
N ASN A 91 13.41 -22.08 16.26
CA ASN A 91 12.77 -23.38 16.02
C ASN A 91 13.17 -24.49 16.96
N SER A 92 14.23 -24.27 17.73
CA SER A 92 14.68 -25.32 18.62
C SER A 92 15.42 -24.78 19.84
N PRO A 93 15.27 -25.47 20.99
CA PRO A 93 14.43 -26.67 21.06
C PRO A 93 12.97 -26.36 21.14
N TYR A 94 12.17 -27.33 20.73
CA TYR A 94 10.70 -27.27 20.80
C TYR A 94 9.96 -26.23 19.97
N GLY A 95 10.46 -24.98 20.00
CA GLY A 95 9.89 -23.84 19.29
C GLY A 95 9.73 -22.81 20.36
N ILE A 96 10.52 -21.74 20.33
CA ILE A 96 10.41 -20.71 21.38
C ILE A 96 10.32 -19.28 20.85
N THR A 97 9.45 -18.48 21.44
CA THR A 97 9.35 -17.09 21.07
C THR A 97 9.42 -16.30 22.33
N LEU A 98 10.03 -15.13 22.27
CA LEU A 98 10.17 -14.30 23.44
C LEU A 98 10.13 -12.81 23.09
N ALA A 99 9.32 -12.08 23.88
CA ALA A 99 9.14 -10.64 23.79
C ALA A 99 9.78 -10.10 25.10
N HIS A 100 10.47 -8.98 25.02
CA HIS A 100 11.19 -8.46 26.18
C HIS A 100 11.32 -6.92 26.29
N ASN A 101 11.14 -6.40 27.51
CA ASN A 101 11.31 -4.99 27.79
C ASN A 101 12.47 -4.88 28.79
N GLY A 102 13.55 -4.20 28.44
CA GLY A 102 14.65 -4.09 29.37
C GLY A 102 15.98 -3.94 28.68
N ASN A 103 17.07 -4.27 29.35
CA ASN A 103 18.38 -4.15 28.75
C ASN A 103 19.45 -4.99 29.46
N LEU A 104 20.21 -5.75 28.67
CA LEU A 104 21.28 -6.59 29.18
C LEU A 104 22.57 -5.79 29.13
N THR A 105 23.27 -5.79 30.24
CA THR A 105 24.52 -5.06 30.38
C THR A 105 25.72 -5.90 29.96
N ASN A 106 25.55 -7.22 29.86
CA ASN A 106 26.63 -8.09 29.42
C ASN A 106 26.20 -8.80 28.12
N ALA A 107 25.66 -8.02 27.21
CA ALA A 107 25.19 -8.55 25.94
C ALA A 107 26.38 -9.01 25.10
N HIS A 108 27.37 -8.13 25.00
CA HIS A 108 28.55 -8.46 24.23
C HIS A 108 29.14 -9.79 24.68
N GLU A 109 29.31 -9.90 26.00
CA GLU A 109 29.84 -11.12 26.59
C GLU A 109 28.94 -12.28 26.24
N LEU A 110 27.64 -12.05 26.30
CA LEU A 110 26.66 -13.09 25.98
C LEU A 110 26.63 -13.68 24.54
N ARG A 111 26.74 -12.85 23.49
CA ARG A 111 26.70 -13.43 22.13
C ARG A 111 27.99 -14.19 21.76
N LYS A 112 29.07 -13.85 22.45
CA LYS A 112 30.37 -14.50 22.24
C LYS A 112 30.30 -15.91 22.76
N LYS A 113 29.77 -16.05 23.97
CA LYS A 113 29.62 -17.36 24.58
C LYS A 113 28.69 -18.22 23.77
N LEU A 114 27.58 -17.65 23.31
CA LEU A 114 26.59 -18.38 22.52
C LEU A 114 27.23 -18.88 21.25
N PHE A 115 27.90 -18.01 20.51
CA PHE A 115 28.57 -18.45 19.30
C PHE A 115 29.56 -19.58 19.62
N GLU A 116 30.52 -19.27 20.49
CA GLU A 116 31.55 -20.21 20.89
C GLU A 116 31.03 -21.47 21.46
N GLU A 117 30.25 -21.35 22.49
CA GLU A 117 29.76 -22.57 23.09
C GLU A 117 28.71 -23.37 22.32
N LYS A 118 27.72 -22.72 21.75
CA LYS A 118 26.66 -23.46 21.08
C LYS A 118 26.48 -23.22 19.59
N ARG A 119 27.26 -22.29 19.03
CA ARG A 119 27.16 -21.99 17.61
C ARG A 119 25.87 -21.27 17.23
N ARG A 120 25.25 -20.62 18.22
CA ARG A 120 23.99 -19.89 18.01
C ARG A 120 24.30 -18.52 17.48
N HIS A 121 23.87 -18.31 16.24
CA HIS A 121 24.07 -17.05 15.56
C HIS A 121 23.00 -16.01 15.97
N ILE A 122 23.45 -14.80 16.23
CA ILE A 122 22.57 -13.73 16.61
C ILE A 122 22.51 -12.85 15.37
N ASN A 123 21.33 -12.70 14.76
CA ASN A 123 21.24 -11.89 13.56
C ASN A 123 21.05 -10.39 13.73
N THR A 124 20.76 -9.94 14.95
CA THR A 124 20.54 -8.53 15.16
C THR A 124 21.35 -7.95 16.32
N THR A 125 21.06 -6.71 16.65
CA THR A 125 21.72 -6.03 17.75
C THR A 125 20.85 -6.09 19.01
N SER A 126 19.59 -6.45 18.83
CA SER A 126 18.64 -6.56 19.91
C SER A 126 19.16 -7.54 20.94
N ASP A 127 19.35 -7.10 22.18
CA ASP A 127 19.83 -8.02 23.20
C ASP A 127 18.68 -8.91 23.63
N SER A 128 17.55 -8.74 22.95
CA SER A 128 16.39 -9.54 23.22
C SER A 128 16.49 -10.86 22.50
N GLU A 129 17.23 -10.86 21.40
CA GLU A 129 17.45 -12.07 20.60
C GLU A 129 18.49 -12.84 21.37
N ILE A 130 19.33 -12.10 22.09
CA ILE A 130 20.34 -12.71 22.94
C ILE A 130 19.63 -13.47 24.07
N LEU A 131 18.80 -12.74 24.80
CA LEU A 131 18.04 -13.33 25.88
C LEU A 131 17.27 -14.57 25.36
N LEU A 132 16.65 -14.49 24.20
CA LEU A 132 15.92 -15.67 23.73
C LEU A 132 16.87 -16.86 23.47
N ASN A 133 18.11 -16.58 23.06
CA ASN A 133 19.01 -17.68 22.79
C ASN A 133 19.55 -18.34 24.02
N ILE A 134 19.89 -17.56 25.03
CA ILE A 134 20.41 -18.13 26.27
C ILE A 134 19.30 -19.10 26.79
N PHE A 135 18.09 -18.58 26.91
CA PHE A 135 16.97 -19.36 27.40
C PHE A 135 16.75 -20.60 26.56
N ALA A 136 16.99 -20.47 25.26
CA ALA A 136 16.78 -21.60 24.37
C ALA A 136 17.83 -22.68 24.55
N SER A 137 19.08 -22.28 24.78
CA SER A 137 20.15 -23.26 24.93
C SER A 137 19.98 -23.98 26.22
N GLU A 138 19.62 -23.25 27.26
CA GLU A 138 19.43 -23.87 28.56
C GLU A 138 18.31 -24.92 28.54
N LEU A 139 17.22 -24.65 27.83
CA LEU A 139 16.12 -25.60 27.73
C LEU A 139 16.59 -26.80 26.89
N ASP A 140 17.60 -26.55 26.06
CA ASP A 140 18.14 -27.56 25.17
C ASP A 140 18.74 -28.73 25.95
N ASN A 141 19.25 -28.43 27.14
CA ASN A 141 19.88 -29.42 28.02
C ASN A 141 18.96 -30.53 28.53
N PHE A 142 17.66 -30.47 28.22
CA PHE A 142 16.73 -31.49 28.73
C PHE A 142 16.40 -32.57 27.72
N ARG A 143 16.43 -33.81 28.24
CA ARG A 143 16.19 -35.02 27.46
C ARG A 143 14.75 -35.45 27.33
N HIS A 144 14.11 -35.76 28.46
CA HIS A 144 12.73 -36.21 28.47
C HIS A 144 11.79 -35.17 27.88
N TYR A 145 10.76 -35.65 27.19
CA TYR A 145 9.75 -34.78 26.60
C TYR A 145 8.41 -35.27 27.12
N PRO A 146 7.58 -34.36 27.65
CA PRO A 146 7.87 -32.94 27.77
C PRO A 146 8.67 -32.50 29.00
N LEU A 147 9.11 -31.25 28.94
CA LEU A 147 9.80 -30.65 30.04
C LEU A 147 8.73 -30.52 31.11
N GLU A 148 9.15 -30.42 32.35
CA GLU A 148 8.25 -30.25 33.47
C GLU A 148 8.51 -28.82 33.91
N ALA A 149 7.63 -28.31 34.75
CA ALA A 149 7.80 -26.96 35.21
C ALA A 149 9.22 -26.69 35.77
N ASP A 150 9.70 -27.58 36.61
CA ASP A 150 11.01 -27.38 37.22
C ASP A 150 12.11 -27.25 36.17
N ASN A 151 11.97 -28.02 35.09
CA ASN A 151 12.98 -27.98 34.03
C ASN A 151 12.99 -26.58 33.46
N ILE A 152 11.80 -26.05 33.19
CA ILE A 152 11.67 -24.70 32.67
C ILE A 152 12.21 -23.69 33.70
N PHE A 153 11.83 -23.89 34.96
CA PHE A 153 12.29 -23.01 36.02
C PHE A 153 13.80 -23.10 36.19
N ALA A 154 14.33 -24.31 36.07
CA ALA A 154 15.78 -24.53 36.20
C ALA A 154 16.49 -23.73 35.13
N ALA A 155 15.90 -23.78 33.92
CA ALA A 155 16.38 -23.08 32.74
C ALA A 155 16.41 -21.59 33.00
N ILE A 156 15.28 -21.06 33.44
CA ILE A 156 15.26 -19.63 33.74
C ILE A 156 16.33 -19.24 34.74
N ALA A 157 16.42 -19.98 35.85
CA ALA A 157 17.42 -19.71 36.89
C ALA A 157 18.80 -19.73 36.30
N ALA A 158 19.05 -20.71 35.43
CA ALA A 158 20.33 -20.87 34.78
C ALA A 158 20.60 -19.61 33.98
N THR A 159 19.55 -19.14 33.32
CA THR A 159 19.62 -17.95 32.51
C THR A 159 19.92 -16.72 33.34
N ASN A 160 19.23 -16.61 34.48
CA ASN A 160 19.44 -15.46 35.34
C ASN A 160 20.90 -15.37 35.79
N ARG A 161 21.55 -16.52 35.90
CA ARG A 161 22.95 -16.53 36.32
C ARG A 161 23.84 -15.92 35.27
N LEU A 162 23.49 -16.17 34.03
CA LEU A 162 24.26 -15.65 32.92
C LEU A 162 24.10 -14.18 32.53
N ILE A 163 22.86 -13.76 32.33
CA ILE A 163 22.63 -12.40 31.89
C ILE A 163 22.65 -11.42 33.02
N ARG A 164 22.89 -10.16 32.73
CA ARG A 164 22.90 -9.14 33.77
C ARG A 164 22.24 -7.88 33.26
N GLY A 165 21.38 -7.27 34.07
CA GLY A 165 20.71 -6.06 33.65
C GLY A 165 19.28 -5.90 34.17
N ALA A 166 18.37 -5.49 33.28
CA ALA A 166 16.98 -5.29 33.61
C ALA A 166 16.16 -6.02 32.57
N TYR A 167 15.04 -6.62 33.00
CA TYR A 167 14.15 -7.35 32.09
C TYR A 167 12.84 -7.90 32.64
N ALA A 168 11.82 -7.81 31.80
CA ALA A 168 10.50 -8.33 32.08
C ALA A 168 10.33 -9.10 30.77
N CYS A 169 10.01 -10.39 30.84
CA CYS A 169 9.87 -11.19 29.64
C CYS A 169 8.68 -12.09 29.66
N VAL A 170 8.06 -12.23 28.51
CA VAL A 170 6.99 -13.17 28.40
C VAL A 170 7.51 -14.04 27.25
N ALA A 171 7.18 -15.34 27.27
CA ALA A 171 7.65 -16.26 26.25
C ALA A 171 6.70 -17.42 26.09
N MET A 172 6.90 -18.20 25.04
CA MET A 172 6.08 -19.37 24.78
C MET A 172 6.92 -20.52 24.24
N ILE A 173 6.55 -21.73 24.66
CA ILE A 173 7.23 -22.96 24.21
C ILE A 173 6.18 -23.90 23.65
N ILE A 174 6.31 -24.19 22.35
CA ILE A 174 5.35 -25.02 21.65
C ILE A 174 5.14 -26.32 22.43
N GLY A 175 3.89 -26.75 22.60
CA GLY A 175 3.64 -28.00 23.29
C GLY A 175 3.79 -27.93 24.80
N HIS A 176 4.11 -26.74 25.32
CA HIS A 176 4.26 -26.56 26.76
C HIS A 176 3.39 -25.44 27.31
N GLY A 177 3.74 -24.19 27.02
CA GLY A 177 2.95 -23.08 27.50
C GLY A 177 3.64 -21.73 27.52
N MET A 178 3.09 -20.81 28.28
CA MET A 178 3.64 -19.49 28.36
C MET A 178 4.44 -19.31 29.64
N VAL A 179 5.57 -18.61 29.57
CA VAL A 179 6.36 -18.34 30.76
C VAL A 179 6.62 -16.85 30.75
N ALA A 180 6.82 -16.29 31.92
CA ALA A 180 7.05 -14.88 32.11
C ALA A 180 7.98 -14.80 33.32
N PHE A 181 8.98 -13.94 33.26
CA PHE A 181 9.92 -13.80 34.34
C PHE A 181 10.46 -12.38 34.38
N ARG A 182 10.99 -11.97 35.53
CA ARG A 182 11.45 -10.60 35.74
C ARG A 182 12.86 -10.65 36.38
N ASP A 183 13.66 -9.60 36.17
CA ASP A 183 15.01 -9.54 36.73
C ASP A 183 15.05 -9.58 38.24
N PRO A 184 16.19 -9.94 38.82
CA PRO A 184 16.40 -10.03 40.27
C PRO A 184 16.28 -8.73 41.03
N ASN A 185 16.36 -7.60 40.34
CA ASN A 185 16.20 -6.32 41.02
C ASN A 185 14.82 -5.70 40.82
N GLY A 186 13.90 -6.46 40.22
CA GLY A 186 12.52 -6.05 39.94
C GLY A 186 12.35 -4.70 39.25
N ILE A 187 13.26 -4.36 38.32
CA ILE A 187 13.25 -3.05 37.64
C ILE A 187 12.19 -2.77 36.59
N ARG A 188 12.13 -3.64 35.60
CA ARG A 188 11.18 -3.51 34.53
C ARG A 188 9.87 -4.09 35.05
N PRO A 189 8.77 -3.38 34.83
CA PRO A 189 7.44 -3.78 35.27
C PRO A 189 6.88 -5.00 34.62
N LEU A 190 6.05 -5.72 35.37
CA LEU A 190 5.35 -6.93 34.92
C LEU A 190 4.28 -7.26 35.96
N VAL A 191 3.08 -7.59 35.53
CA VAL A 191 1.99 -7.89 36.45
C VAL A 191 1.27 -9.10 35.93
N LEU A 192 0.46 -9.73 36.78
CA LEU A 192 -0.28 -10.92 36.41
C LEU A 192 -1.74 -10.73 36.77
N GLY A 193 -2.60 -11.33 35.96
CA GLY A 193 -4.04 -11.24 36.18
C GLY A 193 -4.72 -12.47 35.63
N LYS A 194 -6.00 -12.63 35.90
CA LYS A 194 -6.71 -13.79 35.41
C LYS A 194 -8.14 -13.44 35.09
N ARG A 195 -8.83 -14.33 34.40
CA ARG A 195 -10.21 -14.09 34.05
C ARG A 195 -10.84 -15.47 34.06
N ASP A 196 -11.64 -15.75 35.09
CA ASP A 196 -12.31 -17.04 35.23
C ASP A 196 -13.44 -17.18 34.24
N ILE A 197 -13.60 -18.40 33.71
CA ILE A 197 -14.64 -18.72 32.74
C ILE A 197 -15.66 -19.72 33.34
N ASP A 198 -15.21 -20.61 34.22
CA ASP A 198 -16.08 -21.60 34.88
C ASP A 198 -15.44 -22.43 36.01
N GLU A 199 -16.09 -23.54 36.36
CA GLU A 199 -15.65 -24.46 37.42
C GLU A 199 -14.17 -24.80 37.52
N ASN A 200 -13.42 -24.48 36.48
CA ASN A 200 -11.98 -24.71 36.46
C ASN A 200 -11.30 -23.96 35.31
N ARG A 201 -12.03 -23.68 34.23
CA ARG A 201 -11.51 -22.92 33.07
C ARG A 201 -11.19 -21.49 33.47
N THR A 202 -9.90 -21.19 33.61
CA THR A 202 -9.43 -19.87 34.02
C THR A 202 -8.28 -19.41 33.12
N GLU A 203 -8.35 -18.18 32.61
CA GLU A 203 -7.29 -17.64 31.74
C GLU A 203 -6.33 -16.77 32.56
N TYR A 204 -5.07 -16.69 32.13
CA TYR A 204 -4.09 -15.86 32.83
C TYR A 204 -3.44 -14.93 31.82
N MET A 205 -2.82 -13.86 32.30
CA MET A 205 -2.13 -12.97 31.40
C MET A 205 -1.14 -12.16 32.16
N VAL A 206 -0.09 -11.74 31.48
CA VAL A 206 0.91 -10.89 32.11
C VAL A 206 1.05 -9.69 31.18
N ALA A 207 1.47 -8.56 31.73
CA ALA A 207 1.62 -7.34 30.95
C ALA A 207 2.57 -6.38 31.64
N SER A 208 3.19 -5.48 30.89
CA SER A 208 4.06 -4.49 31.51
C SER A 208 3.25 -3.51 32.34
N GLU A 209 1.92 -3.53 32.22
CA GLU A 209 1.05 -2.60 32.97
C GLU A 209 -0.37 -3.09 33.22
N SER A 210 -0.85 -2.85 34.44
CA SER A 210 -2.18 -3.24 34.87
C SER A 210 -3.29 -2.75 33.94
N VAL A 211 -3.01 -1.66 33.22
CA VAL A 211 -4.01 -1.10 32.28
C VAL A 211 -4.43 -2.16 31.26
N ALA A 212 -3.47 -2.96 30.81
CA ALA A 212 -3.75 -4.01 29.86
C ALA A 212 -4.70 -5.05 30.48
N LEU A 213 -4.63 -5.22 31.78
CA LEU A 213 -5.49 -6.19 32.44
C LEU A 213 -6.87 -5.56 32.53
N ASP A 214 -6.92 -4.32 33.00
CA ASP A 214 -8.18 -3.60 33.14
C ASP A 214 -8.94 -3.65 31.85
N THR A 215 -8.39 -3.03 30.83
CA THR A 215 -9.03 -2.96 29.53
C THR A 215 -9.58 -4.31 29.00
N LEU A 216 -8.93 -5.44 29.34
CA LEU A 216 -9.35 -6.78 28.90
C LEU A 216 -10.27 -7.49 29.85
N GLY A 217 -10.57 -6.81 30.96
CA GLY A 217 -11.46 -7.36 31.97
C GLY A 217 -10.84 -8.45 32.82
N PHE A 218 -9.52 -8.51 32.88
CA PHE A 218 -8.88 -9.49 33.71
C PHE A 218 -8.79 -8.90 35.09
N ASP A 219 -8.93 -9.75 36.11
CA ASP A 219 -8.81 -9.32 37.50
C ASP A 219 -7.33 -9.23 37.83
N PHE A 220 -6.90 -8.10 38.36
CA PHE A 220 -5.51 -7.94 38.75
C PHE A 220 -5.16 -8.88 39.89
N LEU A 221 -4.16 -9.74 39.72
CA LEU A 221 -3.74 -10.64 40.79
C LEU A 221 -2.61 -10.02 41.55
N ARG A 222 -1.52 -9.71 40.87
CA ARG A 222 -0.38 -9.12 41.57
C ARG A 222 0.78 -8.95 40.64
N ASP A 223 1.77 -8.16 41.06
CA ASP A 223 2.94 -7.96 40.24
C ASP A 223 3.68 -9.29 40.27
N VAL A 224 4.65 -9.46 39.38
CA VAL A 224 5.45 -10.66 39.37
C VAL A 224 6.62 -10.19 40.21
N ALA A 225 6.98 -10.98 41.21
CA ALA A 225 8.08 -10.63 42.10
C ALA A 225 9.44 -10.58 41.37
N PRO A 226 10.41 -9.80 41.91
CA PRO A 226 11.73 -9.69 41.31
C PRO A 226 12.28 -11.09 41.21
N GLY A 227 12.90 -11.41 40.08
CA GLY A 227 13.49 -12.71 39.88
C GLY A 227 12.50 -13.86 39.76
N GLU A 228 11.23 -13.60 40.03
CA GLU A 228 10.28 -14.69 39.94
C GLU A 228 10.05 -15.09 38.49
N ALA A 229 9.47 -16.28 38.29
CA ALA A 229 9.11 -16.76 36.96
C ALA A 229 7.71 -17.33 37.11
N ILE A 230 6.96 -17.35 36.00
CA ILE A 230 5.58 -17.82 35.97
C ILE A 230 5.44 -18.76 34.79
N TYR A 231 4.77 -19.89 34.98
CA TYR A 231 4.61 -20.84 33.88
C TYR A 231 3.19 -21.35 33.87
N ILE A 232 2.54 -21.07 32.75
CA ILE A 232 1.16 -21.44 32.56
C ILE A 232 1.18 -22.45 31.46
N THR A 233 0.72 -23.65 31.76
CA THR A 233 0.71 -24.67 30.75
C THR A 233 -0.43 -24.44 29.75
N GLU A 234 -0.39 -25.14 28.62
CA GLU A 234 -1.43 -25.03 27.61
C GLU A 234 -2.76 -25.52 28.17
N GLU A 235 -2.71 -26.17 29.34
CA GLU A 235 -3.93 -26.70 29.97
C GLU A 235 -4.56 -25.68 30.91
N GLY A 236 -3.77 -24.70 31.35
CA GLY A 236 -4.29 -23.68 32.25
C GLY A 236 -3.75 -23.77 33.66
N GLN A 237 -2.69 -24.54 33.84
CA GLN A 237 -2.12 -24.68 35.16
C GLN A 237 -1.03 -23.65 35.32
N LEU A 238 -1.13 -22.94 36.42
CA LEU A 238 -0.19 -21.91 36.78
C LEU A 238 0.84 -22.38 37.79
N PHE A 239 2.10 -22.11 37.51
CA PHE A 239 3.18 -22.49 38.40
C PHE A 239 3.90 -21.19 38.57
N THR A 240 4.56 -21.02 39.70
CA THR A 240 5.34 -19.81 39.93
C THR A 240 6.57 -20.26 40.68
N ARG A 241 7.72 -19.64 40.43
CA ARG A 241 8.90 -20.04 41.17
C ARG A 241 10.02 -19.04 41.11
N GLN A 242 10.53 -18.70 42.28
CA GLN A 242 11.62 -17.75 42.41
C GLN A 242 12.85 -18.29 41.70
N CYS A 243 13.40 -17.52 40.77
CA CYS A 243 14.55 -18.00 40.01
C CYS A 243 15.79 -17.10 40.11
N ALA A 244 15.84 -16.23 41.12
CA ALA A 244 16.98 -15.34 41.29
C ALA A 244 17.68 -15.61 42.62
N ASP A 245 18.99 -15.41 42.67
CA ASP A 245 19.70 -15.65 43.91
C ASP A 245 19.42 -14.61 44.99
N ASN A 246 19.40 -13.34 44.61
CA ASN A 246 19.09 -12.33 45.62
C ASN A 246 18.15 -11.28 45.10
N PRO A 247 16.83 -11.64 45.04
CA PRO A 247 15.74 -10.79 44.57
C PRO A 247 15.54 -9.58 45.45
N VAL A 248 15.35 -8.43 44.83
CA VAL A 248 15.11 -7.23 45.57
C VAL A 248 14.25 -6.32 44.68
N SER A 249 13.46 -5.45 45.33
CA SER A 249 12.62 -4.52 44.60
C SER A 249 13.30 -3.17 44.44
N ASN A 250 13.76 -2.94 43.21
CA ASN A 250 14.40 -1.69 42.83
C ASN A 250 13.70 -1.18 41.58
N PRO A 251 12.35 -1.04 41.65
CA PRO A 251 11.55 -0.57 40.53
C PRO A 251 12.05 0.76 39.97
N CYS A 252 11.90 0.93 38.65
CA CYS A 252 12.32 2.12 37.95
C CYS A 252 11.55 3.33 38.46
N LEU A 253 12.27 4.38 38.83
CA LEU A 253 11.62 5.57 39.35
C LEU A 253 10.93 6.34 38.23
N PHE A 254 11.59 6.33 37.07
CA PHE A 254 11.11 7.02 35.86
C PHE A 254 9.80 6.50 35.28
N GLU A 255 9.40 5.29 35.65
CA GLU A 255 8.14 4.76 35.21
C GLU A 255 7.11 5.60 35.90
N TYR A 256 7.38 5.90 37.15
CA TYR A 256 6.46 6.71 37.95
C TYR A 256 6.49 8.15 37.51
N VAL A 257 7.68 8.64 37.17
CA VAL A 257 7.82 10.03 36.76
C VAL A 257 7.20 10.37 35.40
N TYR A 258 7.33 9.47 34.45
CA TYR A 258 6.88 9.78 33.13
C TYR A 258 6.39 8.60 32.33
N PHE A 259 7.27 7.64 32.10
CA PHE A 259 7.01 6.45 31.29
C PHE A 259 5.72 5.67 31.34
N ALA A 260 5.18 5.49 32.54
CA ALA A 260 3.96 4.68 32.69
C ALA A 260 2.69 5.51 32.71
N ARG A 261 1.56 4.83 32.56
CA ARG A 261 0.29 5.51 32.57
C ARG A 261 -0.11 5.75 34.01
N PRO A 262 -0.82 6.86 34.24
CA PRO A 262 -1.28 7.24 35.58
C PRO A 262 -2.25 6.26 36.20
N ASP A 263 -2.94 5.50 35.36
CA ASP A 263 -3.92 4.55 35.88
C ASP A 263 -3.40 3.17 36.17
N SER A 264 -2.09 3.00 36.03
CA SER A 264 -1.42 1.74 36.32
C SER A 264 -0.87 1.67 37.80
N PHE A 265 -0.88 0.49 38.39
CA PHE A 265 -0.37 0.34 39.74
C PHE A 265 0.85 -0.54 39.65
N ILE A 266 2.00 0.09 39.65
CA ILE A 266 3.26 -0.61 39.54
C ILE A 266 3.80 -0.83 40.94
N ASP A 267 3.94 -2.10 41.32
CA ASP A 267 4.46 -2.50 42.65
C ASP A 267 3.62 -1.91 43.81
N LYS A 268 2.29 -2.01 43.68
CA LYS A 268 1.34 -1.50 44.68
C LYS A 268 1.22 0.03 44.72
N ILE A 269 1.96 0.73 43.87
CA ILE A 269 1.92 2.18 43.79
C ILE A 269 1.05 2.64 42.64
N SER A 270 0.18 3.62 42.87
CA SER A 270 -0.68 4.19 41.83
C SER A 270 0.15 5.30 41.21
N VAL A 271 0.33 5.24 39.89
CA VAL A 271 1.16 6.23 39.21
C VAL A 271 0.63 7.64 39.34
N TYR A 272 -0.69 7.77 39.24
CA TYR A 272 -1.37 9.04 39.40
C TYR A 272 -0.97 9.60 40.77
N SER A 273 -1.42 8.92 41.83
CA SER A 273 -1.10 9.34 43.18
C SER A 273 0.37 9.61 43.42
N ALA A 274 1.25 8.77 42.89
CA ALA A 274 2.67 9.01 43.10
C ALA A 274 2.97 10.40 42.52
N ARG A 275 2.42 10.63 41.33
CA ARG A 275 2.60 11.86 40.56
C ARG A 275 2.10 13.09 41.35
N VAL A 276 0.88 13.00 41.87
CA VAL A 276 0.34 14.09 42.66
C VAL A 276 1.31 14.41 43.77
N ASN A 277 1.73 13.39 44.51
CA ASN A 277 2.66 13.55 45.60
C ASN A 277 3.87 14.34 45.13
N MET A 278 4.36 14.07 43.91
CA MET A 278 5.54 14.78 43.40
C MET A 278 5.27 16.29 43.36
N GLY A 279 4.03 16.66 43.04
CA GLY A 279 3.64 18.07 43.00
C GLY A 279 3.72 18.63 44.40
N THR A 280 3.10 17.95 45.35
CA THR A 280 3.09 18.34 46.76
C THR A 280 4.50 18.71 47.19
N LYS A 281 5.38 17.74 47.09
CA LYS A 281 6.76 17.95 47.46
C LYS A 281 7.36 19.15 46.76
N LEU A 282 7.23 19.22 45.43
CA LEU A 282 7.78 20.31 44.63
C LEU A 282 7.13 21.64 44.96
N GLY A 283 5.86 21.60 45.35
CA GLY A 283 5.17 22.83 45.70
C GLY A 283 5.86 23.36 46.94
N GLU A 284 5.94 22.49 47.94
CA GLU A 284 6.57 22.80 49.20
C GLU A 284 8.01 23.25 49.01
N LYS A 285 8.73 22.64 48.08
CA LYS A 285 10.11 23.06 47.84
C LYS A 285 10.15 24.46 47.26
N ILE A 286 9.17 24.79 46.41
CA ILE A 286 9.10 26.11 45.80
C ILE A 286 8.77 27.11 46.90
N ALA A 287 7.84 26.72 47.77
CA ALA A 287 7.42 27.58 48.86
C ALA A 287 8.57 27.86 49.81
N ARG A 288 9.44 26.88 50.05
CA ARG A 288 10.57 27.10 50.95
C ARG A 288 11.57 27.95 50.23
N GLU A 289 12.26 27.33 49.31
CA GLU A 289 13.31 27.99 48.58
C GLU A 289 13.01 29.17 47.64
N TRP A 290 11.74 29.44 47.37
CA TRP A 290 11.45 30.58 46.49
C TRP A 290 10.62 31.69 47.09
N GLU A 291 9.93 31.42 48.21
CA GLU A 291 9.03 32.38 48.88
C GLU A 291 8.96 33.80 48.36
N ASP A 292 10.11 34.44 48.16
CA ASP A 292 10.14 35.80 47.64
C ASP A 292 9.94 35.95 46.12
N LEU A 293 9.25 35.00 45.50
CA LEU A 293 9.00 35.07 44.06
C LEU A 293 7.55 35.33 43.76
N ASP A 294 7.36 36.23 42.83
CA ASP A 294 6.05 36.70 42.42
C ASP A 294 5.58 36.05 41.12
N ILE A 295 4.49 35.28 41.23
CA ILE A 295 3.89 34.62 40.07
C ILE A 295 2.41 34.91 40.13
N ASP A 296 1.77 34.85 38.97
CA ASP A 296 0.34 35.09 38.87
C ASP A 296 -0.45 33.84 38.59
N VAL A 297 0.19 32.78 38.10
CA VAL A 297 -0.53 31.54 37.78
C VAL A 297 0.41 30.36 37.59
N VAL A 298 -0.09 29.15 37.81
CA VAL A 298 0.70 27.96 37.58
C VAL A 298 0.14 27.37 36.30
N ILE A 299 1.02 27.11 35.34
CA ILE A 299 0.62 26.58 34.05
C ILE A 299 1.38 25.30 33.74
N PRO A 300 0.64 24.21 33.56
CA PRO A 300 1.30 22.95 33.25
C PRO A 300 1.73 22.84 31.79
N ILE A 301 2.71 21.97 31.57
CA ILE A 301 3.18 21.61 30.24
C ILE A 301 2.69 20.16 30.06
N PRO A 302 1.55 19.97 29.32
CA PRO A 302 0.86 18.72 29.01
C PRO A 302 1.77 17.65 28.51
N GLU A 303 1.48 16.39 28.81
CA GLU A 303 0.29 16.01 29.60
C GLU A 303 0.61 15.62 31.03
N THR A 304 1.75 14.93 31.22
CA THR A 304 2.20 14.44 32.51
C THR A 304 1.96 15.39 33.68
N SER A 305 2.47 16.61 33.54
CA SER A 305 2.38 17.62 34.60
C SER A 305 1.03 18.27 34.88
N CYS A 306 -0.04 17.87 34.23
CA CYS A 306 -1.33 18.54 34.46
C CYS A 306 -1.80 18.48 35.91
N ASP A 307 -1.79 17.31 36.52
CA ASP A 307 -2.27 17.22 37.91
C ASP A 307 -1.19 17.62 38.92
N ILE A 308 0.06 17.46 38.51
CA ILE A 308 1.19 17.82 39.34
C ILE A 308 1.17 19.35 39.55
N ALA A 309 0.95 20.09 38.48
CA ALA A 309 0.89 21.54 38.56
C ALA A 309 -0.30 21.96 39.37
N LEU A 310 -1.40 21.22 39.25
CA LEU A 310 -2.63 21.52 39.99
C LEU A 310 -2.36 21.53 41.51
N GLU A 311 -1.58 20.56 41.95
CA GLU A 311 -1.19 20.40 43.33
C GLU A 311 -0.23 21.54 43.71
N ILE A 312 0.74 21.81 42.84
CA ILE A 312 1.70 22.90 43.08
C ILE A 312 0.95 24.23 43.23
N ALA A 313 -0.18 24.36 42.57
CA ALA A 313 -0.96 25.58 42.68
C ALA A 313 -1.63 25.59 44.04
N ARG A 314 -2.18 24.44 44.42
CA ARG A 314 -2.86 24.27 45.71
C ARG A 314 -1.91 24.70 46.83
N ILE A 315 -0.76 24.05 46.92
CA ILE A 315 0.27 24.34 47.90
C ILE A 315 0.68 25.83 47.89
N LEU A 316 0.90 26.40 46.71
CA LEU A 316 1.29 27.81 46.60
C LEU A 316 0.10 28.78 46.70
N GLY A 317 -1.12 28.25 46.76
CA GLY A 317 -2.29 29.10 46.82
C GLY A 317 -2.37 30.05 45.64
N LYS A 318 -1.85 29.61 44.49
CA LYS A 318 -1.87 30.41 43.28
C LYS A 318 -2.83 29.77 42.32
N PRO A 319 -3.43 30.56 41.41
CA PRO A 319 -4.39 29.98 40.44
C PRO A 319 -3.73 29.08 39.39
N TYR A 320 -4.50 28.11 38.92
CA TYR A 320 -4.04 27.16 37.92
C TYR A 320 -4.83 27.34 36.65
N ARG A 321 -4.15 27.57 35.55
CA ARG A 321 -4.83 27.78 34.29
C ARG A 321 -4.12 26.98 33.18
N GLN A 322 -4.86 26.53 32.17
CA GLN A 322 -4.26 25.76 31.05
C GLN A 322 -3.74 26.65 29.92
N GLY A 323 -2.50 27.08 30.03
CA GLY A 323 -1.92 27.96 29.04
C GLY A 323 -1.36 27.28 27.81
N PHE A 324 -1.24 25.96 27.84
CA PHE A 324 -0.73 25.23 26.70
C PHE A 324 -1.65 24.09 26.35
N VAL A 325 -1.81 23.84 25.05
CA VAL A 325 -2.64 22.76 24.58
C VAL A 325 -1.78 21.87 23.71
N LYS A 326 -1.87 20.57 23.97
CA LYS A 326 -1.08 19.63 23.23
C LYS A 326 -1.84 19.26 22.00
N ASN A 327 -1.21 19.35 20.85
CA ASN A 327 -1.88 18.97 19.63
C ASN A 327 -2.07 17.45 19.68
N ARG A 328 -3.29 17.00 19.44
CA ARG A 328 -3.65 15.61 19.47
C ARG A 328 -3.12 14.84 18.29
N TYR A 329 -2.94 15.55 17.17
CA TYR A 329 -2.44 14.98 15.91
C TYR A 329 -1.25 15.77 15.44
N VAL A 330 -0.14 15.09 15.17
CA VAL A 330 1.03 15.80 14.67
C VAL A 330 1.25 15.11 13.35
N GLY A 331 1.85 15.81 12.40
CA GLY A 331 2.07 15.20 11.12
C GLY A 331 3.52 15.24 10.73
N ARG A 332 3.81 14.74 9.55
CA ARG A 332 5.16 14.71 9.07
C ARG A 332 5.53 16.14 8.64
N THR A 333 6.81 16.47 8.71
CA THR A 333 7.31 17.78 8.23
C THR A 333 8.13 17.29 7.05
N PHE A 334 7.64 17.50 5.83
CA PHE A 334 8.34 17.03 4.64
C PHE A 334 9.57 17.82 4.26
N ILE A 335 10.41 17.20 3.45
CA ILE A 335 11.62 17.88 3.03
C ILE A 335 11.38 18.44 1.64
N MET A 336 10.99 19.72 1.61
CA MET A 336 10.68 20.48 0.39
C MET A 336 11.74 21.59 0.20
N PRO A 337 12.28 21.75 -1.05
CA PRO A 337 13.32 22.75 -1.40
C PRO A 337 13.10 24.19 -0.93
N LYS A 344 9.79 18.95 13.78
CA LYS A 344 10.00 18.62 15.18
C LYS A 344 9.75 19.85 16.08
N SER A 345 9.47 20.99 15.44
CA SER A 345 9.19 22.28 16.12
C SER A 345 8.24 22.09 17.30
N VAL A 346 8.57 22.67 18.43
CA VAL A 346 7.71 22.50 19.59
C VAL A 346 6.29 22.94 19.31
N ARG A 347 6.13 24.02 18.54
CA ARG A 347 4.77 24.54 18.23
C ARG A 347 3.96 23.57 17.38
N ARG A 348 4.64 22.55 16.86
CA ARG A 348 4.00 21.51 16.09
C ARG A 348 3.33 20.55 17.08
N LYS A 349 3.85 20.54 18.32
CA LYS A 349 3.34 19.66 19.36
C LYS A 349 2.51 20.39 20.37
N LEU A 350 2.85 21.65 20.63
CA LEU A 350 2.14 22.47 21.60
C LEU A 350 1.66 23.81 21.08
N ASN A 351 0.57 24.28 21.64
CA ASN A 351 0.10 25.60 21.27
C ASN A 351 -0.16 26.38 22.52
N ALA A 352 0.25 27.65 22.51
CA ALA A 352 0.05 28.50 23.66
C ALA A 352 -1.23 29.32 23.54
N ASN A 353 -2.04 29.28 24.60
CA ASN A 353 -3.31 30.00 24.70
C ASN A 353 -2.99 31.46 25.09
N ARG A 354 -2.63 32.28 24.12
CA ARG A 354 -2.26 33.69 24.32
C ARG A 354 -2.84 34.45 25.55
N ALA A 355 -4.14 34.34 25.74
CA ALA A 355 -4.80 35.00 26.84
C ALA A 355 -4.26 34.65 28.22
N GLU A 356 -3.82 33.41 28.40
CA GLU A 356 -3.31 32.97 29.71
C GLU A 356 -1.93 33.42 30.10
N PHE A 357 -1.21 34.05 29.18
CA PHE A 357 0.15 34.50 29.42
C PHE A 357 0.28 36.00 29.46
N ARG A 358 -0.50 36.67 28.62
CA ARG A 358 -0.47 38.12 28.49
C ARG A 358 -0.36 38.90 29.80
N ASP A 359 0.76 39.61 29.96
CA ASP A 359 1.09 40.43 31.14
C ASP A 359 1.03 39.73 32.48
N LYS A 360 1.57 38.52 32.53
CA LYS A 360 1.58 37.73 33.74
C LYS A 360 2.96 37.12 33.96
N ASN A 361 3.25 36.82 35.22
CA ASN A 361 4.49 36.16 35.60
C ASN A 361 3.97 34.75 35.78
N VAL A 362 4.62 33.80 35.10
CA VAL A 362 4.20 32.40 35.10
C VAL A 362 5.19 31.40 35.63
N LEU A 363 4.65 30.36 36.27
CA LEU A 363 5.45 29.26 36.78
C LEU A 363 5.00 28.08 35.91
N LEU A 364 5.85 27.67 34.99
CA LEU A 364 5.54 26.54 34.12
C LEU A 364 6.05 25.26 34.78
N VAL A 365 5.21 24.23 34.83
CA VAL A 365 5.59 22.97 35.44
C VAL A 365 5.74 21.86 34.41
N ASP A 366 6.93 21.29 34.29
CA ASP A 366 7.17 20.22 33.33
C ASP A 366 7.73 19.01 34.06
N ASP A 367 7.43 17.81 33.58
CA ASP A 367 7.88 16.55 34.19
C ASP A 367 9.38 16.32 34.27
N SER A 368 10.12 16.95 33.36
CA SER A 368 11.58 16.83 33.35
C SER A 368 12.19 17.65 32.23
N ILE A 369 13.52 17.68 32.21
CA ILE A 369 14.31 18.42 31.23
C ILE A 369 15.41 17.43 30.83
N VAL A 370 15.40 16.98 29.59
CA VAL A 370 16.41 16.03 29.13
C VAL A 370 17.52 16.73 28.35
N ARG A 371 17.23 17.20 27.15
CA ARG A 371 18.23 17.95 26.42
C ARG A 371 18.05 19.46 26.65
N GLY A 372 16.87 19.87 27.11
CA GLY A 372 16.63 21.28 27.37
C GLY A 372 15.98 22.09 26.26
N THR A 373 15.98 21.53 25.04
CA THR A 373 15.39 22.17 23.86
C THR A 373 13.91 22.51 24.04
N THR A 374 13.12 21.51 24.36
CA THR A 374 11.70 21.68 24.58
C THR A 374 11.46 22.88 25.51
N SER A 375 12.00 22.76 26.72
CA SER A 375 11.91 23.74 27.80
C SER A 375 12.23 25.13 27.32
N GLU A 376 13.32 25.24 26.57
CA GLU A 376 13.78 26.52 26.04
C GLU A 376 12.72 27.14 25.14
N GLN A 377 12.25 26.32 24.20
CA GLN A 377 11.27 26.74 23.24
C GLN A 377 9.91 26.98 23.87
N ILE A 378 9.58 26.20 24.89
CA ILE A 378 8.31 26.38 25.58
C ILE A 378 8.35 27.73 26.26
N ILE A 379 9.52 28.06 26.83
CA ILE A 379 9.72 29.35 27.50
C ILE A 379 9.58 30.51 26.52
N GLU A 380 10.14 30.37 25.32
CA GLU A 380 10.03 31.39 24.26
C GLU A 380 8.55 31.57 23.93
N MET A 381 7.84 30.45 23.84
CA MET A 381 6.42 30.48 23.54
C MET A 381 5.68 31.31 24.57
N ALA A 382 6.05 31.13 25.83
CA ALA A 382 5.45 31.88 26.92
C ALA A 382 5.79 33.38 26.80
N ARG A 383 7.04 33.69 26.47
CA ARG A 383 7.47 35.09 26.31
C ARG A 383 6.71 35.77 25.16
N GLU A 384 6.58 35.05 24.03
CA GLU A 384 5.88 35.58 22.87
C GLU A 384 4.40 35.76 23.11
N ALA A 385 3.86 35.05 24.09
CA ALA A 385 2.44 35.16 24.39
C ALA A 385 2.17 36.30 25.35
N GLY A 386 3.21 37.05 25.68
CA GLY A 386 3.05 38.19 26.56
C GLY A 386 3.44 37.96 28.01
N ALA A 387 4.14 36.88 28.29
CA ALA A 387 4.54 36.62 29.66
C ALA A 387 5.70 37.52 30.06
N LYS A 388 5.58 38.06 31.28
CA LYS A 388 6.58 38.93 31.85
C LYS A 388 7.75 38.06 32.31
N LYS A 389 7.61 37.39 33.45
CA LYS A 389 8.65 36.50 33.93
C LYS A 389 8.15 35.08 33.77
N VAL A 390 9.05 34.19 33.43
CA VAL A 390 8.72 32.80 33.22
C VAL A 390 9.64 31.93 34.06
N TYR A 391 9.03 31.18 34.98
CA TYR A 391 9.75 30.30 35.88
C TYR A 391 9.43 28.87 35.52
N LEU A 392 10.45 28.01 35.51
CA LEU A 392 10.25 26.60 35.22
C LEU A 392 10.55 25.66 36.39
N ALA A 393 9.59 24.76 36.67
CA ALA A 393 9.68 23.77 37.73
C ALA A 393 9.70 22.39 37.09
N SER A 394 10.65 21.54 37.50
CA SER A 394 10.79 20.19 36.98
C SER A 394 10.40 19.18 38.05
N ALA A 395 9.37 18.40 37.75
CA ALA A 395 8.86 17.37 38.67
C ALA A 395 9.92 16.31 38.96
N ALA A 396 10.91 16.22 38.10
CA ALA A 396 11.97 15.26 38.26
C ALA A 396 13.30 15.94 38.53
N PRO A 397 14.18 15.29 39.30
CA PRO A 397 15.49 15.86 39.60
C PRO A 397 16.25 15.99 38.28
N GLU A 398 17.44 16.59 38.32
CA GLU A 398 18.27 16.74 37.12
C GLU A 398 18.68 15.36 36.57
N ILE A 399 18.55 15.17 35.26
CA ILE A 399 18.91 13.90 34.63
C ILE A 399 20.33 14.07 34.07
N ARG A 400 21.31 13.39 34.69
CA ARG A 400 22.73 13.51 34.33
C ARG A 400 23.43 12.24 33.91
N PHE A 401 22.72 11.13 33.94
CA PHE A 401 23.34 9.89 33.57
C PHE A 401 22.52 9.07 32.59
N PRO A 402 23.18 8.12 31.93
CA PRO A 402 22.51 7.27 30.95
C PRO A 402 21.83 6.03 31.56
N ASN A 403 20.58 5.79 31.20
CA ASN A 403 19.90 4.60 31.71
C ASN A 403 20.24 3.39 30.84
N VAL A 404 20.96 2.45 31.43
CA VAL A 404 21.36 1.23 30.76
C VAL A 404 20.45 0.06 31.15
N TYR A 405 19.20 0.38 31.47
CA TYR A 405 18.22 -0.65 31.87
C TYR A 405 16.91 -0.71 31.10
N GLY A 406 16.80 0.05 30.01
CA GLY A 406 15.55 0.00 29.25
C GLY A 406 14.79 1.30 28.98
N ILE A 407 15.40 2.43 29.31
CA ILE A 407 14.76 3.71 29.02
C ILE A 407 15.67 4.37 28.01
N ASP A 408 15.16 4.62 26.81
CA ASP A 408 16.03 5.24 25.83
C ASP A 408 16.23 6.69 26.18
N MET A 409 17.47 7.00 26.54
CA MET A 409 17.84 8.33 26.92
C MET A 409 18.85 8.73 25.89
N PRO A 410 18.84 10.01 25.48
CA PRO A 410 19.82 10.45 24.48
C PRO A 410 21.21 10.42 25.13
N SER A 411 22.26 10.27 24.33
CA SER A 411 23.63 10.21 24.85
C SER A 411 23.89 11.26 25.94
N ALA A 412 24.74 10.91 26.91
CA ALA A 412 25.04 11.81 28.02
C ALA A 412 25.53 13.23 27.64
N THR A 413 26.05 13.40 26.42
CA THR A 413 26.51 14.71 25.95
C THR A 413 25.33 15.62 25.67
N GLU A 414 24.23 14.98 25.28
CA GLU A 414 22.98 15.66 24.93
C GLU A 414 22.22 16.10 26.17
N LEU A 415 22.50 15.46 27.30
CA LEU A 415 21.83 15.84 28.54
C LEU A 415 22.32 17.24 28.92
N ILE A 416 21.40 18.17 29.03
CA ILE A 416 21.76 19.52 29.36
C ILE A 416 22.25 19.60 30.80
N ALA A 417 21.73 18.72 31.65
CA ALA A 417 22.10 18.68 33.05
C ALA A 417 23.50 18.10 33.26
N HIS A 418 23.98 17.36 32.26
CA HIS A 418 25.30 16.76 32.37
C HIS A 418 26.43 17.79 32.48
N GLY A 419 27.01 17.86 33.69
CA GLY A 419 28.11 18.77 33.94
C GLY A 419 27.74 20.24 34.01
N ARG A 420 26.51 20.52 34.40
CA ARG A 420 26.08 21.88 34.48
C ARG A 420 25.33 22.14 35.76
N GLU A 421 25.52 23.35 36.28
CA GLU A 421 24.86 23.78 37.50
C GLU A 421 23.46 24.28 37.14
N VAL A 422 22.54 24.23 38.11
CA VAL A 422 21.16 24.66 37.88
C VAL A 422 21.08 26.00 37.20
N ASP A 423 21.90 26.92 37.66
CA ASP A 423 21.88 28.24 37.06
C ASP A 423 22.40 28.31 35.64
N GLU A 424 23.30 27.42 35.28
CA GLU A 424 23.84 27.43 33.93
C GLU A 424 22.73 26.91 33.00
N ILE A 425 21.95 25.94 33.48
CA ILE A 425 20.85 25.39 32.70
C ILE A 425 19.79 26.46 32.54
N ARG A 426 19.43 27.09 33.66
CA ARG A 426 18.43 28.16 33.66
C ARG A 426 18.76 29.17 32.56
N GLN A 427 20.03 29.56 32.51
CA GLN A 427 20.52 30.50 31.53
C GLN A 427 20.37 29.97 30.14
N ILE A 428 20.83 28.74 29.94
CA ILE A 428 20.76 28.13 28.61
C ILE A 428 19.32 28.02 28.13
N ILE A 429 18.40 27.67 29.02
CA ILE A 429 17.02 27.57 28.58
C ILE A 429 16.30 28.92 28.60
N GLY A 430 16.98 29.96 29.06
CA GLY A 430 16.36 31.28 29.10
C GLY A 430 15.25 31.43 30.12
N ALA A 431 15.30 30.66 31.19
CA ALA A 431 14.26 30.75 32.20
C ALA A 431 14.62 31.86 33.19
N ASP A 432 13.61 32.55 33.74
CA ASP A 432 13.91 33.58 34.71
C ASP A 432 14.28 32.91 36.01
N GLY A 433 13.79 31.69 36.17
CA GLY A 433 14.09 30.93 37.37
C GLY A 433 13.91 29.46 37.04
N LEU A 434 14.72 28.61 37.65
CA LEU A 434 14.62 27.18 37.41
C LEU A 434 14.78 26.44 38.72
N ILE A 435 13.95 25.41 38.94
CA ILE A 435 14.01 24.63 40.15
C ILE A 435 13.65 23.18 39.87
N PHE A 436 14.46 22.25 40.38
CA PHE A 436 14.23 20.81 40.22
C PHE A 436 13.74 20.17 41.50
N GLN A 437 13.13 18.98 41.37
CA GLN A 437 12.64 18.21 42.51
C GLN A 437 13.89 17.58 43.16
N ASP A 438 13.80 17.27 44.45
CA ASP A 438 14.91 16.66 45.17
C ASP A 438 14.73 15.16 44.96
N LEU A 439 15.82 14.46 44.69
CA LEU A 439 15.67 13.04 44.45
C LEU A 439 15.03 12.41 45.68
N ASN A 440 15.48 12.83 46.84
CA ASN A 440 14.97 12.32 48.11
C ASN A 440 13.48 12.59 48.26
N ASP A 441 13.07 13.78 47.86
CA ASP A 441 11.66 14.13 47.93
C ASP A 441 10.85 13.28 46.95
N LEU A 442 11.36 13.08 45.75
CA LEU A 442 10.63 12.26 44.78
C LEU A 442 10.54 10.82 45.27
N ILE A 443 11.63 10.31 45.83
CA ILE A 443 11.64 8.95 46.35
C ILE A 443 10.58 8.83 47.44
N ASP A 444 10.52 9.81 48.34
CA ASP A 444 9.54 9.74 49.40
C ASP A 444 8.15 9.82 48.80
N ALA A 445 8.01 10.66 47.77
CA ALA A 445 6.75 10.91 47.08
C ALA A 445 6.12 9.65 46.53
N VAL A 446 6.95 8.85 45.90
CA VAL A 446 6.50 7.59 45.32
C VAL A 446 6.37 6.56 46.43
N ARG A 447 7.40 6.47 47.28
CA ARG A 447 7.48 5.53 48.41
C ARG A 447 6.27 5.62 49.33
N ALA A 448 5.80 6.83 49.53
CA ALA A 448 4.65 7.05 50.38
C ALA A 448 3.48 6.20 49.96
N GLU A 449 3.53 5.66 48.76
CA GLU A 449 2.43 4.86 48.26
C GLU A 449 2.50 3.38 48.57
N ASN A 450 3.68 2.91 48.94
CA ASN A 450 3.89 1.52 49.30
C ASN A 450 5.26 1.43 49.94
N PRO A 451 5.31 1.72 51.23
CA PRO A 451 6.53 1.68 52.01
C PRO A 451 7.36 0.41 51.94
N ASP A 452 6.82 -0.69 51.43
CA ASP A 452 7.66 -1.88 51.35
C ASP A 452 8.84 -1.62 50.39
N ILE A 453 8.73 -0.64 49.51
CA ILE A 453 9.84 -0.37 48.59
C ILE A 453 10.86 0.52 49.29
N GLN A 454 12.05 -0.01 49.55
CA GLN A 454 13.07 0.79 50.20
C GLN A 454 13.97 1.46 49.21
N GLN A 455 14.10 0.90 48.02
CA GLN A 455 15.03 1.46 47.06
C GLN A 455 14.54 1.39 45.62
N PHE A 456 14.74 2.47 44.87
CA PHE A 456 14.32 2.50 43.47
C PHE A 456 15.52 2.48 42.58
N GLU A 457 15.28 2.33 41.30
CA GLU A 457 16.33 2.37 40.31
C GLU A 457 16.32 3.86 39.90
N CYS A 458 17.45 4.56 40.09
CA CYS A 458 17.53 6.01 39.78
C CYS A 458 18.79 6.41 39.01
N SER A 459 19.48 5.45 38.43
CA SER A 459 20.71 5.74 37.68
C SER A 459 20.69 7.06 36.85
N VAL A 460 19.58 7.37 36.17
CA VAL A 460 19.49 8.62 35.39
C VAL A 460 19.83 9.84 36.25
N PHE A 461 19.34 9.86 37.50
CA PHE A 461 19.62 10.98 38.41
C PHE A 461 20.88 10.85 39.28
N ASN A 462 21.01 9.75 40.02
CA ASN A 462 22.15 9.60 40.94
C ASN A 462 23.38 8.86 40.46
N GLY A 463 23.33 8.32 39.26
CA GLY A 463 24.47 7.62 38.73
C GLY A 463 24.74 6.34 39.48
N VAL A 464 23.87 5.95 40.39
CA VAL A 464 24.09 4.73 41.11
C VAL A 464 23.41 3.57 40.42
N TYR A 465 24.25 2.76 39.79
CA TYR A 465 23.79 1.60 39.07
C TYR A 465 23.61 0.41 39.98
N VAL A 466 22.35 0.16 40.29
CA VAL A 466 21.91 -0.94 41.15
C VAL A 466 22.46 -2.31 40.80
N THR A 467 22.80 -2.57 39.53
CA THR A 467 23.35 -3.90 39.21
C THR A 467 24.85 -4.00 39.38
N LYS A 468 25.27 -5.24 39.60
CA LYS A 468 26.67 -5.58 39.81
C LYS A 468 27.73 -5.05 38.80
N ASP A 469 27.69 -5.62 37.59
CA ASP A 469 28.64 -5.33 36.52
C ASP A 469 28.88 -3.93 35.97
N VAL A 470 28.09 -2.95 36.38
CA VAL A 470 28.27 -1.59 35.86
C VAL A 470 29.45 -0.87 36.51
N ASP A 471 29.54 -0.95 37.83
CA ASP A 471 30.64 -0.30 38.55
C ASP A 471 31.98 -1.04 38.43
N GLN A 472 31.96 -2.37 38.51
CA GLN A 472 33.17 -3.18 38.39
C GLN A 472 33.88 -2.84 37.09
N GLY A 473 33.08 -2.63 36.04
CA GLY A 473 33.59 -2.28 34.72
C GLY A 473 34.10 -0.85 34.60
N TYR A 474 33.72 0.00 35.55
CA TYR A 474 34.15 1.39 35.62
C TYR A 474 35.61 1.31 36.04
N LEU A 475 35.85 0.48 37.05
CA LEU A 475 37.18 0.23 37.60
C LEU A 475 38.10 -0.45 36.57
N ASP A 476 37.54 -1.32 35.73
CA ASP A 476 38.32 -1.98 34.70
C ASP A 476 38.78 -0.96 33.67
N PHE A 477 37.98 0.09 33.51
CA PHE A 477 38.26 1.17 32.56
C PHE A 477 39.43 2.03 33.03
N LEU A 478 39.30 2.56 34.23
CA LEU A 478 40.37 3.39 34.78
C LEU A 478 41.72 2.66 34.83
N ASP A 479 41.68 1.32 34.79
CA ASP A 479 42.90 0.50 34.83
C ASP A 479 43.60 0.40 33.45
N THR A 480 43.39 1.41 32.60
CA THR A 480 44.02 1.45 31.28
C THR A 480 44.65 2.82 31.00
N LEU A 481 43.90 3.90 31.24
CA LEU A 481 44.38 5.25 31.00
C LEU A 481 45.68 5.57 31.77
N CYS B 1 -16.61 19.84 9.98
CA CYS B 1 -15.60 20.20 8.95
C CYS B 1 -14.75 21.40 9.37
N GLY B 2 -13.57 21.53 8.76
CA GLY B 2 -12.65 22.63 9.06
C GLY B 2 -12.05 23.10 7.73
N ILE B 3 -11.77 24.39 7.61
CA ILE B 3 -11.22 24.93 6.38
C ILE B 3 -10.11 25.94 6.69
N VAL B 4 -9.18 26.09 5.74
CA VAL B 4 -8.03 26.98 5.85
C VAL B 4 -7.72 27.47 4.44
N GLY B 5 -7.10 28.63 4.33
CA GLY B 5 -6.74 29.12 3.02
C GLY B 5 -5.64 30.14 3.22
N ILE B 6 -4.55 29.99 2.48
CA ILE B 6 -3.44 30.90 2.62
C ILE B 6 -3.17 31.54 1.31
N ALA B 7 -2.91 32.84 1.38
CA ALA B 7 -2.59 33.67 0.24
C ALA B 7 -1.18 34.11 0.59
N GLY B 8 -0.21 33.27 0.28
CA GLY B 8 1.15 33.56 0.63
C GLY B 8 1.98 34.11 -0.46
N VAL B 9 3.24 34.34 -0.12
CA VAL B 9 4.24 34.82 -1.03
C VAL B 9 5.34 33.77 -1.10
N MET B 10 5.02 32.53 -0.76
CA MET B 10 5.97 31.43 -0.78
C MET B 10 5.18 30.15 -0.59
N PRO B 11 5.79 28.99 -0.90
CA PRO B 11 5.09 27.70 -0.78
C PRO B 11 4.20 27.58 0.43
N VAL B 12 2.98 27.12 0.20
CA VAL B 12 2.00 26.99 1.27
C VAL B 12 1.62 25.56 1.52
N ASN B 13 2.20 24.62 0.79
CA ASN B 13 1.80 23.23 0.97
C ASN B 13 1.98 22.74 2.36
N GLN B 14 3.15 22.98 2.92
CA GLN B 14 3.39 22.51 4.28
C GLN B 14 2.52 23.26 5.27
N SER B 15 2.38 24.58 5.07
CA SER B 15 1.59 25.36 5.99
C SER B 15 0.14 24.92 6.08
N ILE B 16 -0.43 24.52 4.95
CA ILE B 16 -1.84 24.09 4.96
C ILE B 16 -1.96 22.74 5.69
N TYR B 17 -1.06 21.81 5.38
CA TYR B 17 -1.04 20.52 6.05
C TYR B 17 -0.94 20.79 7.58
N ASP B 18 0.00 21.65 7.95
CA ASP B 18 0.17 21.95 9.33
C ASP B 18 -1.08 22.61 9.88
N ALA B 19 -1.72 23.49 9.14
CA ALA B 19 -2.93 24.11 9.67
C ALA B 19 -4.06 23.09 9.73
N LEU B 20 -4.11 22.17 8.78
CA LEU B 20 -5.17 21.18 8.82
C LEU B 20 -4.91 20.22 9.99
N THR B 21 -3.66 19.93 10.35
CA THR B 21 -3.46 18.99 11.47
C THR B 21 -3.97 19.52 12.81
N VAL B 22 -3.89 20.83 13.04
CA VAL B 22 -4.42 21.41 14.28
C VAL B 22 -5.93 21.66 14.17
N LEU B 23 -6.50 21.37 13.00
CA LEU B 23 -7.93 21.53 12.76
C LEU B 23 -8.54 20.16 12.54
N GLN B 24 -7.72 19.11 12.67
CA GLN B 24 -8.14 17.71 12.47
C GLN B 24 -9.27 17.25 13.37
N HIS B 25 -9.44 17.90 14.51
CA HIS B 25 -10.51 17.53 15.45
C HIS B 25 -11.88 17.77 14.84
N ARG B 26 -11.94 18.68 13.85
CA ARG B 26 -13.17 19.04 13.13
C ARG B 26 -13.61 18.02 12.07
N GLY B 27 -12.75 17.06 11.79
CA GLY B 27 -13.13 16.06 10.81
C GLY B 27 -11.96 15.19 10.43
N GLN B 28 -12.20 13.88 10.43
CA GLN B 28 -11.15 12.94 10.09
C GLN B 28 -11.60 11.96 9.04
N ASP B 29 -12.78 12.14 8.48
CA ASP B 29 -13.26 11.21 7.48
C ASP B 29 -12.49 11.38 6.18
N ALA B 30 -12.09 12.61 5.89
CA ALA B 30 -11.36 12.89 4.65
C ALA B 30 -10.67 14.22 4.74
N ALA B 31 -9.70 14.42 3.84
CA ALA B 31 -8.90 15.64 3.77
C ALA B 31 -8.52 15.96 2.33
N GLY B 32 -8.32 17.25 2.08
CA GLY B 32 -7.94 17.67 0.76
C GLY B 32 -7.23 19.00 0.80
N ILE B 33 -6.30 19.18 -0.14
CA ILE B 33 -5.51 20.39 -0.29
C ILE B 33 -5.42 20.63 -1.79
N ILE B 34 -5.46 21.89 -2.19
CA ILE B 34 -5.41 22.31 -3.58
C ILE B 34 -4.73 23.65 -3.63
N THR B 35 -3.75 23.77 -4.51
CA THR B 35 -2.98 24.99 -4.69
C THR B 35 -3.04 25.43 -6.16
N ILE B 36 -2.40 26.53 -6.48
CA ILE B 36 -2.35 27.06 -7.83
C ILE B 36 -0.88 27.30 -8.08
N ASP B 37 -0.31 26.54 -9.02
CA ASP B 37 1.12 26.66 -9.37
C ASP B 37 1.41 27.88 -10.22
N ALA B 38 2.69 28.10 -10.51
CA ALA B 38 3.09 29.25 -11.32
C ALA B 38 2.44 29.33 -12.70
N ASN B 39 1.76 28.26 -13.11
CA ASN B 39 1.11 28.25 -14.42
C ASN B 39 -0.35 28.47 -14.33
N ASN B 40 -0.79 28.92 -13.16
CA ASN B 40 -2.20 29.17 -12.97
C ASN B 40 -3.03 27.93 -13.20
N CYS B 41 -2.52 26.83 -12.66
CA CYS B 41 -3.19 25.56 -12.74
C CYS B 41 -3.36 25.06 -11.34
N PHE B 42 -4.47 24.38 -11.10
CA PHE B 42 -4.75 23.85 -9.81
C PHE B 42 -4.00 22.54 -9.60
N ARG B 43 -3.45 22.31 -8.42
CA ARG B 43 -2.83 21.04 -8.04
C ARG B 43 -3.71 20.65 -6.85
N LEU B 44 -4.16 19.41 -6.81
CA LEU B 44 -5.05 18.90 -5.78
C LEU B 44 -4.75 17.46 -5.25
N ARG B 45 -4.89 17.27 -3.94
CA ARG B 45 -4.75 15.97 -3.30
C ARG B 45 -5.91 15.89 -2.34
N LYS B 46 -6.74 14.85 -2.47
CA LYS B 46 -7.86 14.64 -1.56
C LYS B 46 -8.23 13.13 -1.57
N ALA B 47 -8.51 12.60 -0.38
CA ALA B 47 -8.88 11.22 -0.20
C ALA B 47 -9.46 11.08 1.19
N ASN B 48 -10.06 9.93 1.46
CA ASN B 48 -10.59 9.72 2.80
C ASN B 48 -9.43 9.51 3.71
N GLY B 49 -9.60 9.81 4.98
CA GLY B 49 -8.53 9.60 5.94
C GLY B 49 -8.01 10.78 6.73
N LEU B 50 -7.08 10.51 7.62
CA LEU B 50 -6.52 11.57 8.41
C LEU B 50 -5.62 12.39 7.49
N VAL B 51 -5.30 13.60 7.95
CA VAL B 51 -4.45 14.49 7.19
C VAL B 51 -3.14 13.77 6.96
N SER B 52 -2.56 13.25 8.03
CA SER B 52 -1.29 12.51 7.97
C SER B 52 -1.33 11.29 7.08
N ASP B 53 -2.50 10.68 6.88
CA ASP B 53 -2.58 9.53 5.98
C ASP B 53 -2.84 10.02 4.58
N VAL B 54 -3.56 11.13 4.42
CA VAL B 54 -3.86 11.55 3.08
C VAL B 54 -2.69 12.09 2.28
N PHE B 55 -1.91 12.99 2.86
CA PHE B 55 -0.77 13.59 2.17
C PHE B 55 0.60 12.98 2.41
N GLU B 56 1.09 12.24 1.41
CA GLU B 56 2.42 11.65 1.48
C GLU B 56 3.37 12.56 0.70
N ALA B 57 4.66 12.34 0.83
CA ALA B 57 5.64 13.19 0.16
C ALA B 57 5.43 13.36 -1.35
N ARG B 58 5.03 12.32 -2.04
CA ARG B 58 4.83 12.49 -3.46
C ARG B 58 3.75 13.52 -3.73
N HIS B 59 2.67 13.43 -2.95
CA HIS B 59 1.56 14.35 -3.03
C HIS B 59 2.04 15.79 -2.71
N MET B 60 2.66 15.99 -1.56
CA MET B 60 3.13 17.34 -1.22
C MET B 60 4.01 17.92 -2.31
N GLN B 61 4.85 17.06 -2.84
CA GLN B 61 5.78 17.44 -3.85
C GLN B 61 5.01 18.09 -4.96
N ARG B 62 3.89 17.48 -5.29
CA ARG B 62 3.07 17.94 -6.38
C ARG B 62 2.27 19.21 -6.05
N LEU B 63 1.97 19.45 -4.77
CA LEU B 63 1.19 20.62 -4.43
C LEU B 63 2.05 21.89 -4.43
N GLN B 64 2.41 22.34 -5.62
CA GLN B 64 3.23 23.54 -5.79
C GLN B 64 2.40 24.81 -5.86
N GLY B 65 2.93 25.91 -5.35
CA GLY B 65 2.19 27.16 -5.35
C GLY B 65 2.24 27.96 -4.05
N ASN B 66 1.93 29.27 -4.16
CA ASN B 66 1.95 30.21 -3.04
C ASN B 66 0.57 30.61 -2.52
N MET B 67 -0.46 29.94 -3.02
CA MET B 67 -1.83 30.22 -2.60
C MET B 67 -2.52 28.88 -2.64
N GLY B 68 -3.36 28.60 -1.64
CA GLY B 68 -4.05 27.32 -1.58
C GLY B 68 -5.05 27.19 -0.45
N ILE B 69 -5.93 26.19 -0.52
CA ILE B 69 -6.93 25.98 0.51
C ILE B 69 -6.89 24.52 0.91
N GLY B 70 -7.45 24.21 2.08
CA GLY B 70 -7.50 22.86 2.58
C GLY B 70 -8.79 22.60 3.32
N HIS B 71 -9.13 21.33 3.48
CA HIS B 71 -10.37 20.95 4.11
C HIS B 71 -10.32 19.58 4.76
N VAL B 72 -10.77 19.49 6.01
CA VAL B 72 -10.88 18.20 6.73
C VAL B 72 -12.41 18.01 6.88
N ARG B 73 -12.90 16.83 6.53
CA ARG B 73 -14.32 16.51 6.54
C ARG B 73 -14.74 15.58 7.65
N TYR B 74 -15.73 16.04 8.39
CA TYR B 74 -16.33 15.31 9.48
C TYR B 74 -17.25 14.36 8.73
N PRO B 75 -17.20 13.06 9.06
CA PRO B 75 -18.04 12.09 8.36
C PRO B 75 -19.51 12.43 8.47
N THR B 76 -19.96 13.37 7.64
CA THR B 76 -21.36 13.75 7.66
C THR B 76 -22.13 12.56 7.06
N ALA B 77 -22.76 11.79 7.95
CA ALA B 77 -23.55 10.63 7.53
C ALA B 77 -24.60 11.15 6.56
N GLY B 78 -24.99 10.31 5.61
CA GLY B 78 -25.94 10.75 4.60
C GLY B 78 -25.11 11.07 3.37
N SER B 79 -24.14 11.99 3.52
CA SER B 79 -23.23 12.37 2.41
C SER B 79 -22.09 11.33 2.26
N SER B 80 -22.52 10.07 2.20
CA SER B 80 -21.73 8.87 2.00
C SER B 80 -20.54 8.51 2.90
N SER B 81 -19.79 9.50 3.40
CA SER B 81 -18.62 9.21 4.23
C SER B 81 -17.61 8.37 3.43
N ALA B 82 -17.96 8.12 2.17
CA ALA B 82 -17.17 7.36 1.22
C ALA B 82 -17.41 8.09 -0.11
N SER B 83 -18.06 9.26 0.02
CA SER B 83 -18.37 10.14 -1.09
C SER B 83 -17.14 10.98 -1.42
N GLU B 84 -17.22 11.69 -2.54
CA GLU B 84 -16.13 12.55 -2.98
C GLU B 84 -15.88 13.59 -1.87
N ALA B 85 -14.61 13.84 -1.59
CA ALA B 85 -14.25 14.79 -0.56
C ALA B 85 -14.07 16.20 -1.14
N GLN B 86 -13.84 17.19 -0.26
CA GLN B 86 -13.62 18.58 -0.68
C GLN B 86 -12.11 18.79 -0.65
N PRO B 87 -11.60 19.89 -1.18
CA PRO B 87 -12.29 21.02 -1.83
C PRO B 87 -12.82 20.62 -3.20
N PHE B 88 -13.85 21.33 -3.66
CA PHE B 88 -14.44 21.02 -4.95
C PHE B 88 -13.90 21.96 -5.97
N TYR B 89 -14.03 21.61 -7.25
CA TYR B 89 -13.52 22.43 -8.33
C TYR B 89 -14.45 22.44 -9.58
N VAL B 90 -14.37 23.50 -10.39
CA VAL B 90 -15.14 23.66 -11.66
C VAL B 90 -14.25 24.45 -12.58
N ASN B 91 -14.16 24.03 -13.84
CA ASN B 91 -13.27 24.67 -14.86
C ASN B 91 -13.74 25.98 -15.43
N SER B 92 -14.97 26.33 -15.12
CA SER B 92 -15.49 27.55 -15.63
C SER B 92 -16.59 28.09 -14.72
N PRO B 93 -16.70 29.43 -14.67
CA PRO B 93 -15.80 30.29 -15.46
C PRO B 93 -14.47 30.46 -14.74
N TYR B 94 -13.43 30.75 -15.49
CA TYR B 94 -12.08 31.01 -14.93
C TYR B 94 -11.30 29.83 -14.35
N GLY B 95 -11.95 29.10 -13.44
CA GLY B 95 -11.36 27.97 -12.74
C GLY B 95 -11.63 28.30 -11.29
N ILE B 96 -12.50 27.52 -10.67
CA ILE B 96 -12.90 27.81 -9.32
C ILE B 96 -12.87 26.61 -8.40
N THR B 97 -12.41 26.82 -7.17
CA THR B 97 -12.40 25.76 -6.18
C THR B 97 -12.91 26.37 -4.91
N LEU B 98 -13.61 25.56 -4.13
CA LEU B 98 -14.20 26.02 -2.89
C LEU B 98 -14.28 24.94 -1.81
N ALA B 99 -13.94 25.33 -0.59
CA ALA B 99 -14.00 24.42 0.57
C ALA B 99 -15.03 25.04 1.50
N HIS B 100 -15.85 24.22 2.13
CA HIS B 100 -16.85 24.82 2.94
C HIS B 100 -17.24 24.04 4.17
N ASN B 101 -17.58 24.78 5.23
CA ASN B 101 -18.05 24.22 6.51
C ASN B 101 -19.43 24.82 6.77
N GLY B 102 -20.44 23.97 6.80
CA GLY B 102 -21.80 24.45 7.03
C GLY B 102 -22.80 23.52 6.38
N ASN B 103 -23.96 24.05 5.99
CA ASN B 103 -25.00 23.24 5.36
C ASN B 103 -26.08 24.14 4.80
N LEU B 104 -26.51 23.87 3.57
CA LEU B 104 -27.58 24.66 2.98
C LEU B 104 -28.92 23.99 3.22
N THR B 105 -29.84 24.76 3.73
CA THR B 105 -31.18 24.29 4.03
C THR B 105 -32.14 24.31 2.81
N ASN B 106 -31.67 24.82 1.68
CA ASN B 106 -32.50 24.80 0.48
C ASN B 106 -31.66 24.18 -0.60
N ALA B 107 -30.90 23.15 -0.23
CA ALA B 107 -30.04 22.48 -1.19
C ALA B 107 -30.82 21.90 -2.35
N HIS B 108 -31.93 21.22 -2.05
CA HIS B 108 -32.74 20.60 -3.11
C HIS B 108 -33.20 21.61 -4.15
N GLU B 109 -33.81 22.69 -3.68
CA GLU B 109 -34.29 23.75 -4.55
C GLU B 109 -33.14 24.26 -5.41
N LEU B 110 -31.95 24.36 -4.83
CA LEU B 110 -30.78 24.85 -5.54
C LEU B 110 -30.27 23.99 -6.70
N ARG B 111 -30.20 22.68 -6.51
CA ARG B 111 -29.70 21.83 -7.58
C ARG B 111 -30.70 21.74 -8.72
N LYS B 112 -31.95 21.99 -8.41
CA LYS B 112 -33.00 21.95 -9.40
C LYS B 112 -32.86 23.19 -10.28
N LYS B 113 -32.70 24.35 -9.66
CA LYS B 113 -32.52 25.60 -10.39
C LYS B 113 -31.24 25.56 -11.24
N LEU B 114 -30.16 25.03 -10.67
CA LEU B 114 -28.89 24.92 -11.38
C LEU B 114 -29.08 24.05 -12.62
N PHE B 115 -29.79 22.94 -12.49
CA PHE B 115 -30.04 22.11 -13.64
C PHE B 115 -30.90 22.84 -14.72
N GLU B 116 -32.01 23.42 -14.29
CA GLU B 116 -32.88 24.11 -15.22
C GLU B 116 -32.31 25.36 -15.86
N GLU B 117 -31.84 26.25 -15.02
CA GLU B 117 -31.32 27.45 -15.54
C GLU B 117 -29.98 27.35 -16.18
N LYS B 118 -29.01 26.77 -15.51
CA LYS B 118 -27.66 26.73 -16.07
C LYS B 118 -27.16 25.43 -16.68
N ARG B 119 -27.89 24.33 -16.49
CA ARG B 119 -27.45 23.04 -17.03
C ARG B 119 -26.20 22.53 -16.29
N ARG B 120 -26.06 22.95 -15.04
CA ARG B 120 -24.92 22.56 -14.25
C ARG B 120 -25.23 21.28 -13.52
N HIS B 121 -24.44 20.27 -13.86
CA HIS B 121 -24.57 18.97 -13.23
C HIS B 121 -23.86 18.95 -11.88
N ILE B 122 -24.49 18.34 -10.87
CA ILE B 122 -23.97 18.23 -9.51
C ILE B 122 -23.79 16.73 -9.34
N ASN B 123 -22.54 16.27 -9.22
CA ASN B 123 -22.31 14.83 -9.12
C ASN B 123 -22.50 14.18 -7.73
N THR B 124 -22.31 14.96 -6.66
CA THR B 124 -22.42 14.43 -5.32
C THR B 124 -23.67 14.88 -4.58
N THR B 125 -23.75 14.48 -3.32
CA THR B 125 -24.85 14.81 -2.40
C THR B 125 -24.41 15.97 -1.49
N SER B 126 -23.15 16.37 -1.62
CA SER B 126 -22.61 17.46 -0.83
C SER B 126 -23.23 18.76 -1.24
N ASP B 127 -23.80 19.49 -0.31
CA ASP B 127 -24.35 20.78 -0.67
C ASP B 127 -23.23 21.80 -0.88
N SER B 128 -21.98 21.37 -0.84
CA SER B 128 -20.85 22.28 -1.09
C SER B 128 -20.60 22.32 -2.58
N GLU B 129 -20.88 21.24 -3.26
CA GLU B 129 -20.68 21.25 -4.70
C GLU B 129 -21.73 22.19 -5.22
N ILE B 130 -22.86 22.24 -4.51
CA ILE B 130 -23.96 23.12 -4.86
C ILE B 130 -23.50 24.55 -4.66
N LEU B 131 -23.03 24.88 -3.46
CA LEU B 131 -22.53 26.21 -3.20
C LEU B 131 -21.52 26.60 -4.28
N LEU B 132 -20.50 25.78 -4.49
CA LEU B 132 -19.50 26.12 -5.51
C LEU B 132 -20.15 26.46 -6.83
N ASN B 133 -21.18 25.73 -7.20
CA ASN B 133 -21.85 25.99 -8.47
C ASN B 133 -22.66 27.26 -8.51
N ILE B 134 -23.34 27.58 -7.42
CA ILE B 134 -24.13 28.80 -7.39
C ILE B 134 -23.14 29.92 -7.56
N PHE B 135 -22.05 29.84 -6.82
CA PHE B 135 -21.06 30.89 -6.88
C PHE B 135 -20.44 30.99 -8.27
N ALA B 136 -20.23 29.84 -8.89
CA ALA B 136 -19.63 29.86 -10.21
C ALA B 136 -20.58 30.50 -11.24
N SER B 137 -21.86 30.16 -11.19
CA SER B 137 -22.81 30.71 -12.13
C SER B 137 -22.94 32.22 -11.99
N GLU B 138 -22.83 32.73 -10.77
CA GLU B 138 -22.92 34.16 -10.61
C GLU B 138 -21.73 34.85 -11.26
N LEU B 139 -20.54 34.25 -11.17
CA LEU B 139 -19.34 34.83 -11.77
C LEU B 139 -19.39 34.69 -13.31
N ASP B 140 -20.23 33.79 -13.78
CA ASP B 140 -20.38 33.56 -15.21
C ASP B 140 -21.02 34.78 -15.86
N ASN B 141 -21.71 35.57 -15.06
CA ASN B 141 -22.38 36.76 -15.53
C ASN B 141 -21.46 37.92 -16.02
N PHE B 142 -20.21 37.94 -15.60
CA PHE B 142 -19.34 39.04 -15.98
C PHE B 142 -18.58 38.87 -17.26
N ARG B 143 -18.56 39.96 -18.02
CA ARG B 143 -17.93 40.05 -19.33
C ARG B 143 -16.43 40.36 -19.34
N HIS B 144 -16.08 41.60 -18.99
CA HIS B 144 -14.69 42.02 -18.96
C HIS B 144 -13.81 41.05 -18.15
N TYR B 145 -12.53 41.01 -18.49
CA TYR B 145 -11.57 40.18 -17.81
C TYR B 145 -10.33 41.04 -17.51
N PRO B 146 -9.84 41.03 -16.28
CA PRO B 146 -10.39 40.23 -15.17
C PRO B 146 -11.57 40.84 -14.45
N LEU B 147 -12.15 40.05 -13.56
CA LEU B 147 -13.23 40.53 -12.76
C LEU B 147 -12.51 41.51 -11.84
N GLU B 148 -13.28 42.41 -11.22
CA GLU B 148 -12.77 43.41 -10.29
C GLU B 148 -13.31 42.98 -8.96
N ALA B 149 -12.77 43.52 -7.89
CA ALA B 149 -13.26 43.11 -6.58
C ALA B 149 -14.76 43.20 -6.46
N ASP B 150 -15.35 44.27 -6.97
CA ASP B 150 -16.78 44.46 -6.86
C ASP B 150 -17.57 43.35 -7.52
N ASN B 151 -17.07 42.89 -8.66
CA ASN B 151 -17.76 41.83 -9.39
C ASN B 151 -17.87 40.62 -8.52
N ILE B 152 -16.71 40.26 -7.96
CA ILE B 152 -16.60 39.13 -7.09
C ILE B 152 -17.55 39.32 -5.88
N PHE B 153 -17.66 40.54 -5.35
CA PHE B 153 -18.54 40.79 -4.20
C PHE B 153 -19.99 40.76 -4.61
N ALA B 154 -20.25 41.19 -5.82
CA ALA B 154 -21.61 41.18 -6.33
C ALA B 154 -22.05 39.72 -6.46
N ALA B 155 -21.15 38.87 -6.96
CA ALA B 155 -21.43 37.45 -7.12
C ALA B 155 -21.76 36.79 -5.77
N ILE B 156 -20.94 37.08 -4.75
CA ILE B 156 -21.15 36.55 -3.42
C ILE B 156 -22.47 37.09 -2.94
N ALA B 157 -22.73 38.37 -3.18
CA ALA B 157 -24.00 38.93 -2.75
C ALA B 157 -25.18 38.20 -3.39
N ALA B 158 -25.13 38.00 -4.73
CA ALA B 158 -26.18 37.32 -5.47
C ALA B 158 -26.42 35.92 -4.94
N THR B 159 -25.32 35.27 -4.60
CA THR B 159 -25.30 33.93 -4.04
C THR B 159 -26.01 33.86 -2.70
N ASN B 160 -25.70 34.81 -1.82
CA ASN B 160 -26.28 34.86 -0.48
C ASN B 160 -27.80 35.05 -0.50
N ARG B 161 -28.31 35.61 -1.61
CA ARG B 161 -29.74 35.84 -1.80
C ARG B 161 -30.42 34.55 -2.10
N LEU B 162 -29.68 33.62 -2.72
CA LEU B 162 -30.16 32.29 -3.12
C LEU B 162 -30.09 31.16 -2.09
N ILE B 163 -28.92 30.99 -1.48
CA ILE B 163 -28.69 29.90 -0.53
C ILE B 163 -29.13 30.25 0.89
N ARG B 164 -29.49 29.23 1.65
CA ARG B 164 -29.93 29.46 3.03
C ARG B 164 -29.35 28.39 3.94
N GLY B 165 -28.95 28.78 5.15
CA GLY B 165 -28.39 27.83 6.12
C GLY B 165 -27.18 28.42 6.80
N ALA B 166 -26.18 27.57 7.08
CA ALA B 166 -24.93 28.00 7.74
C ALA B 166 -23.72 27.77 6.83
N TYR B 167 -22.73 28.64 6.85
CA TYR B 167 -21.55 28.44 6.02
C TYR B 167 -20.38 29.39 6.15
N ALA B 168 -19.18 28.81 6.24
CA ALA B 168 -17.94 29.54 6.32
C ALA B 168 -17.23 28.92 5.11
N CYS B 169 -16.89 29.75 4.12
CA CYS B 169 -16.24 29.29 2.90
C CYS B 169 -14.98 30.05 2.57
N VAL B 170 -14.14 29.34 1.85
CA VAL B 170 -12.92 29.91 1.36
C VAL B 170 -12.90 29.34 -0.06
N ALA B 171 -12.49 30.17 -1.02
CA ALA B 171 -12.48 29.72 -2.41
C ALA B 171 -11.33 30.40 -3.13
N MET B 172 -11.03 29.91 -4.32
CA MET B 172 -9.96 30.51 -5.11
C MET B 172 -10.36 30.57 -6.60
N ILE B 173 -10.03 31.68 -7.28
CA ILE B 173 -10.35 31.83 -8.71
C ILE B 173 -9.08 31.99 -9.50
N ILE B 174 -8.84 31.08 -10.42
CA ILE B 174 -7.63 31.17 -11.21
C ILE B 174 -7.50 32.58 -11.78
N GLY B 175 -6.28 33.09 -11.73
CA GLY B 175 -6.03 34.42 -12.27
C GLY B 175 -6.62 35.55 -11.46
N HIS B 176 -7.15 35.26 -10.29
CA HIS B 176 -7.73 36.33 -9.48
C HIS B 176 -7.30 36.31 -8.02
N GLY B 177 -7.54 35.19 -7.36
CA GLY B 177 -7.14 35.16 -5.99
C GLY B 177 -8.02 34.32 -5.14
N MET B 178 -8.03 34.69 -3.86
CA MET B 178 -8.77 33.99 -2.84
C MET B 178 -9.90 34.81 -2.29
N VAL B 179 -10.99 34.13 -1.98
CA VAL B 179 -12.15 34.76 -1.42
C VAL B 179 -12.61 33.88 -0.25
N ALA B 180 -13.03 34.51 0.82
CA ALA B 180 -13.49 33.82 2.00
C ALA B 180 -14.74 34.54 2.41
N PHE B 181 -15.81 33.81 2.68
CA PHE B 181 -17.03 34.48 3.09
C PHE B 181 -17.77 33.74 4.21
N ARG B 182 -18.73 34.38 4.86
CA ARG B 182 -19.41 33.78 6.01
C ARG B 182 -20.90 34.05 5.89
N ASP B 183 -21.74 33.13 6.37
CA ASP B 183 -23.19 33.33 6.27
C ASP B 183 -23.68 34.55 7.04
N PRO B 184 -24.89 35.05 6.72
CA PRO B 184 -25.51 36.23 7.36
C PRO B 184 -25.73 36.18 8.88
N ASN B 185 -25.89 34.99 9.44
CA ASN B 185 -26.11 34.84 10.87
C ASN B 185 -24.84 34.49 11.60
N GLY B 186 -23.72 34.61 10.90
CA GLY B 186 -22.43 34.27 11.49
C GLY B 186 -22.37 32.99 12.33
N ILE B 187 -22.97 31.91 11.86
CA ILE B 187 -23.02 30.65 12.62
C ILE B 187 -21.69 29.88 12.67
N ARG B 188 -21.29 29.37 11.50
CA ARG B 188 -20.05 28.63 11.38
C ARG B 188 -18.93 29.62 11.53
N PRO B 189 -17.82 29.22 12.19
CA PRO B 189 -16.61 29.98 12.45
C PRO B 189 -15.64 30.22 11.29
N LEU B 190 -14.97 31.39 11.33
CA LEU B 190 -13.98 31.78 10.35
C LEU B 190 -13.23 33.00 10.91
N VAL B 191 -11.89 32.97 10.89
CA VAL B 191 -11.06 34.10 11.36
C VAL B 191 -10.02 34.43 10.30
N LEU B 192 -9.54 35.67 10.32
CA LEU B 192 -8.54 36.17 9.39
C LEU B 192 -7.26 36.51 10.13
N GLY B 193 -6.13 36.21 9.51
CA GLY B 193 -4.86 36.48 10.15
C GLY B 193 -3.91 36.85 9.05
N LYS B 194 -2.72 37.33 9.40
CA LYS B 194 -1.73 37.74 8.43
C LYS B 194 -0.33 37.48 8.97
N ARG B 195 0.67 37.49 8.10
CA ARG B 195 2.02 37.21 8.54
C ARG B 195 2.98 38.02 7.69
N ASP B 196 3.65 38.99 8.27
CA ASP B 196 4.57 39.80 7.48
C ASP B 196 5.94 39.14 7.33
N ILE B 197 6.30 38.74 6.11
CA ILE B 197 7.62 38.12 5.84
C ILE B 197 8.77 39.15 5.88
N ASP B 198 8.44 40.41 5.57
CA ASP B 198 9.38 41.52 5.58
C ASP B 198 8.59 42.81 5.31
N GLU B 199 9.31 43.93 5.19
CA GLU B 199 8.73 45.28 4.95
C GLU B 199 7.73 45.44 3.81
N ASN B 200 7.87 44.65 2.75
CA ASN B 200 6.99 44.78 1.59
C ASN B 200 6.08 43.59 1.27
N ARG B 201 6.25 42.48 2.00
CA ARG B 201 5.46 41.28 1.72
C ARG B 201 4.62 40.85 2.90
N THR B 202 3.34 40.62 2.67
CA THR B 202 2.43 40.18 3.71
C THR B 202 1.53 39.06 3.20
N GLU B 203 1.48 37.96 3.95
CA GLU B 203 0.65 36.83 3.60
C GLU B 203 -0.62 36.93 4.41
N TYR B 204 -1.72 36.40 3.86
CA TYR B 204 -3.00 36.38 4.57
C TYR B 204 -3.48 34.96 4.64
N MET B 205 -4.38 34.69 5.58
CA MET B 205 -4.98 33.37 5.75
C MET B 205 -6.27 33.44 6.58
N VAL B 206 -7.16 32.49 6.31
CA VAL B 206 -8.42 32.37 7.01
C VAL B 206 -8.54 30.93 7.41
N ALA B 207 -9.15 30.70 8.57
CA ALA B 207 -9.34 29.34 9.09
C ALA B 207 -10.58 29.24 9.95
N SER B 208 -11.13 28.03 10.11
CA SER B 208 -12.29 27.87 10.98
C SER B 208 -11.91 28.21 12.44
N GLU B 209 -10.63 28.12 12.79
CA GLU B 209 -10.17 28.42 14.14
C GLU B 209 -8.87 29.17 14.18
N SER B 210 -8.69 29.95 15.25
CA SER B 210 -7.49 30.75 15.46
C SER B 210 -6.28 29.87 15.70
N VAL B 211 -6.51 28.65 16.14
CA VAL B 211 -5.40 27.76 16.37
C VAL B 211 -4.56 27.60 15.13
N ALA B 212 -5.21 27.52 13.96
CA ALA B 212 -4.52 27.35 12.68
C ALA B 212 -3.59 28.50 12.35
N LEU B 213 -3.96 29.73 12.73
CA LEU B 213 -3.10 30.89 12.50
C LEU B 213 -1.94 30.81 13.52
N ASP B 214 -2.29 30.47 14.77
CA ASP B 214 -1.35 30.35 15.89
C ASP B 214 -0.19 29.44 15.56
N THR B 215 -0.51 28.24 15.13
CA THR B 215 0.53 27.29 14.85
C THR B 215 1.43 27.69 13.69
N LEU B 216 0.94 28.53 12.77
CA LEU B 216 1.71 28.98 11.61
C LEU B 216 2.40 30.30 11.86
N GLY B 217 2.13 30.88 13.01
CA GLY B 217 2.74 32.16 13.34
C GLY B 217 2.13 33.31 12.59
N PHE B 218 0.86 33.18 12.27
CA PHE B 218 0.21 34.27 11.58
C PHE B 218 -0.37 35.06 12.73
N ASP B 219 -0.31 36.38 12.65
CA ASP B 219 -0.89 37.18 13.69
C ASP B 219 -2.39 37.23 13.50
N PHE B 220 -3.16 36.94 14.54
CA PHE B 220 -4.62 37.03 14.45
C PHE B 220 -5.11 38.47 14.20
N LEU B 221 -6.00 38.68 13.25
CA LEU B 221 -6.53 40.02 13.02
C LEU B 221 -7.95 40.15 13.57
N ARG B 222 -8.87 39.28 13.15
CA ARG B 222 -10.24 39.34 13.64
C ARG B 222 -11.05 38.27 12.96
N ASP B 223 -12.26 38.09 13.45
CA ASP B 223 -13.18 37.14 12.90
C ASP B 223 -13.68 37.77 11.62
N VAL B 224 -14.15 36.95 10.71
CA VAL B 224 -14.69 37.50 9.49
C VAL B 224 -16.12 37.77 9.93
N ALA B 225 -16.61 38.98 9.66
CA ALA B 225 -17.95 39.37 10.05
C ALA B 225 -19.00 38.54 9.37
N PRO B 226 -20.18 38.40 10.01
CA PRO B 226 -21.29 37.64 9.45
C PRO B 226 -21.66 38.29 8.11
N GLY B 227 -21.88 37.49 7.07
CA GLY B 227 -22.27 38.04 5.79
C GLY B 227 -21.14 38.69 5.01
N GLU B 228 -20.02 38.96 5.68
CA GLU B 228 -18.88 39.58 5.02
C GLU B 228 -18.09 38.64 4.08
N ALA B 229 -17.47 39.24 3.06
CA ALA B 229 -16.63 38.50 2.12
C ALA B 229 -15.29 39.20 2.01
N ILE B 230 -14.24 38.41 1.90
CA ILE B 230 -12.87 38.90 1.81
C ILE B 230 -12.25 38.42 0.50
N TYR B 231 -11.64 39.31 -0.23
CA TYR B 231 -11.03 38.95 -1.48
C TYR B 231 -9.60 39.42 -1.47
N ILE B 232 -8.70 38.44 -1.51
CA ILE B 232 -7.26 38.71 -1.53
C ILE B 232 -6.72 38.37 -2.93
N THR B 233 -6.19 39.38 -3.60
CA THR B 233 -5.66 39.17 -4.92
C THR B 233 -4.38 38.37 -4.89
N GLU B 234 -3.93 37.98 -6.06
CA GLU B 234 -2.71 37.21 -6.18
C GLU B 234 -1.52 38.14 -5.90
N GLU B 235 -1.80 39.44 -5.74
CA GLU B 235 -0.74 40.41 -5.47
C GLU B 235 -0.70 40.79 -4.03
N GLY B 236 -1.55 40.16 -3.22
CA GLY B 236 -1.54 40.45 -1.80
C GLY B 236 -2.41 41.62 -1.40
N GLN B 237 -3.24 42.09 -2.31
CA GLN B 237 -4.08 43.20 -1.96
C GLN B 237 -5.37 42.65 -1.37
N LEU B 238 -5.81 43.24 -0.28
CA LEU B 238 -7.01 42.78 0.38
C LEU B 238 -8.25 43.66 0.17
N PHE B 239 -9.41 43.02 0.05
CA PHE B 239 -10.69 43.71 -0.09
C PHE B 239 -11.69 43.03 0.82
N THR B 240 -12.55 43.80 1.44
CA THR B 240 -13.59 43.25 2.30
C THR B 240 -14.86 44.02 2.00
N ARG B 241 -15.99 43.33 1.92
CA ARG B 241 -17.24 44.01 1.67
C ARG B 241 -18.40 43.19 2.17
N GLN B 242 -19.27 43.85 2.94
CA GLN B 242 -20.46 43.22 3.49
C GLN B 242 -21.33 42.72 2.35
N CYS B 243 -21.71 41.46 2.38
CA CYS B 243 -22.50 40.90 1.29
C CYS B 243 -23.85 40.29 1.67
N ALA B 244 -24.28 40.50 2.91
CA ALA B 244 -25.57 39.95 3.32
C ALA B 244 -26.54 41.10 3.59
N ASP B 245 -27.83 40.87 3.38
CA ASP B 245 -28.80 41.94 3.62
C ASP B 245 -28.94 42.34 5.09
N ASN B 246 -28.98 41.36 6.00
CA ASN B 246 -29.10 41.69 7.42
C ASN B 246 -28.25 40.80 8.32
N PRO B 247 -26.95 41.10 8.41
CA PRO B 247 -25.96 40.39 9.21
C PRO B 247 -26.22 40.50 10.67
N VAL B 248 -26.13 39.37 11.34
CA VAL B 248 -26.34 39.32 12.77
C VAL B 248 -25.43 38.19 13.25
N SER B 249 -24.88 38.33 14.46
CA SER B 249 -24.02 37.31 15.05
C SER B 249 -24.78 36.31 15.89
N ASN B 250 -24.96 35.11 15.35
CA ASN B 250 -25.63 34.02 16.04
C ASN B 250 -24.67 32.86 15.96
N PRO B 251 -23.48 33.02 16.58
CA PRO B 251 -22.47 31.97 16.54
C PRO B 251 -22.96 30.69 17.18
N CYS B 252 -22.54 29.57 16.61
CA CYS B 252 -22.94 28.28 17.13
C CYS B 252 -22.48 28.15 18.60
N LEU B 253 -23.41 27.70 19.44
CA LEU B 253 -23.16 27.53 20.88
C LEU B 253 -22.33 26.28 21.11
N PHE B 254 -22.66 25.25 20.34
CA PHE B 254 -22.01 23.94 20.43
C PHE B 254 -20.49 23.96 20.20
N GLU B 255 -20.00 24.96 19.46
CA GLU B 255 -18.57 25.10 19.20
C GLU B 255 -17.91 25.32 20.53
N TYR B 256 -18.57 26.11 21.35
CA TYR B 256 -18.07 26.45 22.66
C TYR B 256 -18.19 25.24 23.60
N VAL B 257 -19.30 24.52 23.47
CA VAL B 257 -19.54 23.38 24.34
C VAL B 257 -18.57 22.24 24.10
N TYR B 258 -18.37 21.92 22.84
CA TYR B 258 -17.59 20.75 22.51
C TYR B 258 -16.71 20.82 21.27
N PHE B 259 -17.37 21.05 20.14
CA PHE B 259 -16.77 21.10 18.83
C PHE B 259 -15.46 21.86 18.57
N ALA B 260 -15.25 22.98 19.25
CA ALA B 260 -14.05 23.78 19.05
C ALA B 260 -12.94 23.49 20.06
N ARG B 261 -11.70 23.78 19.67
CA ARG B 261 -10.57 23.57 20.55
C ARG B 261 -10.56 24.66 21.61
N PRO B 262 -10.12 24.33 22.81
CA PRO B 262 -10.10 25.28 23.92
C PRO B 262 -9.18 26.47 23.75
N ASP B 263 -8.15 26.33 22.94
CA ASP B 263 -7.22 27.45 22.74
C ASP B 263 -7.57 28.44 21.62
N SER B 264 -8.76 28.26 21.04
CA SER B 264 -9.27 29.10 19.96
C SER B 264 -10.14 30.24 20.54
N PHE B 265 -10.20 31.36 19.85
CA PHE B 265 -10.99 32.51 20.27
C PHE B 265 -11.98 32.76 19.17
N ILE B 266 -13.17 32.22 19.33
CA ILE B 266 -14.22 32.39 18.34
C ILE B 266 -15.08 33.60 18.74
N ASP B 267 -15.18 34.54 17.80
CA ASP B 267 -15.96 35.76 18.00
C ASP B 267 -15.56 36.48 19.29
N LYS B 268 -14.26 36.60 19.51
CA LYS B 268 -13.70 37.27 20.69
C LYS B 268 -13.76 36.44 21.99
N ILE B 269 -14.49 35.34 22.00
CA ILE B 269 -14.61 34.50 23.17
C ILE B 269 -13.55 33.40 23.21
N SER B 270 -12.94 33.21 24.39
CA SER B 270 -11.94 32.16 24.60
C SER B 270 -12.74 30.90 24.88
N VAL B 271 -12.47 29.83 24.14
CA VAL B 271 -13.25 28.62 24.35
C VAL B 271 -12.94 28.03 25.72
N TYR B 272 -11.69 28.10 26.14
CA TYR B 272 -11.28 27.58 27.44
C TYR B 272 -12.10 28.25 28.53
N SER B 273 -12.00 29.58 28.56
CA SER B 273 -12.69 30.47 29.49
C SER B 273 -14.16 30.26 29.48
N ALA B 274 -14.75 30.11 28.30
CA ALA B 274 -16.19 29.89 28.28
C ALA B 274 -16.46 28.58 29.04
N ARG B 275 -15.69 27.55 28.71
CA ARG B 275 -15.80 26.22 29.31
C ARG B 275 -15.64 26.24 30.86
N VAL B 276 -14.66 26.97 31.34
CA VAL B 276 -14.51 27.09 32.78
C VAL B 276 -15.83 27.69 33.32
N ASN B 277 -16.29 28.77 32.68
CA ASN B 277 -17.53 29.47 33.06
C ASN B 277 -18.72 28.53 33.12
N MET B 278 -18.80 27.57 32.20
CA MET B 278 -19.90 26.61 32.21
C MET B 278 -19.78 25.78 33.46
N GLY B 279 -18.55 25.68 33.98
CA GLY B 279 -18.29 24.93 35.18
C GLY B 279 -18.89 25.69 36.32
N THR B 280 -18.46 26.94 36.47
CA THR B 280 -18.94 27.81 37.52
C THR B 280 -20.44 27.80 37.66
N LYS B 281 -21.13 28.00 36.53
CA LYS B 281 -22.59 28.02 36.53
C LYS B 281 -23.23 26.69 36.87
N LEU B 282 -22.62 25.61 36.40
CA LEU B 282 -23.14 24.27 36.66
C LEU B 282 -22.86 23.91 38.11
N GLY B 283 -21.73 24.38 38.63
CA GLY B 283 -21.42 24.11 40.02
C GLY B 283 -22.52 24.79 40.82
N GLU B 284 -22.74 26.06 40.51
CA GLU B 284 -23.77 26.83 41.17
C GLU B 284 -25.15 26.22 41.04
N LYS B 285 -25.46 25.60 39.91
CA LYS B 285 -26.78 25.00 39.84
C LYS B 285 -26.93 23.80 40.76
N ILE B 286 -25.90 22.98 40.79
CA ILE B 286 -25.86 21.79 41.63
C ILE B 286 -26.03 22.26 43.08
N ALA B 287 -25.30 23.31 43.43
CA ALA B 287 -25.33 23.85 44.76
C ALA B 287 -26.69 24.38 45.11
N ARG B 288 -27.43 24.87 44.10
CA ARG B 288 -28.77 25.36 44.42
C ARG B 288 -29.69 24.18 44.58
N GLU B 289 -29.94 23.52 43.48
CA GLU B 289 -30.88 22.42 43.46
C GLU B 289 -30.50 21.06 44.03
N TRP B 290 -29.28 20.91 44.53
CA TRP B 290 -28.85 19.63 45.09
C TRP B 290 -28.13 19.84 46.40
N GLU B 291 -28.44 20.89 47.15
CA GLU B 291 -27.69 21.16 48.40
C GLU B 291 -27.57 20.01 49.40
N ASP B 292 -28.58 19.18 49.42
CA ASP B 292 -28.59 18.03 50.32
C ASP B 292 -27.89 16.79 49.74
N LEU B 293 -27.01 16.94 48.74
CA LEU B 293 -26.36 15.76 48.17
C LEU B 293 -25.04 15.41 48.78
N ASP B 294 -24.84 14.12 48.94
CA ASP B 294 -23.62 13.62 49.52
C ASP B 294 -22.75 12.97 48.44
N ILE B 295 -21.64 13.62 48.15
CA ILE B 295 -20.66 13.13 47.19
C ILE B 295 -19.32 13.29 47.89
N ASP B 296 -18.34 12.46 47.51
CA ASP B 296 -17.00 12.49 48.10
C ASP B 296 -15.95 13.07 47.17
N VAL B 297 -16.26 13.14 45.87
CA VAL B 297 -15.32 13.67 44.89
C VAL B 297 -15.99 13.97 43.55
N VAL B 298 -15.37 14.90 42.80
CA VAL B 298 -15.83 15.27 41.45
C VAL B 298 -14.89 14.60 40.44
N ILE B 299 -15.46 13.83 39.51
CA ILE B 299 -14.68 13.12 38.53
C ILE B 299 -15.07 13.49 37.12
N PRO B 300 -14.13 14.06 36.39
CA PRO B 300 -14.41 14.46 35.02
C PRO B 300 -14.33 13.31 34.04
N ILE B 301 -15.12 13.39 32.98
CA ILE B 301 -15.08 12.43 31.93
C ILE B 301 -14.37 13.23 30.87
N PRO B 302 -13.09 12.87 30.61
CA PRO B 302 -12.10 13.44 29.67
C PRO B 302 -12.62 13.40 28.25
N GLU B 303 -12.21 14.35 27.38
CA GLU B 303 -11.29 15.45 27.72
C GLU B 303 -11.99 16.78 28.07
N THR B 304 -12.95 17.14 27.25
CA THR B 304 -13.68 18.39 27.37
C THR B 304 -13.90 18.86 28.79
N SER B 305 -14.49 17.99 29.60
CA SER B 305 -14.87 18.33 30.97
C SER B 305 -13.77 18.45 32.00
N CYS B 306 -12.51 18.20 31.66
CA CYS B 306 -11.45 18.28 32.68
C CYS B 306 -11.36 19.57 33.52
N ASP B 307 -11.39 20.75 32.89
CA ASP B 307 -11.32 22.00 33.65
C ASP B 307 -12.70 22.48 34.16
N ILE B 308 -13.74 21.98 33.52
CA ILE B 308 -15.11 22.27 33.89
C ILE B 308 -15.38 21.63 35.26
N ALA B 309 -14.97 20.37 35.41
CA ALA B 309 -15.17 19.59 36.64
C ALA B 309 -14.35 20.13 37.74
N LEU B 310 -13.16 20.61 37.42
CA LEU B 310 -12.29 21.19 38.42
C LEU B 310 -13.01 22.42 39.05
N GLU B 311 -13.63 23.25 38.21
CA GLU B 311 -14.35 24.43 38.67
C GLU B 311 -15.51 24.04 39.54
N ILE B 312 -16.23 23.00 39.09
CA ILE B 312 -17.39 22.51 39.82
C ILE B 312 -17.01 22.06 41.20
N ALA B 313 -15.83 21.46 41.32
CA ALA B 313 -15.33 20.98 42.61
C ALA B 313 -15.02 22.18 43.48
N ARG B 314 -14.43 23.21 42.89
CA ARG B 314 -14.10 24.44 43.61
C ARG B 314 -15.39 25.00 44.20
N ILE B 315 -16.37 25.23 43.33
CA ILE B 315 -17.67 25.76 43.75
C ILE B 315 -18.29 24.91 44.87
N LEU B 316 -18.30 23.60 44.69
CA LEU B 316 -18.90 22.72 45.69
C LEU B 316 -17.97 22.46 46.88
N GLY B 317 -16.75 23.01 46.81
CA GLY B 317 -15.77 22.80 47.86
C GLY B 317 -15.47 21.32 48.07
N LYS B 318 -15.62 20.50 47.03
CA LYS B 318 -15.37 19.08 47.12
C LYS B 318 -14.05 18.79 46.41
N PRO B 319 -13.44 17.61 46.68
CA PRO B 319 -12.18 17.26 46.01
C PRO B 319 -12.36 16.78 44.56
N TYR B 320 -11.37 17.11 43.74
CA TYR B 320 -11.35 16.77 42.32
C TYR B 320 -10.28 15.73 42.13
N ARG B 321 -10.65 14.62 41.50
CA ARG B 321 -9.69 13.54 41.25
C ARG B 321 -9.90 12.95 39.84
N GLN B 322 -8.82 12.43 39.25
CA GLN B 322 -8.91 11.85 37.91
C GLN B 322 -9.25 10.37 37.92
N GLY B 323 -10.53 10.07 37.88
CA GLY B 323 -10.96 8.69 37.91
C GLY B 323 -10.99 7.99 36.57
N PHE B 324 -10.93 8.73 35.48
CA PHE B 324 -10.97 8.08 34.19
C PHE B 324 -9.79 8.55 33.38
N VAL B 325 -9.25 7.65 32.57
CA VAL B 325 -8.14 8.01 31.71
C VAL B 325 -8.56 7.65 30.28
N LYS B 326 -8.41 8.60 29.36
CA LYS B 326 -8.81 8.37 27.97
C LYS B 326 -7.67 7.73 27.23
N ASN B 327 -7.95 6.60 26.58
CA ASN B 327 -6.92 5.91 25.85
C ASN B 327 -6.52 6.81 24.69
N ARG B 328 -5.22 7.10 24.61
CA ARG B 328 -4.67 7.95 23.59
C ARG B 328 -4.69 7.30 22.22
N TYR B 329 -4.77 5.96 22.19
CA TYR B 329 -4.83 5.26 20.91
C TYR B 329 -6.01 4.31 21.01
N VAL B 330 -6.81 4.23 19.97
CA VAL B 330 -7.94 3.31 20.00
C VAL B 330 -7.74 2.50 18.73
N GLY B 331 -7.89 1.19 18.84
CA GLY B 331 -7.72 0.33 17.69
C GLY B 331 -9.09 -0.14 17.24
N ARG B 332 -9.22 -0.66 16.03
CA ARG B 332 -10.52 -1.12 15.57
C ARG B 332 -10.85 -2.52 16.07
N THR B 333 -12.11 -2.90 15.94
CA THR B 333 -12.52 -4.24 16.33
C THR B 333 -12.74 -4.91 14.98
N PHE B 334 -12.12 -6.05 14.80
CA PHE B 334 -12.27 -6.77 13.54
C PHE B 334 -13.46 -7.69 13.66
N ILE B 335 -14.06 -8.01 12.52
CA ILE B 335 -15.21 -8.90 12.50
C ILE B 335 -14.70 -10.34 12.61
N MET B 336 -14.20 -10.70 13.79
CA MET B 336 -13.65 -12.03 14.03
C MET B 336 -14.77 -13.01 14.38
N SER B 345 -17.85 -1.35 25.11
CA SER B 345 -17.63 -0.61 23.87
C SER B 345 -16.95 0.71 24.16
N VAL B 346 -17.25 1.27 25.33
CA VAL B 346 -16.67 2.55 25.72
C VAL B 346 -15.37 2.27 26.43
N ARG B 347 -15.24 1.04 26.93
CA ARG B 347 -14.04 0.61 27.64
C ARG B 347 -12.79 0.72 26.76
N ARG B 348 -13.00 0.69 25.46
CA ARG B 348 -11.93 0.78 24.50
C ARG B 348 -11.46 2.22 24.42
N LYS B 349 -12.30 3.11 24.89
CA LYS B 349 -11.98 4.52 24.86
C LYS B 349 -11.50 5.04 26.19
N LEU B 350 -12.13 4.56 27.25
CA LEU B 350 -11.82 4.99 28.60
C LEU B 350 -11.41 3.93 29.58
N ASN B 351 -10.60 4.30 30.55
CA ASN B 351 -10.28 3.36 31.61
C ASN B 351 -10.51 3.99 32.99
N ALA B 352 -11.16 3.24 33.86
CA ALA B 352 -11.44 3.69 35.21
C ALA B 352 -10.28 3.32 36.12
N ASN B 353 -9.81 4.31 36.85
CA ASN B 353 -8.72 4.18 37.80
C ASN B 353 -9.36 3.66 39.10
N ARG B 354 -9.56 2.35 39.21
CA ARG B 354 -10.22 1.70 40.38
C ARG B 354 -10.16 2.34 41.78
N ALA B 355 -8.97 2.75 42.16
CA ALA B 355 -8.74 3.36 43.45
C ALA B 355 -9.54 4.63 43.74
N GLU B 356 -9.92 5.36 42.68
CA GLU B 356 -10.65 6.61 42.85
C GLU B 356 -12.16 6.44 42.96
N PHE B 357 -12.68 5.24 42.81
CA PHE B 357 -14.12 5.03 42.92
C PHE B 357 -14.48 4.15 44.09
N ARG B 358 -13.56 3.29 44.51
CA ARG B 358 -13.82 2.38 45.60
C ARG B 358 -14.43 2.96 46.86
N ASP B 359 -15.66 2.53 47.12
CA ASP B 359 -16.43 2.97 48.27
C ASP B 359 -16.62 4.47 48.42
N LYS B 360 -16.93 5.11 47.29
CA LYS B 360 -17.17 6.53 47.25
C LYS B 360 -18.43 6.82 46.47
N ASN B 361 -19.08 7.90 46.89
CA ASN B 361 -20.28 8.47 46.28
C ASN B 361 -19.63 9.49 45.36
N VAL B 362 -19.76 9.30 44.04
CA VAL B 362 -19.11 10.22 43.09
C VAL B 362 -20.00 11.08 42.18
N LEU B 363 -19.45 12.23 41.78
CA LEU B 363 -20.15 13.11 40.85
C LEU B 363 -19.33 13.17 39.57
N LEU B 364 -19.87 12.60 38.52
CA LEU B 364 -19.19 12.57 37.27
C LEU B 364 -19.65 13.74 36.50
N VAL B 365 -18.72 14.37 35.78
CA VAL B 365 -19.02 15.53 34.96
C VAL B 365 -18.72 15.27 33.46
N ASP B 366 -19.73 15.42 32.58
CA ASP B 366 -19.58 15.19 31.13
C ASP B 366 -20.06 16.44 30.39
N ASP B 367 -19.50 16.68 29.20
CA ASP B 367 -19.87 17.85 28.41
C ASP B 367 -21.30 17.79 27.89
N SER B 368 -21.74 16.60 27.52
CA SER B 368 -23.09 16.44 27.00
C SER B 368 -23.48 14.99 27.02
N ILE B 369 -24.71 14.73 26.61
CA ILE B 369 -25.28 13.40 26.52
C ILE B 369 -26.11 13.50 25.29
N VAL B 370 -25.71 12.78 24.26
CA VAL B 370 -26.43 12.82 23.00
C VAL B 370 -27.43 11.68 22.93
N ARG B 371 -26.91 10.45 22.89
CA ARG B 371 -27.70 9.23 22.83
C ARG B 371 -27.85 8.60 24.21
N GLY B 372 -26.88 8.81 25.10
CA GLY B 372 -26.96 8.25 26.45
C GLY B 372 -26.12 6.99 26.67
N THR B 373 -25.74 6.34 25.58
CA THR B 373 -24.95 5.11 25.61
C THR B 373 -23.65 5.26 26.40
N THR B 374 -22.83 6.22 26.00
CA THR B 374 -21.59 6.48 26.68
C THR B 374 -21.84 6.69 28.17
N SER B 375 -22.78 7.59 28.48
CA SER B 375 -23.13 7.94 29.86
C SER B 375 -23.55 6.73 30.68
N GLU B 376 -24.36 5.87 30.10
CA GLU B 376 -24.80 4.69 30.82
C GLU B 376 -23.62 3.80 31.14
N GLN B 377 -22.82 3.57 30.12
CA GLN B 377 -21.66 2.71 30.25
C GLN B 377 -20.60 3.27 31.17
N ILE B 378 -20.45 4.59 31.17
CA ILE B 378 -19.45 5.21 32.04
C ILE B 378 -19.89 5.00 33.47
N ILE B 379 -21.19 5.12 33.67
CA ILE B 379 -21.77 4.92 34.98
C ILE B 379 -21.57 3.49 35.43
N GLU B 380 -21.83 2.50 34.56
CA GLU B 380 -21.59 1.09 34.90
C GLU B 380 -20.12 0.92 35.34
N MET B 381 -19.20 1.55 34.60
CA MET B 381 -17.78 1.45 34.87
C MET B 381 -17.49 1.93 36.29
N ALA B 382 -18.14 3.02 36.69
CA ALA B 382 -17.97 3.58 38.02
C ALA B 382 -18.49 2.62 39.08
N ARG B 383 -19.65 2.03 38.82
CA ARG B 383 -20.24 1.09 39.78
C ARG B 383 -19.33 -0.12 39.92
N GLU B 384 -18.77 -0.60 38.81
CA GLU B 384 -17.88 -1.75 38.82
C GLU B 384 -16.55 -1.45 39.48
N ALA B 385 -16.21 -0.17 39.61
CA ALA B 385 -14.94 0.23 40.23
C ALA B 385 -15.10 0.42 41.73
N GLY B 386 -16.31 0.17 42.23
CA GLY B 386 -16.57 0.29 43.65
C GLY B 386 -17.39 1.47 44.14
N ALA B 387 -17.85 2.31 43.22
CA ALA B 387 -18.63 3.48 43.60
C ALA B 387 -20.00 3.15 44.14
N LYS B 388 -20.35 3.85 45.22
CA LYS B 388 -21.63 3.66 45.87
C LYS B 388 -22.72 4.34 45.06
N LYS B 389 -22.78 5.67 45.14
CA LYS B 389 -23.75 6.45 44.39
C LYS B 389 -23.01 7.19 43.28
N VAL B 390 -23.58 7.18 42.10
CA VAL B 390 -22.98 7.83 40.95
C VAL B 390 -23.94 8.90 40.39
N TYR B 391 -23.50 10.16 40.45
CA TYR B 391 -24.31 11.27 39.94
C TYR B 391 -23.69 11.84 38.67
N LEU B 392 -24.55 12.23 37.71
CA LEU B 392 -24.04 12.79 36.46
C LEU B 392 -24.49 14.22 36.23
N ALA B 393 -23.52 15.06 35.84
CA ALA B 393 -23.73 16.48 35.55
C ALA B 393 -23.31 16.71 34.09
N SER B 394 -24.18 17.31 33.28
CA SER B 394 -23.87 17.58 31.87
C SER B 394 -23.61 19.07 31.72
N ALA B 395 -22.45 19.42 31.19
CA ALA B 395 -22.07 20.84 31.01
C ALA B 395 -22.96 21.54 29.99
N ALA B 396 -23.65 20.78 29.14
CA ALA B 396 -24.56 21.33 28.15
C ALA B 396 -25.99 20.92 28.46
N PRO B 397 -26.95 21.76 28.08
CA PRO B 397 -28.36 21.44 28.33
C PRO B 397 -28.75 20.20 27.52
N GLU B 398 -29.96 19.73 27.74
CA GLU B 398 -30.45 18.59 27.01
C GLU B 398 -30.39 18.90 25.51
N ILE B 399 -30.05 17.87 24.74
CA ILE B 399 -29.96 17.94 23.28
C ILE B 399 -31.18 17.18 22.78
N ARG B 400 -32.16 17.92 22.29
CA ARG B 400 -33.41 17.33 21.82
C ARG B 400 -33.75 17.51 20.34
N PHE B 401 -33.04 18.42 19.69
CA PHE B 401 -33.33 18.72 18.29
C PHE B 401 -32.09 18.52 17.49
N PRO B 402 -32.25 18.33 16.19
CA PRO B 402 -31.13 18.12 15.28
C PRO B 402 -30.48 19.41 14.76
N ASN B 403 -29.18 19.33 14.48
CA ASN B 403 -28.50 20.49 13.93
C ASN B 403 -28.46 20.31 12.39
N VAL B 404 -28.89 21.33 11.66
CA VAL B 404 -28.90 21.30 10.20
C VAL B 404 -28.05 22.40 9.60
N TYR B 405 -27.00 22.78 10.32
CA TYR B 405 -26.08 23.84 9.90
C TYR B 405 -24.61 23.37 9.88
N GLY B 406 -24.39 22.07 9.89
CA GLY B 406 -23.01 21.61 9.86
C GLY B 406 -22.50 20.85 11.07
N ILE B 407 -23.35 20.60 12.06
CA ILE B 407 -22.91 19.78 13.19
C ILE B 407 -23.74 18.57 12.89
N ASP B 408 -23.08 17.44 12.78
CA ASP B 408 -23.85 16.27 12.46
C ASP B 408 -24.39 15.67 13.73
N MET B 409 -25.71 15.76 13.86
CA MET B 409 -26.38 15.20 15.02
C MET B 409 -27.19 13.99 14.59
N PRO B 410 -27.35 13.02 15.48
CA PRO B 410 -28.11 11.82 15.17
C PRO B 410 -29.58 12.18 14.99
N SER B 411 -30.35 11.22 14.50
CA SER B 411 -31.77 11.42 14.28
C SER B 411 -32.47 11.80 15.59
N ALA B 412 -33.53 12.58 15.47
CA ALA B 412 -34.31 13.02 16.61
C ALA B 412 -34.65 11.88 17.57
N THR B 413 -34.94 10.71 17.03
CA THR B 413 -35.30 9.53 17.84
C THR B 413 -34.07 8.96 18.58
N GLU B 414 -32.90 9.16 17.98
CA GLU B 414 -31.66 8.69 18.53
C GLU B 414 -31.25 9.48 19.76
N LEU B 415 -31.76 10.71 19.85
CA LEU B 415 -31.48 11.61 20.95
C LEU B 415 -32.28 11.16 22.17
N ILE B 416 -31.56 10.68 23.17
CA ILE B 416 -32.19 10.18 24.38
C ILE B 416 -33.06 11.23 25.06
N ALA B 417 -32.65 12.49 25.01
CA ALA B 417 -33.41 13.54 25.63
C ALA B 417 -34.69 13.81 24.82
N HIS B 418 -34.70 13.38 23.56
CA HIS B 418 -35.84 13.63 22.73
C HIS B 418 -37.09 13.02 23.27
N GLY B 419 -37.96 13.86 23.81
CA GLY B 419 -39.21 13.37 24.34
C GLY B 419 -39.12 12.65 25.67
N ARG B 420 -38.08 12.96 26.42
CA ARG B 420 -37.92 12.32 27.70
C ARG B 420 -37.55 13.32 28.74
N GLU B 421 -38.15 13.17 29.90
CA GLU B 421 -37.91 14.04 31.03
C GLU B 421 -36.62 13.63 31.70
N VAL B 422 -35.93 14.60 32.29
CA VAL B 422 -34.68 14.30 32.97
C VAL B 422 -34.71 12.99 33.74
N ASP B 423 -35.74 12.78 34.54
CA ASP B 423 -35.77 11.54 35.30
C ASP B 423 -35.82 10.30 34.46
N GLU B 424 -36.57 10.33 33.38
CA GLU B 424 -36.67 9.17 32.52
C GLU B 424 -35.27 8.89 31.92
N ILE B 425 -34.50 9.95 31.72
CA ILE B 425 -33.18 9.82 31.18
C ILE B 425 -32.30 9.26 32.29
N ARG B 426 -32.41 9.83 33.48
CA ARG B 426 -31.59 9.38 34.60
C ARG B 426 -31.78 7.88 34.82
N GLN B 427 -33.01 7.42 34.64
CA GLN B 427 -33.35 6.02 34.83
C GLN B 427 -32.73 5.17 33.75
N ILE B 428 -32.95 5.54 32.49
CA ILE B 428 -32.40 4.82 31.35
C ILE B 428 -30.90 4.69 31.44
N ILE B 429 -30.22 5.76 31.87
CA ILE B 429 -28.77 5.69 31.97
C ILE B 429 -28.26 5.12 33.28
N GLY B 430 -29.17 4.77 34.19
CA GLY B 430 -28.79 4.19 35.49
C GLY B 430 -27.97 5.05 36.45
N ALA B 431 -28.19 6.34 36.44
CA ALA B 431 -27.44 7.22 37.33
C ALA B 431 -28.30 7.39 38.54
N ASP B 432 -27.68 7.65 39.69
CA ASP B 432 -28.47 7.89 40.89
C ASP B 432 -29.09 9.28 40.83
N GLY B 433 -28.45 10.19 40.11
CA GLY B 433 -28.96 11.54 39.98
C GLY B 433 -28.41 12.09 38.69
N LEU B 434 -29.16 12.97 38.04
CA LEU B 434 -28.73 13.54 36.78
C LEU B 434 -29.12 15.00 36.72
N ILE B 435 -28.19 15.83 36.31
CA ILE B 435 -28.47 17.24 36.22
C ILE B 435 -27.85 17.84 34.96
N PHE B 436 -28.61 18.68 34.25
CA PHE B 436 -28.13 19.37 33.05
C PHE B 436 -27.93 20.87 33.33
N GLN B 437 -27.12 21.51 32.52
CA GLN B 437 -26.85 22.95 32.57
C GLN B 437 -28.07 23.66 31.99
N ASP B 438 -28.44 24.81 32.55
CA ASP B 438 -29.57 25.58 32.03
C ASP B 438 -29.08 26.24 30.78
N LEU B 439 -29.92 26.24 29.73
CA LEU B 439 -29.52 26.86 28.46
C LEU B 439 -29.14 28.31 28.70
N ASN B 440 -29.96 28.99 29.49
CA ASN B 440 -29.73 30.37 29.84
C ASN B 440 -28.38 30.50 30.55
N ASP B 441 -28.03 29.50 31.36
CA ASP B 441 -26.74 29.52 32.11
C ASP B 441 -25.54 29.36 31.17
N LEU B 442 -25.70 28.46 30.19
CA LEU B 442 -24.62 28.22 29.26
C LEU B 442 -24.44 29.48 28.44
N ILE B 443 -25.55 30.10 28.08
CA ILE B 443 -25.48 31.31 27.29
C ILE B 443 -24.69 32.39 28.00
N ASP B 444 -25.04 32.64 29.25
CA ASP B 444 -24.37 33.66 30.02
C ASP B 444 -22.90 33.30 30.21
N ALA B 445 -22.62 32.01 30.43
CA ALA B 445 -21.25 31.53 30.62
C ALA B 445 -20.35 31.93 29.45
N VAL B 446 -20.85 31.72 28.24
CA VAL B 446 -20.11 32.06 27.04
C VAL B 446 -20.17 33.58 26.77
N ARG B 447 -21.38 34.13 26.87
CA ARG B 447 -21.66 35.55 26.61
C ARG B 447 -20.81 36.49 27.44
N ALA B 448 -20.53 36.07 28.66
CA ALA B 448 -19.72 36.83 29.59
C ALA B 448 -18.37 37.19 29.00
N GLU B 449 -17.92 36.41 28.02
CA GLU B 449 -16.62 36.62 27.37
C GLU B 449 -16.64 37.68 26.29
N ASN B 450 -17.83 38.06 25.85
CA ASN B 450 -17.97 39.10 24.86
C ASN B 450 -19.46 39.39 24.79
N PRO B 451 -19.92 40.31 25.64
CA PRO B 451 -21.32 40.72 25.72
C PRO B 451 -21.93 41.40 24.48
N ASP B 452 -21.16 41.62 23.43
CA ASP B 452 -21.75 42.19 22.23
C ASP B 452 -22.54 41.11 21.46
N ILE B 453 -22.30 39.85 21.80
CA ILE B 453 -22.99 38.72 21.18
C ILE B 453 -24.26 38.54 21.99
N GLN B 454 -25.40 38.98 21.45
CA GLN B 454 -26.64 38.88 22.19
C GLN B 454 -27.30 37.51 22.03
N GLN B 455 -27.27 36.95 20.84
CA GLN B 455 -27.92 35.68 20.67
C GLN B 455 -27.02 34.66 20.00
N PHE B 456 -27.25 33.38 20.31
CA PHE B 456 -26.49 32.28 19.73
C PHE B 456 -27.44 31.37 18.99
N GLU B 457 -26.86 30.52 18.15
CA GLU B 457 -27.63 29.56 17.42
C GLU B 457 -27.68 28.34 18.34
N CYS B 458 -28.85 28.01 18.88
CA CYS B 458 -29.02 26.89 19.81
C CYS B 458 -30.07 25.87 19.40
N SER B 459 -30.26 25.66 18.10
CA SER B 459 -31.28 24.74 17.64
C SER B 459 -31.30 23.38 18.35
N VAL B 460 -30.13 22.77 18.51
CA VAL B 460 -30.04 21.46 19.19
C VAL B 460 -30.64 21.45 20.59
N PHE B 461 -30.62 22.59 21.28
CA PHE B 461 -31.12 22.66 22.65
C PHE B 461 -32.55 23.10 22.73
N ASN B 462 -32.96 23.98 21.81
CA ASN B 462 -34.31 24.54 21.81
C ASN B 462 -35.18 24.50 20.55
N GLY B 463 -34.85 23.68 19.57
CA GLY B 463 -35.70 23.61 18.39
C GLY B 463 -35.97 24.89 17.62
N VAL B 464 -35.25 25.97 17.93
CA VAL B 464 -35.39 27.26 17.26
C VAL B 464 -34.23 27.51 16.31
N TYR B 465 -34.54 27.49 15.01
CA TYR B 465 -33.57 27.66 13.94
C TYR B 465 -33.49 29.10 13.45
N VAL B 466 -32.40 29.80 13.77
CA VAL B 466 -32.22 31.20 13.37
C VAL B 466 -32.59 31.53 11.95
N THR B 467 -32.42 30.59 11.00
CA THR B 467 -32.76 30.84 9.58
C THR B 467 -34.26 30.75 9.25
N LYS B 468 -35.05 30.34 10.24
CA LYS B 468 -36.51 30.22 10.14
C LYS B 468 -36.92 29.62 8.82
N ASP B 469 -36.55 28.38 8.59
CA ASP B 469 -36.92 27.72 7.35
C ASP B 469 -36.89 26.23 7.56
N VAL B 470 -36.93 25.84 8.83
CA VAL B 470 -36.89 24.44 9.15
C VAL B 470 -38.20 24.01 9.76
N ASP B 471 -38.63 22.82 9.36
CA ASP B 471 -39.86 22.20 9.80
C ASP B 471 -39.63 20.70 9.69
N GLN B 472 -40.64 19.91 10.03
CA GLN B 472 -40.51 18.45 9.94
C GLN B 472 -40.21 18.04 8.51
N GLY B 473 -40.61 18.88 7.55
CA GLY B 473 -40.36 18.58 6.15
C GLY B 473 -38.89 18.34 5.87
N TYR B 474 -38.05 19.32 6.17
CA TYR B 474 -36.60 19.21 5.94
C TYR B 474 -36.08 18.07 6.81
N LEU B 475 -36.54 18.02 8.05
CA LEU B 475 -36.10 17.00 8.98
C LEU B 475 -36.35 15.57 8.49
N ASP B 476 -37.59 15.32 8.09
CA ASP B 476 -38.04 14.01 7.62
C ASP B 476 -37.31 13.65 6.33
N PHE B 477 -37.05 14.67 5.52
CA PHE B 477 -36.34 14.57 4.23
C PHE B 477 -34.93 14.01 4.55
N LEU B 478 -34.38 14.38 5.71
CA LEU B 478 -33.05 13.93 6.11
C LEU B 478 -33.06 12.47 6.63
N CYS C 1 9.28 -24.35 -8.92
CA CYS C 1 10.07 -23.35 -8.18
C CYS C 1 11.38 -23.22 -8.90
N GLY C 2 12.15 -22.19 -8.57
CA GLY C 2 13.43 -21.97 -9.24
C GLY C 2 14.40 -21.31 -8.26
N ILE C 3 15.66 -21.73 -8.33
CA ILE C 3 16.64 -21.21 -7.39
C ILE C 3 17.84 -20.61 -8.07
N VAL C 4 18.47 -19.67 -7.37
CA VAL C 4 19.65 -18.99 -7.87
C VAL C 4 20.45 -18.74 -6.61
N GLY C 5 21.75 -18.58 -6.80
CA GLY C 5 22.66 -18.29 -5.73
C GLY C 5 23.90 -17.73 -6.43
N ILE C 6 24.47 -16.67 -5.87
CA ILE C 6 25.63 -16.04 -6.45
C ILE C 6 26.65 -15.76 -5.37
N ALA C 7 27.88 -16.14 -5.63
CA ALA C 7 28.97 -15.89 -4.71
C ALA C 7 29.81 -14.92 -5.52
N GLY C 8 29.75 -13.64 -5.19
CA GLY C 8 30.52 -12.67 -5.93
C GLY C 8 31.51 -11.81 -5.19
N VAL C 9 32.04 -10.80 -5.88
CA VAL C 9 33.02 -9.86 -5.32
C VAL C 9 32.40 -8.47 -5.31
N MET C 10 31.12 -8.42 -5.59
CA MET C 10 30.40 -7.17 -5.64
C MET C 10 28.94 -7.47 -5.36
N PRO C 11 28.20 -6.46 -4.91
CA PRO C 11 26.78 -6.53 -4.57
C PRO C 11 25.93 -7.45 -5.42
N VAL C 12 25.33 -8.46 -4.80
CA VAL C 12 24.51 -9.37 -5.57
C VAL C 12 23.00 -9.12 -5.59
N ASN C 13 22.50 -8.08 -4.91
CA ASN C 13 21.03 -7.87 -4.87
C ASN C 13 20.31 -7.77 -6.23
N GLN C 14 20.73 -6.81 -7.05
CA GLN C 14 20.13 -6.64 -8.35
C GLN C 14 20.36 -7.88 -9.18
N SER C 15 21.59 -8.34 -9.28
CA SER C 15 21.86 -9.53 -10.04
C SER C 15 20.96 -10.67 -9.64
N ILE C 16 20.68 -10.89 -8.36
CA ILE C 16 19.80 -12.01 -8.02
C ILE C 16 18.40 -11.72 -8.52
N TYR C 17 17.98 -10.48 -8.34
CA TYR C 17 16.66 -10.06 -8.76
C TYR C 17 16.46 -10.29 -10.27
N ASP C 18 17.46 -9.89 -11.07
CA ASP C 18 17.41 -10.06 -12.51
C ASP C 18 17.44 -11.54 -12.87
N ALA C 19 18.13 -12.34 -12.06
CA ALA C 19 18.23 -13.77 -12.31
C ALA C 19 16.88 -14.42 -12.03
N LEU C 20 16.20 -13.93 -11.00
CA LEU C 20 14.89 -14.44 -10.65
C LEU C 20 13.84 -13.98 -11.66
N THR C 21 14.09 -12.84 -12.33
CA THR C 21 13.14 -12.36 -13.33
C THR C 21 13.09 -13.33 -14.52
N VAL C 22 14.25 -13.82 -14.97
CA VAL C 22 14.27 -14.78 -16.10
C VAL C 22 13.84 -16.19 -15.69
N LEU C 23 13.70 -16.42 -14.39
CA LEU C 23 13.27 -17.72 -13.91
C LEU C 23 11.82 -17.63 -13.42
N GLN C 24 11.29 -16.43 -13.37
CA GLN C 24 9.92 -16.20 -12.93
C GLN C 24 8.86 -17.22 -13.40
N HIS C 25 9.08 -17.80 -14.56
CA HIS C 25 8.16 -18.78 -15.12
C HIS C 25 8.07 -20.03 -14.30
N ARG C 26 9.08 -20.27 -13.47
CA ARG C 26 9.15 -21.44 -12.58
C ARG C 26 8.25 -21.34 -11.33
N GLY C 27 7.80 -20.12 -11.02
CA GLY C 27 6.93 -19.91 -9.88
C GLY C 27 6.62 -18.45 -9.75
N GLN C 28 5.32 -18.11 -9.82
CA GLN C 28 4.78 -16.73 -9.76
C GLN C 28 4.09 -16.45 -8.42
N ASP C 29 4.03 -17.49 -7.60
CA ASP C 29 3.38 -17.41 -6.32
C ASP C 29 4.05 -16.60 -5.27
N ALA C 30 5.36 -16.73 -5.16
CA ALA C 30 6.10 -15.98 -4.16
C ALA C 30 7.54 -15.88 -4.57
N ALA C 31 8.32 -15.10 -3.83
CA ALA C 31 9.74 -14.92 -4.11
C ALA C 31 10.43 -14.41 -2.86
N GLY C 32 11.74 -14.53 -2.85
CA GLY C 32 12.48 -14.08 -1.71
C GLY C 32 13.93 -14.07 -2.10
N ILE C 33 14.69 -13.23 -1.41
CA ILE C 33 16.10 -13.11 -1.63
C ILE C 33 16.71 -12.89 -0.28
N ILE C 34 17.91 -13.45 -0.08
CA ILE C 34 18.63 -13.31 1.17
C ILE C 34 20.10 -13.15 0.87
N THR C 35 20.71 -12.17 1.50
CA THR C 35 22.11 -11.91 1.30
C THR C 35 22.78 -12.01 2.66
N ILE C 36 24.12 -11.98 2.63
CA ILE C 36 24.95 -11.98 3.83
C ILE C 36 25.72 -10.68 3.70
N ASP C 37 25.48 -9.77 4.64
CA ASP C 37 26.11 -8.46 4.64
C ASP C 37 27.54 -8.47 5.10
N ALA C 38 28.14 -7.28 5.07
CA ALA C 38 29.52 -7.12 5.47
C ALA C 38 29.75 -7.47 6.94
N ASN C 39 28.68 -7.55 7.73
CA ASN C 39 28.79 -7.88 9.14
C ASN C 39 28.37 -9.31 9.35
N ASN C 40 28.33 -10.09 8.30
CA ASN C 40 27.93 -11.47 8.43
C ASN C 40 26.58 -11.69 9.08
N CYS C 41 25.57 -11.06 8.52
CA CYS C 41 24.20 -11.18 9.01
C CYS C 41 23.39 -11.32 7.77
N PHE C 42 22.32 -12.07 7.87
CA PHE C 42 21.46 -12.25 6.74
C PHE C 42 20.58 -11.00 6.62
N ARG C 43 20.22 -10.67 5.39
CA ARG C 43 19.34 -9.55 5.05
C ARG C 43 18.35 -10.25 4.16
N LEU C 44 17.09 -10.24 4.55
CA LEU C 44 16.03 -10.95 3.82
C LEU C 44 14.83 -10.15 3.43
N ARG C 45 14.19 -10.60 2.36
CA ARG C 45 12.94 -10.03 1.88
C ARG C 45 12.28 -11.17 1.20
N LYS C 46 11.07 -11.51 1.63
CA LYS C 46 10.34 -12.58 0.98
C LYS C 46 8.82 -12.42 1.14
N ALA C 47 8.09 -12.73 0.07
CA ALA C 47 6.66 -12.56 0.16
C ALA C 47 5.96 -13.20 -1.00
N ASN C 48 4.63 -13.11 -0.98
CA ASN C 48 3.78 -13.64 -2.01
C ASN C 48 3.82 -12.64 -3.11
N GLY C 49 3.76 -13.13 -4.35
CA GLY C 49 3.75 -12.26 -5.49
C GLY C 49 4.89 -12.43 -6.45
N LEU C 50 4.81 -11.71 -7.56
CA LEU C 50 5.82 -11.76 -8.58
C LEU C 50 7.05 -10.92 -8.16
N VAL C 51 8.25 -11.38 -8.51
CA VAL C 51 9.49 -10.68 -8.18
C VAL C 51 9.39 -9.14 -8.23
N SER C 52 8.76 -8.62 -9.27
CA SER C 52 8.63 -7.18 -9.47
C SER C 52 7.77 -6.55 -8.42
N ASP C 53 6.80 -7.30 -7.91
CA ASP C 53 5.93 -6.76 -6.90
C ASP C 53 6.56 -6.94 -5.52
N VAL C 54 7.32 -8.03 -5.35
CA VAL C 54 7.96 -8.37 -4.06
C VAL C 54 9.17 -7.49 -3.68
N PHE C 55 9.97 -7.04 -4.63
CA PHE C 55 11.13 -6.23 -4.27
C PHE C 55 11.11 -4.77 -4.67
N GLU C 56 10.69 -3.95 -3.72
CA GLU C 56 10.65 -2.50 -3.91
C GLU C 56 12.04 -1.97 -3.57
N ALA C 57 12.34 -0.73 -3.95
CA ALA C 57 13.63 -0.12 -3.71
C ALA C 57 14.09 -0.18 -2.29
N ARG C 58 13.17 0.03 -1.35
CA ARG C 58 13.54 -0.03 0.05
C ARG C 58 14.09 -1.39 0.49
N HIS C 59 13.67 -2.45 -0.20
CA HIS C 59 14.14 -3.77 0.15
C HIS C 59 15.47 -4.02 -0.49
N MET C 60 15.61 -3.67 -1.75
CA MET C 60 16.90 -3.91 -2.41
C MET C 60 18.02 -3.17 -1.68
N GLN C 61 17.72 -1.99 -1.18
CA GLN C 61 18.68 -1.19 -0.45
C GLN C 61 19.20 -1.96 0.77
N ARG C 62 18.31 -2.71 1.42
CA ARG C 62 18.66 -3.48 2.62
C ARG C 62 19.32 -4.81 2.33
N LEU C 63 19.13 -5.33 1.12
CA LEU C 63 19.74 -6.60 0.74
C LEU C 63 21.20 -6.43 0.37
N GLN C 64 21.99 -5.97 1.34
CA GLN C 64 23.43 -5.78 1.15
C GLN C 64 24.22 -7.07 1.24
N GLY C 65 25.41 -7.08 0.65
CA GLY C 65 26.23 -8.28 0.68
C GLY C 65 26.66 -8.74 -0.71
N ASN C 66 27.74 -9.49 -0.77
CA ASN C 66 28.24 -9.95 -2.08
C ASN C 66 27.96 -11.42 -2.33
N MET C 67 27.09 -12.02 -1.53
CA MET C 67 26.72 -13.42 -1.69
C MET C 67 25.25 -13.52 -1.31
N GLY C 68 24.46 -14.24 -2.10
CA GLY C 68 23.05 -14.33 -1.79
C GLY C 68 22.38 -15.42 -2.58
N ILE C 69 21.15 -15.73 -2.19
CA ILE C 69 20.40 -16.76 -2.88
C ILE C 69 18.96 -16.28 -2.99
N GLY C 70 18.22 -16.79 -3.98
CA GLY C 70 16.84 -16.36 -4.16
C GLY C 70 15.99 -17.53 -4.60
N HIS C 71 14.68 -17.39 -4.56
CA HIS C 71 13.80 -18.50 -4.94
C HIS C 71 12.41 -18.01 -5.37
N VAL C 72 11.88 -18.55 -6.48
CA VAL C 72 10.53 -18.19 -6.93
C VAL C 72 9.72 -19.44 -6.66
N ARG C 73 8.58 -19.29 -6.00
CA ARG C 73 7.76 -20.46 -5.68
C ARG C 73 6.61 -20.64 -6.59
N TYR C 74 6.31 -21.90 -6.85
CA TYR C 74 5.20 -22.27 -7.69
C TYR C 74 4.17 -22.69 -6.67
N PRO C 75 2.94 -22.19 -6.81
CA PRO C 75 1.85 -22.50 -5.90
C PRO C 75 1.41 -23.96 -5.94
N THR C 76 1.02 -24.48 -4.78
CA THR C 76 0.54 -25.84 -4.71
C THR C 76 -0.97 -25.76 -4.61
N ALA C 77 -1.66 -26.40 -5.56
CA ALA C 77 -3.12 -26.40 -5.60
C ALA C 77 -3.68 -27.12 -4.35
N GLY C 78 -3.85 -26.38 -3.26
CA GLY C 78 -4.35 -26.97 -2.03
C GLY C 78 -3.60 -26.50 -0.79
N SER C 79 -2.36 -26.98 -0.63
CA SER C 79 -1.51 -26.60 0.50
C SER C 79 -1.05 -25.13 0.43
N SER C 80 -1.93 -24.27 0.96
CA SER C 80 -1.80 -22.81 1.02
C SER C 80 -0.57 -22.14 0.43
N SER C 81 -0.83 -21.37 -0.61
CA SER C 81 0.18 -20.59 -1.29
C SER C 81 0.15 -19.21 -0.61
N ALA C 82 0.19 -19.24 0.73
CA ALA C 82 0.17 -18.05 1.59
C ALA C 82 0.93 -18.40 2.86
N SER C 83 1.41 -19.64 2.94
CA SER C 83 2.21 -20.09 4.08
C SER C 83 3.58 -19.47 3.83
N GLU C 84 4.45 -19.56 4.81
CA GLU C 84 5.76 -18.96 4.65
C GLU C 84 6.47 -19.37 3.37
N ALA C 85 7.05 -18.35 2.73
CA ALA C 85 7.78 -18.52 1.48
C ALA C 85 9.24 -18.80 1.78
N GLN C 86 9.95 -19.26 0.74
CA GLN C 86 11.36 -19.57 0.83
C GLN C 86 12.10 -18.31 0.45
N PRO C 87 13.39 -18.21 0.80
CA PRO C 87 14.31 -19.10 1.52
C PRO C 87 14.01 -19.25 2.98
N PHE C 88 14.34 -20.40 3.55
CA PHE C 88 14.14 -20.58 4.98
C PHE C 88 15.46 -20.33 5.71
N TYR C 89 15.40 -20.10 7.01
CA TYR C 89 16.61 -19.77 7.75
C TYR C 89 16.57 -20.41 9.12
N VAL C 90 17.74 -20.72 9.66
CA VAL C 90 17.86 -21.21 11.05
C VAL C 90 19.09 -20.53 11.62
N ASN C 91 18.95 -20.13 12.88
CA ASN C 91 20.01 -19.41 13.58
C ASN C 91 21.20 -20.27 14.03
N SER C 92 20.96 -21.54 14.26
CA SER C 92 22.01 -22.42 14.70
C SER C 92 21.90 -23.70 13.93
N PRO C 93 23.05 -24.31 13.57
CA PRO C 93 24.36 -23.77 13.93
C PRO C 93 24.91 -22.79 12.91
N TYR C 94 25.71 -21.84 13.37
CA TYR C 94 26.37 -20.80 12.55
C TYR C 94 25.44 -19.78 11.91
N GLY C 95 24.29 -20.25 11.42
CA GLY C 95 23.31 -19.42 10.73
C GLY C 95 23.25 -20.00 9.32
N ILE C 96 22.18 -20.70 9.03
CA ILE C 96 22.05 -21.34 7.73
C ILE C 96 20.73 -20.97 7.06
N THR C 97 20.75 -20.84 5.73
CA THR C 97 19.55 -20.52 4.95
C THR C 97 19.62 -21.37 3.70
N LEU C 98 18.48 -21.90 3.27
CA LEU C 98 18.41 -22.76 2.09
C LEU C 98 17.16 -22.61 1.26
N ALA C 99 17.31 -22.67 -0.05
CA ALA C 99 16.19 -22.58 -1.00
C ALA C 99 16.24 -23.90 -1.74
N HIS C 100 15.09 -24.46 -2.01
CA HIS C 100 15.01 -25.74 -2.66
C HIS C 100 13.88 -25.76 -3.68
N ASN C 101 14.02 -26.66 -4.66
CA ASN C 101 13.06 -26.89 -5.73
C ASN C 101 12.98 -28.40 -5.87
N GLY C 102 11.89 -29.00 -5.44
CA GLY C 102 11.73 -30.45 -5.56
C GLY C 102 10.63 -30.91 -4.63
N ASN C 103 10.69 -32.16 -4.18
CA ASN C 103 9.71 -32.73 -3.25
C ASN C 103 10.34 -33.92 -2.55
N LEU C 104 10.32 -33.89 -1.23
CA LEU C 104 10.85 -35.00 -0.46
C LEU C 104 9.72 -35.99 -0.30
N THR C 105 9.98 -37.24 -0.62
CA THR C 105 8.96 -38.28 -0.52
C THR C 105 8.78 -38.95 0.85
N ASN C 106 9.58 -38.53 1.82
CA ASN C 106 9.52 -39.09 3.15
C ASN C 106 9.51 -37.99 4.23
N ALA C 107 8.93 -36.85 3.90
CA ALA C 107 8.84 -35.73 4.84
C ALA C 107 8.11 -36.04 6.14
N HIS C 108 7.02 -36.80 6.08
CA HIS C 108 6.30 -37.11 7.30
C HIS C 108 7.21 -37.78 8.32
N GLU C 109 8.04 -38.72 7.89
CA GLU C 109 8.93 -39.39 8.84
C GLU C 109 10.09 -38.52 9.27
N LEU C 110 10.59 -37.68 8.38
CA LEU C 110 11.69 -36.79 8.71
C LEU C 110 11.24 -35.73 9.72
N ARG C 111 10.02 -35.26 9.56
CA ARG C 111 9.47 -34.26 10.46
C ARG C 111 9.50 -34.88 11.85
N LYS C 112 9.16 -36.18 11.90
CA LYS C 112 9.12 -36.97 13.12
C LYS C 112 10.50 -37.11 13.74
N LYS C 113 11.44 -37.59 12.97
CA LYS C 113 12.80 -37.77 13.48
C LYS C 113 13.31 -36.45 13.97
N LEU C 114 13.00 -35.38 13.27
CA LEU C 114 13.47 -34.08 13.69
C LEU C 114 12.88 -33.68 15.03
N PHE C 115 11.63 -34.04 15.24
CA PHE C 115 11.04 -33.68 16.48
C PHE C 115 11.62 -34.50 17.61
N GLU C 116 11.51 -35.81 17.46
CA GLU C 116 11.96 -36.74 18.46
C GLU C 116 13.45 -36.80 18.73
N GLU C 117 14.28 -36.80 17.70
CA GLU C 117 15.71 -36.89 17.93
C GLU C 117 16.41 -35.62 18.24
N LYS C 118 15.97 -34.53 17.62
CA LYS C 118 16.65 -33.25 17.85
C LYS C 118 15.81 -32.11 18.48
N ARG C 119 14.54 -32.37 18.77
CA ARG C 119 13.65 -31.36 19.32
C ARG C 119 13.66 -30.09 18.44
N ARG C 120 13.64 -30.31 17.13
CA ARG C 120 13.65 -29.22 16.15
C ARG C 120 12.24 -29.11 15.59
N HIS C 121 11.65 -27.94 15.81
CA HIS C 121 10.32 -27.63 15.36
C HIS C 121 10.23 -27.19 13.90
N ILE C 122 9.31 -27.81 13.20
CA ILE C 122 9.07 -27.43 11.82
C ILE C 122 7.74 -26.66 11.83
N ASN C 123 7.85 -25.35 11.71
CA ASN C 123 6.65 -24.50 11.73
C ASN C 123 5.73 -24.51 10.51
N THR C 124 6.22 -24.97 9.35
CA THR C 124 5.42 -25.02 8.12
C THR C 124 5.34 -26.44 7.53
N THR C 125 4.58 -26.57 6.46
CA THR C 125 4.38 -27.82 5.77
C THR C 125 5.38 -27.95 4.62
N SER C 126 6.17 -26.89 4.41
CA SER C 126 7.15 -26.89 3.35
C SER C 126 8.27 -27.84 3.68
N ASP C 127 8.57 -28.76 2.78
CA ASP C 127 9.66 -29.70 3.04
C ASP C 127 11.07 -29.10 2.84
N SER C 128 11.13 -27.85 2.43
CA SER C 128 12.41 -27.17 2.28
C SER C 128 12.86 -26.83 3.66
N GLU C 129 11.88 -26.67 4.56
CA GLU C 129 12.15 -26.37 5.95
C GLU C 129 12.74 -27.61 6.57
N ILE C 130 12.13 -28.73 6.24
CA ILE C 130 12.58 -30.03 6.71
C ILE C 130 14.00 -30.19 6.18
N LEU C 131 14.16 -30.00 4.88
CA LEU C 131 15.46 -30.11 4.26
C LEU C 131 16.52 -29.28 4.97
N LEU C 132 16.22 -28.03 5.27
CA LEU C 132 17.14 -27.14 5.96
C LEU C 132 17.51 -27.70 7.32
N ASN C 133 16.49 -28.15 8.04
CA ASN C 133 16.72 -28.70 9.36
C ASN C 133 17.55 -29.99 9.38
N ILE C 134 17.32 -30.93 8.47
CA ILE C 134 18.11 -32.17 8.42
C ILE C 134 19.58 -31.78 8.20
N PHE C 135 19.80 -30.93 7.20
CA PHE C 135 21.13 -30.46 6.88
C PHE C 135 21.75 -29.77 8.08
N ALA C 136 21.00 -28.80 8.63
CA ALA C 136 21.44 -28.02 9.78
C ALA C 136 21.79 -28.88 11.01
N SER C 137 21.06 -29.99 11.21
CA SER C 137 21.35 -30.87 12.34
C SER C 137 22.66 -31.61 12.05
N GLU C 138 22.79 -32.16 10.84
CA GLU C 138 24.01 -32.86 10.50
C GLU C 138 25.22 -31.99 10.78
N LEU C 139 25.12 -30.72 10.42
CA LEU C 139 26.23 -29.79 10.57
C LEU C 139 26.49 -29.48 11.99
N ASP C 140 25.54 -29.84 12.84
CA ASP C 140 25.70 -29.55 14.26
C ASP C 140 26.64 -30.48 15.00
N ASN C 141 26.73 -31.73 14.56
CA ASN C 141 27.62 -32.67 15.21
C ASN C 141 29.08 -32.34 15.14
N PHE C 142 29.46 -31.13 14.71
CA PHE C 142 30.87 -30.77 14.64
C PHE C 142 31.10 -29.71 15.69
N ARG C 143 32.23 -29.77 16.40
CA ARG C 143 32.55 -28.81 17.46
C ARG C 143 33.45 -27.67 16.96
N HIS C 144 34.56 -28.00 16.30
CA HIS C 144 35.50 -27.01 15.79
C HIS C 144 34.90 -25.92 14.88
N TYR C 145 35.68 -24.88 14.66
CA TYR C 145 35.26 -23.78 13.82
C TYR C 145 36.48 -23.09 13.28
N PRO C 146 36.50 -22.81 11.97
CA PRO C 146 35.46 -23.07 10.95
C PRO C 146 35.36 -24.49 10.43
N LEU C 147 34.23 -24.81 9.84
CA LEU C 147 34.03 -26.12 9.27
C LEU C 147 34.85 -26.26 8.01
N GLU C 148 35.37 -27.45 7.79
CA GLU C 148 36.16 -27.74 6.62
C GLU C 148 35.24 -28.13 5.48
N ALA C 149 35.73 -27.92 4.27
CA ALA C 149 34.98 -28.28 3.10
C ALA C 149 34.46 -29.68 3.32
N ASP C 150 35.33 -30.50 3.93
CA ASP C 150 35.02 -31.90 4.22
C ASP C 150 33.79 -32.06 5.13
N ASN C 151 33.71 -31.24 6.16
CA ASN C 151 32.62 -31.33 7.11
C ASN C 151 31.36 -31.01 6.45
N ILE C 152 31.44 -30.03 5.55
CA ILE C 152 30.25 -29.64 4.81
C ILE C 152 29.82 -30.77 3.88
N PHE C 153 30.76 -31.36 3.16
CA PHE C 153 30.40 -32.43 2.24
C PHE C 153 29.88 -33.66 2.96
N ALA C 154 30.32 -33.81 4.20
CA ALA C 154 29.95 -34.96 5.03
C ALA C 154 28.52 -34.75 5.54
N ALA C 155 28.25 -33.50 5.87
CA ALA C 155 26.93 -33.13 6.34
C ALA C 155 25.94 -33.30 5.22
N ILE C 156 26.35 -32.90 4.01
CA ILE C 156 25.47 -33.04 2.85
C ILE C 156 25.25 -34.53 2.59
N ALA C 157 26.34 -35.28 2.56
CA ALA C 157 26.28 -36.72 2.31
C ALA C 157 25.32 -37.41 3.26
N ALA C 158 25.41 -37.05 4.53
CA ALA C 158 24.53 -37.64 5.55
C ALA C 158 23.10 -37.24 5.31
N THR C 159 22.93 -36.02 4.79
CA THR C 159 21.60 -35.51 4.49
C THR C 159 21.08 -36.41 3.42
N ASN C 160 21.91 -36.65 2.40
CA ASN C 160 21.48 -37.49 1.28
C ASN C 160 21.04 -38.90 1.66
N ARG C 161 21.51 -39.37 2.80
CA ARG C 161 21.14 -40.70 3.28
C ARG C 161 19.73 -40.70 3.86
N LEU C 162 19.49 -39.69 4.69
CA LEU C 162 18.23 -39.54 5.37
C LEU C 162 17.07 -39.19 4.48
N ILE C 163 17.24 -38.18 3.64
CA ILE C 163 16.15 -37.72 2.78
C ILE C 163 15.96 -38.52 1.52
N ARG C 164 14.72 -38.59 1.05
CA ARG C 164 14.42 -39.28 -0.20
C ARG C 164 13.43 -38.46 -1.03
N GLY C 165 13.67 -38.39 -2.34
CA GLY C 165 12.81 -37.62 -3.22
C GLY C 165 13.63 -36.91 -4.29
N ALA C 166 13.21 -35.71 -4.72
CA ALA C 166 13.93 -34.93 -5.75
C ALA C 166 14.27 -33.56 -5.22
N TYR C 167 15.43 -33.02 -5.59
CA TYR C 167 15.79 -31.70 -5.12
C TYR C 167 17.06 -31.11 -5.73
N ALA C 168 17.02 -29.80 -5.87
CA ALA C 168 18.13 -29.00 -6.33
C ALA C 168 18.07 -27.99 -5.20
N CYS C 169 19.21 -27.77 -4.53
CA CYS C 169 19.26 -26.85 -3.38
C CYS C 169 20.45 -25.96 -3.39
N VAL C 170 20.27 -24.71 -3.00
CA VAL C 170 21.38 -23.79 -2.89
C VAL C 170 21.20 -23.27 -1.48
N ALA C 171 22.29 -23.04 -0.75
CA ALA C 171 22.20 -22.58 0.64
C ALA C 171 23.44 -21.82 1.02
N MET C 172 23.38 -21.16 2.15
CA MET C 172 24.52 -20.38 2.62
C MET C 172 24.66 -20.61 4.10
N ILE C 173 25.91 -20.51 4.57
CA ILE C 173 26.24 -20.72 5.98
C ILE C 173 27.11 -19.57 6.36
N ILE C 174 26.73 -18.92 7.43
CA ILE C 174 27.48 -17.79 7.93
C ILE C 174 28.92 -18.17 8.28
N GLY C 175 29.85 -17.33 7.87
CA GLY C 175 31.24 -17.57 8.16
C GLY C 175 31.91 -18.55 7.24
N HIS C 176 31.15 -19.22 6.38
CA HIS C 176 31.72 -20.22 5.48
C HIS C 176 31.62 -19.93 3.98
N GLY C 177 30.45 -20.12 3.39
CA GLY C 177 30.27 -19.85 1.97
C GLY C 177 28.91 -20.29 1.44
N MET C 178 28.87 -20.76 0.20
CA MET C 178 27.62 -21.16 -0.39
C MET C 178 27.70 -22.58 -0.90
N VAL C 179 26.65 -23.34 -0.74
CA VAL C 179 26.71 -24.68 -1.23
C VAL C 179 25.47 -24.96 -2.04
N ALA C 180 25.66 -25.73 -3.10
CA ALA C 180 24.58 -26.12 -4.00
C ALA C 180 24.68 -27.64 -4.16
N PHE C 181 23.56 -28.32 -4.30
CA PHE C 181 23.59 -29.76 -4.45
C PHE C 181 22.35 -30.29 -5.15
N ARG C 182 22.48 -31.46 -5.78
CA ARG C 182 21.39 -32.07 -6.55
C ARG C 182 21.06 -33.48 -6.11
N ASP C 183 19.80 -33.86 -6.11
CA ASP C 183 19.43 -35.22 -5.71
C ASP C 183 20.25 -36.26 -6.48
N PRO C 184 20.31 -37.52 -5.98
CA PRO C 184 21.07 -38.61 -6.61
C PRO C 184 20.61 -38.97 -8.01
N ASN C 185 19.34 -38.72 -8.31
CA ASN C 185 18.83 -39.03 -9.63
C ASN C 185 18.84 -37.86 -10.58
N GLY C 186 19.53 -36.76 -10.23
CA GLY C 186 19.59 -35.57 -11.10
C GLY C 186 18.25 -35.22 -11.74
N ILE C 187 17.16 -35.40 -11.00
CA ILE C 187 15.82 -35.14 -11.50
C ILE C 187 15.62 -33.68 -11.74
N ARG C 188 15.76 -32.94 -10.66
CA ARG C 188 15.60 -31.49 -10.65
C ARG C 188 16.86 -30.83 -11.20
N PRO C 189 16.70 -29.73 -11.96
CA PRO C 189 17.81 -28.99 -12.57
C PRO C 189 18.68 -28.05 -11.73
N LEU C 190 19.96 -27.96 -12.13
CA LEU C 190 20.89 -27.05 -11.48
C LEU C 190 22.13 -26.98 -12.36
N VAL C 191 22.60 -25.77 -12.64
CA VAL C 191 23.77 -25.56 -13.47
C VAL C 191 24.70 -24.62 -12.74
N LEU C 192 25.96 -24.67 -13.15
CA LEU C 192 26.98 -23.87 -12.55
C LEU C 192 27.60 -22.98 -13.64
N GLY C 193 27.92 -21.75 -13.26
CA GLY C 193 28.54 -20.82 -14.17
C GLY C 193 29.45 -19.93 -13.35
N LYS C 194 30.28 -19.13 -14.01
CA LYS C 194 31.22 -18.27 -13.31
C LYS C 194 31.43 -17.04 -14.15
N ARG C 195 32.03 -16.02 -13.55
CA ARG C 195 32.32 -14.77 -14.23
C ARG C 195 33.64 -14.23 -13.69
N ASP C 196 34.62 -14.07 -14.56
CA ASP C 196 35.91 -13.57 -14.13
C ASP C 196 35.85 -12.07 -14.03
N ILE C 197 36.30 -11.55 -12.89
CA ILE C 197 36.34 -10.11 -12.68
C ILE C 197 37.82 -9.73 -12.92
N ASP C 198 38.69 -10.72 -12.70
CA ASP C 198 40.15 -10.63 -12.95
C ASP C 198 40.94 -11.82 -12.38
N GLU C 199 42.26 -11.71 -12.47
CA GLU C 199 43.22 -12.74 -12.02
C GLU C 199 42.91 -13.35 -10.66
N ASN C 200 42.60 -12.52 -9.67
CA ASN C 200 42.30 -13.02 -8.33
C ASN C 200 40.85 -12.93 -7.90
N ARG C 201 39.96 -12.69 -8.84
CA ARG C 201 38.54 -12.58 -8.50
C ARG C 201 37.60 -13.18 -9.54
N THR C 202 36.96 -14.27 -9.12
CA THR C 202 36.02 -14.99 -9.94
C THR C 202 34.72 -15.21 -9.17
N GLU C 203 33.61 -14.84 -9.80
CA GLU C 203 32.31 -15.00 -9.20
C GLU C 203 31.73 -16.26 -9.76
N TYR C 204 31.03 -17.04 -8.95
CA TYR C 204 30.42 -18.29 -9.39
C TYR C 204 28.96 -18.19 -9.03
N MET C 205 28.08 -18.85 -9.77
CA MET C 205 26.67 -18.80 -9.46
C MET C 205 26.07 -20.12 -9.89
N VAL C 206 24.91 -20.45 -9.32
CA VAL C 206 24.19 -21.66 -9.71
C VAL C 206 22.77 -21.18 -9.84
N ALA C 207 22.03 -21.88 -10.70
CA ALA C 207 20.64 -21.54 -10.98
C ALA C 207 19.91 -22.77 -11.52
N SER C 208 18.59 -22.76 -11.49
CA SER C 208 17.85 -23.90 -11.99
C SER C 208 18.01 -24.04 -13.51
N GLU C 209 18.17 -22.90 -14.19
CA GLU C 209 18.29 -22.84 -15.64
C GLU C 209 19.40 -21.90 -16.09
N SER C 210 20.03 -22.28 -17.19
CA SER C 210 21.14 -21.53 -17.72
C SER C 210 20.77 -20.13 -18.14
N VAL C 211 19.51 -19.92 -18.48
CA VAL C 211 19.06 -18.58 -18.89
C VAL C 211 19.44 -17.55 -17.84
N ALA C 212 19.48 -18.00 -16.59
CA ALA C 212 19.83 -17.16 -15.48
C ALA C 212 21.31 -16.80 -15.53
N LEU C 213 22.15 -17.71 -16.01
CA LEU C 213 23.59 -17.40 -16.12
C LEU C 213 23.77 -16.50 -17.32
N ASP C 214 23.12 -16.88 -18.42
CA ASP C 214 23.17 -16.11 -19.67
C ASP C 214 22.86 -14.66 -19.41
N THR C 215 21.70 -14.42 -18.85
CA THR C 215 21.29 -13.04 -18.57
C THR C 215 22.25 -12.25 -17.72
N LEU C 216 23.08 -12.92 -16.93
CA LEU C 216 24.01 -12.21 -16.05
C LEU C 216 25.43 -12.04 -16.59
N GLY C 217 25.72 -12.69 -17.70
CA GLY C 217 27.05 -12.55 -18.24
C GLY C 217 27.98 -13.53 -17.59
N PHE C 218 27.43 -14.61 -17.07
CA PHE C 218 28.21 -15.64 -16.42
C PHE C 218 28.48 -16.76 -17.46
N ASP C 219 29.74 -17.18 -17.55
CA ASP C 219 30.12 -18.24 -18.45
C ASP C 219 29.58 -19.54 -17.91
N PHE C 220 28.93 -20.29 -18.79
CA PHE C 220 28.38 -21.57 -18.42
C PHE C 220 29.50 -22.58 -18.17
N LEU C 221 29.47 -23.22 -17.01
CA LEU C 221 30.49 -24.21 -16.71
C LEU C 221 29.92 -25.59 -16.98
N ARG C 222 28.85 -25.97 -16.28
CA ARG C 222 28.24 -27.29 -16.50
C ARG C 222 27.13 -27.58 -15.53
N ASP C 223 26.35 -28.63 -15.81
CA ASP C 223 25.28 -29.04 -14.92
C ASP C 223 25.90 -29.69 -13.68
N VAL C 224 25.33 -29.39 -12.52
CA VAL C 224 25.79 -30.01 -11.32
C VAL C 224 25.35 -31.47 -11.54
N ALA C 225 26.30 -32.38 -11.46
CA ALA C 225 26.00 -33.79 -11.66
C ALA C 225 25.10 -34.28 -10.53
N PRO C 226 24.40 -35.42 -10.76
CA PRO C 226 23.49 -36.03 -9.79
C PRO C 226 24.25 -36.30 -8.51
N GLY C 227 23.61 -36.11 -7.36
CA GLY C 227 24.28 -36.36 -6.08
C GLY C 227 25.39 -35.40 -5.70
N GLU C 228 25.97 -34.71 -6.68
CA GLU C 228 27.07 -33.78 -6.44
C GLU C 228 26.73 -32.52 -5.63
N ALA C 229 27.72 -32.00 -4.91
CA ALA C 229 27.56 -30.81 -4.12
C ALA C 229 28.65 -29.87 -4.53
N ILE C 230 28.43 -28.58 -4.35
CA ILE C 230 29.40 -27.56 -4.76
C ILE C 230 29.51 -26.66 -3.55
N TYR C 231 30.72 -26.15 -3.26
CA TYR C 231 30.91 -25.29 -2.12
C TYR C 231 31.83 -24.17 -2.52
N ILE C 232 31.39 -22.92 -2.28
CA ILE C 232 32.20 -21.77 -2.63
C ILE C 232 32.40 -21.01 -1.36
N THR C 233 33.65 -20.94 -0.97
CA THR C 233 34.00 -20.26 0.24
C THR C 233 33.81 -18.77 0.03
N GLU C 234 33.65 -18.05 1.13
CA GLU C 234 33.48 -16.61 1.10
C GLU C 234 34.68 -15.90 0.50
N GLU C 235 35.76 -16.65 0.24
CA GLU C 235 36.96 -16.07 -0.35
C GLU C 235 37.05 -16.43 -1.81
N GLY C 236 36.07 -17.16 -2.30
CA GLY C 236 36.06 -17.48 -3.72
C GLY C 236 36.61 -18.83 -4.15
N GLN C 237 36.91 -19.71 -3.21
CA GLN C 237 37.45 -21.01 -3.55
C GLN C 237 36.35 -22.06 -3.79
N LEU C 238 36.45 -22.75 -4.92
CA LEU C 238 35.45 -23.74 -5.27
C LEU C 238 35.82 -25.16 -4.90
N PHE C 239 34.84 -25.88 -4.36
CA PHE C 239 35.05 -27.27 -4.01
C PHE C 239 33.86 -28.01 -4.54
N THR C 240 34.10 -29.23 -4.98
CA THR C 240 33.03 -30.07 -5.48
C THR C 240 33.31 -31.42 -4.89
N ARG C 241 32.26 -32.21 -4.75
CA ARG C 241 32.40 -33.51 -4.15
C ARG C 241 31.10 -34.21 -4.39
N GLN C 242 31.20 -35.47 -4.76
CA GLN C 242 30.04 -36.30 -5.00
C GLN C 242 29.57 -36.75 -3.61
N CYS C 243 28.35 -36.40 -3.23
CA CYS C 243 27.84 -36.79 -1.94
C CYS C 243 26.69 -37.79 -2.01
N ALA C 244 26.68 -38.65 -3.02
CA ALA C 244 25.62 -39.64 -3.13
C ALA C 244 26.22 -40.98 -3.56
N ASP C 245 25.62 -42.07 -3.10
CA ASP C 245 26.18 -43.37 -3.37
C ASP C 245 25.99 -43.85 -4.77
N ASN C 246 24.76 -43.86 -5.26
CA ASN C 246 24.54 -44.34 -6.62
C ASN C 246 23.99 -43.29 -7.54
N PRO C 247 24.80 -42.27 -7.87
CA PRO C 247 24.31 -41.22 -8.76
C PRO C 247 23.90 -41.76 -10.12
N VAL C 248 22.84 -41.17 -10.67
CA VAL C 248 22.29 -41.52 -11.97
C VAL C 248 21.65 -40.27 -12.53
N SER C 249 21.57 -40.18 -13.86
CA SER C 249 20.96 -39.06 -14.56
C SER C 249 19.53 -39.41 -15.03
N ASN C 250 18.52 -39.01 -14.26
CA ASN C 250 17.13 -39.27 -14.65
C ASN C 250 16.40 -37.94 -14.67
N PRO C 251 16.89 -36.98 -15.46
CA PRO C 251 16.31 -35.64 -15.57
C PRO C 251 14.83 -35.65 -15.91
N CYS C 252 14.10 -34.73 -15.29
CA CYS C 252 12.65 -34.63 -15.50
C CYS C 252 12.35 -34.37 -16.97
N LEU C 253 11.46 -35.17 -17.52
CA LEU C 253 11.11 -35.04 -18.93
C LEU C 253 10.20 -33.82 -19.21
N PHE C 254 9.30 -33.60 -18.27
CA PHE C 254 8.34 -32.53 -18.35
C PHE C 254 8.98 -31.17 -18.36
N GLU C 255 10.24 -31.09 -17.95
CA GLU C 255 10.92 -29.82 -17.99
C GLU C 255 11.00 -29.52 -19.47
N TYR C 256 11.48 -30.50 -20.24
CA TYR C 256 11.62 -30.32 -21.68
C TYR C 256 10.30 -30.08 -22.35
N VAL C 257 9.33 -30.93 -22.04
CA VAL C 257 8.01 -30.80 -22.62
C VAL C 257 7.40 -29.45 -22.33
N TYR C 258 7.51 -28.98 -21.10
CA TYR C 258 6.85 -27.73 -20.77
C TYR C 258 7.44 -26.76 -19.77
N PHE C 259 7.82 -27.26 -18.60
CA PHE C 259 8.31 -26.43 -17.51
C PHE C 259 9.46 -25.47 -17.68
N ALA C 260 10.43 -25.80 -18.53
CA ALA C 260 11.62 -24.96 -18.69
C ALA C 260 11.55 -23.98 -19.82
N ARG C 261 12.52 -23.07 -19.86
CA ARG C 261 12.60 -22.10 -20.93
C ARG C 261 13.28 -22.80 -22.15
N PRO C 262 12.83 -22.49 -23.38
CA PRO C 262 13.42 -23.12 -24.57
C PRO C 262 14.87 -22.76 -24.85
N ASP C 263 15.32 -21.64 -24.33
CA ASP C 263 16.70 -21.21 -24.52
C ASP C 263 17.65 -21.74 -23.43
N SER C 264 17.16 -22.69 -22.65
CA SER C 264 17.92 -23.32 -21.58
C SER C 264 18.49 -24.64 -22.06
N PHE C 265 19.72 -24.92 -21.64
CA PHE C 265 20.35 -26.19 -21.93
C PHE C 265 20.35 -27.00 -20.64
N ILE C 266 19.41 -27.92 -20.51
CA ILE C 266 19.29 -28.74 -19.30
C ILE C 266 19.83 -30.12 -19.60
N ASP C 267 20.93 -30.45 -18.93
CA ASP C 267 21.63 -31.72 -19.10
C ASP C 267 22.12 -31.90 -20.52
N LYS C 268 22.80 -30.85 -20.99
CA LYS C 268 23.35 -30.77 -22.33
C LYS C 268 22.30 -30.92 -23.44
N ILE C 269 21.04 -30.67 -23.12
CA ILE C 269 19.99 -30.77 -24.09
C ILE C 269 19.31 -29.42 -24.22
N SER C 270 19.18 -28.95 -25.45
CA SER C 270 18.51 -27.69 -25.70
C SER C 270 17.01 -27.97 -25.64
N VAL C 271 16.29 -27.17 -24.86
CA VAL C 271 14.85 -27.31 -24.70
C VAL C 271 14.21 -27.03 -26.04
N TYR C 272 14.67 -25.98 -26.70
CA TYR C 272 14.13 -25.62 -28.01
C TYR C 272 14.13 -26.83 -28.92
N SER C 273 15.35 -27.28 -29.25
CA SER C 273 15.61 -28.40 -30.13
C SER C 273 14.85 -29.62 -29.73
N ALA C 274 14.85 -29.96 -28.45
CA ALA C 274 14.11 -31.12 -28.01
C ALA C 274 12.63 -30.92 -28.39
N ARG C 275 12.12 -29.72 -28.14
CA ARG C 275 10.74 -29.38 -28.45
C ARG C 275 10.47 -29.43 -29.97
N VAL C 276 11.44 -29.02 -30.77
CA VAL C 276 11.27 -29.07 -32.23
C VAL C 276 11.12 -30.51 -32.66
N ASN C 277 11.90 -31.38 -32.02
CA ASN C 277 11.89 -32.80 -32.32
C ASN C 277 10.55 -33.39 -31.91
N MET C 278 10.02 -32.92 -30.79
CA MET C 278 8.73 -33.43 -30.35
C MET C 278 7.74 -33.25 -31.50
N GLY C 279 7.91 -32.16 -32.27
CA GLY C 279 7.08 -31.87 -33.42
C GLY C 279 7.31 -32.90 -34.52
N THR C 280 8.57 -33.06 -34.96
CA THR C 280 8.94 -34.06 -35.98
C THR C 280 8.20 -35.39 -35.66
N LYS C 281 8.41 -35.91 -34.46
CA LYS C 281 7.82 -37.17 -34.01
C LYS C 281 6.31 -37.26 -34.00
N LEU C 282 5.62 -36.20 -33.55
CA LEU C 282 4.16 -36.19 -33.50
C LEU C 282 3.67 -36.03 -34.92
N GLY C 283 4.37 -35.24 -35.73
CA GLY C 283 3.95 -35.11 -37.12
C GLY C 283 3.99 -36.49 -37.80
N GLU C 284 5.16 -37.13 -37.71
CA GLU C 284 5.36 -38.45 -38.28
C GLU C 284 4.30 -39.42 -37.77
N LYS C 285 3.85 -39.25 -36.54
CA LYS C 285 2.83 -40.14 -36.03
C LYS C 285 1.46 -39.84 -36.65
N ILE C 286 1.18 -38.58 -36.93
CA ILE C 286 -0.11 -38.21 -37.54
C ILE C 286 -0.10 -38.74 -38.95
N ALA C 287 1.01 -38.53 -39.64
CA ALA C 287 1.16 -39.01 -40.99
C ALA C 287 0.80 -40.51 -41.04
N ARG C 288 1.31 -41.30 -40.11
CA ARG C 288 1.04 -42.73 -40.13
C ARG C 288 -0.37 -43.12 -39.70
N GLU C 289 -0.73 -42.74 -38.49
CA GLU C 289 -2.02 -43.11 -37.93
C GLU C 289 -3.24 -42.37 -38.40
N TRP C 290 -3.04 -41.28 -39.12
CA TRP C 290 -4.14 -40.44 -39.58
C TRP C 290 -3.80 -40.02 -41.00
N GLU C 291 -3.77 -40.97 -41.93
CA GLU C 291 -3.44 -40.62 -43.32
C GLU C 291 -4.64 -40.05 -44.08
N ASP C 292 -5.83 -40.44 -43.64
CA ASP C 292 -7.06 -39.95 -44.25
C ASP C 292 -7.42 -38.60 -43.64
N LEU C 293 -6.44 -37.94 -43.03
CA LEU C 293 -6.65 -36.66 -42.35
C LEU C 293 -6.86 -35.47 -43.29
N ASP C 294 -8.09 -34.98 -43.34
CA ASP C 294 -8.33 -33.83 -44.18
C ASP C 294 -8.39 -32.58 -43.34
N ILE C 295 -7.26 -31.85 -43.33
CA ILE C 295 -7.13 -30.60 -42.60
C ILE C 295 -6.61 -29.57 -43.59
N ASP C 296 -6.90 -28.32 -43.33
CA ASP C 296 -6.48 -27.24 -44.21
C ASP C 296 -5.31 -26.46 -43.64
N VAL C 297 -5.13 -26.52 -42.31
CA VAL C 297 -4.06 -25.77 -41.64
C VAL C 297 -3.72 -26.27 -40.25
N VAL C 298 -2.47 -26.04 -39.84
CA VAL C 298 -1.99 -26.39 -38.51
C VAL C 298 -1.87 -25.10 -37.70
N ILE C 299 -2.57 -25.08 -36.58
CA ILE C 299 -2.62 -23.91 -35.72
C ILE C 299 -2.14 -24.32 -34.34
N PRO C 300 -1.06 -23.67 -33.85
CA PRO C 300 -0.50 -23.94 -32.53
C PRO C 300 -1.27 -23.20 -31.47
N ILE C 301 -1.28 -23.80 -30.28
CA ILE C 301 -1.90 -23.19 -29.14
C ILE C 301 -0.70 -22.64 -28.35
N PRO C 302 -0.48 -21.31 -28.45
CA PRO C 302 0.60 -20.56 -27.79
C PRO C 302 0.76 -20.95 -26.33
N GLU C 303 1.98 -20.88 -25.78
CA GLU C 303 3.17 -20.48 -26.50
C GLU C 303 3.96 -21.73 -26.86
N THR C 304 4.19 -22.59 -25.86
CA THR C 304 4.96 -23.84 -26.00
C THR C 304 4.93 -24.52 -27.38
N SER C 305 3.72 -24.71 -27.89
CA SER C 305 3.53 -25.42 -29.16
C SER C 305 3.79 -24.68 -30.46
N CYS C 306 4.19 -23.41 -30.42
CA CYS C 306 4.44 -22.63 -31.63
C CYS C 306 5.45 -23.23 -32.63
N ASP C 307 6.60 -23.66 -32.17
CA ASP C 307 7.58 -24.26 -33.09
C ASP C 307 7.39 -25.76 -33.28
N ILE C 308 6.70 -26.38 -32.32
CA ILE C 308 6.37 -27.81 -32.37
C ILE C 308 5.35 -27.93 -33.50
N ALA C 309 4.35 -27.05 -33.50
CA ALA C 309 3.33 -27.05 -34.53
C ALA C 309 3.94 -26.74 -35.92
N LEU C 310 4.92 -25.82 -35.96
CA LEU C 310 5.57 -25.47 -37.22
C LEU C 310 6.25 -26.68 -37.85
N GLU C 311 6.77 -27.57 -37.00
CA GLU C 311 7.41 -28.77 -37.46
C GLU C 311 6.35 -29.75 -37.94
N ILE C 312 5.27 -29.93 -37.19
CA ILE C 312 4.21 -30.84 -37.58
C ILE C 312 3.63 -30.42 -38.94
N ALA C 313 3.62 -29.13 -39.21
CA ALA C 313 3.11 -28.64 -40.48
C ALA C 313 4.09 -29.07 -41.57
N ARG C 314 5.39 -28.85 -41.33
CA ARG C 314 6.41 -29.24 -42.29
C ARG C 314 6.27 -30.73 -42.68
N ILE C 315 6.28 -31.60 -41.66
CA ILE C 315 6.15 -33.03 -41.87
C ILE C 315 4.86 -33.39 -42.63
N LEU C 316 3.72 -32.84 -42.23
CA LEU C 316 2.47 -33.12 -42.93
C LEU C 316 2.30 -32.35 -44.27
N GLY C 317 3.23 -31.45 -44.58
CA GLY C 317 3.14 -30.65 -45.78
C GLY C 317 1.86 -29.81 -45.85
N LYS C 318 1.38 -29.39 -44.69
CA LYS C 318 0.17 -28.58 -44.60
C LYS C 318 0.61 -27.18 -44.20
N PRO C 319 -0.23 -26.16 -44.45
CA PRO C 319 0.15 -24.78 -44.08
C PRO C 319 0.02 -24.46 -42.59
N TYR C 320 0.92 -23.61 -42.11
CA TYR C 320 0.97 -23.21 -40.70
C TYR C 320 0.54 -21.76 -40.51
N ARG C 321 -0.49 -21.54 -39.70
CA ARG C 321 -0.99 -20.19 -39.47
C ARG C 321 -1.26 -19.93 -37.99
N GLN C 322 -1.09 -18.69 -37.57
CA GLN C 322 -1.33 -18.34 -36.19
C GLN C 322 -2.79 -18.02 -35.90
N GLY C 323 -3.55 -19.07 -35.58
CA GLY C 323 -4.97 -18.93 -35.29
C GLY C 323 -5.30 -18.34 -33.95
N PHE C 324 -4.42 -18.50 -32.97
CA PHE C 324 -4.69 -17.95 -31.64
C PHE C 324 -3.62 -16.98 -31.23
N VAL C 325 -3.99 -16.05 -30.37
CA VAL C 325 -3.06 -15.04 -29.86
C VAL C 325 -3.24 -15.07 -28.36
N LYS C 326 -2.15 -15.17 -27.63
CA LYS C 326 -2.19 -15.23 -26.16
C LYS C 326 -2.11 -13.83 -25.61
N ASN C 327 -3.08 -13.45 -24.79
CA ASN C 327 -3.10 -12.12 -24.22
C ASN C 327 -1.87 -11.90 -23.33
N ARG C 328 -1.13 -10.85 -23.58
CA ARG C 328 0.07 -10.61 -22.81
C ARG C 328 -0.23 -10.17 -21.40
N TYR C 329 -1.42 -9.60 -21.20
CA TYR C 329 -1.82 -9.13 -19.89
C TYR C 329 -3.19 -9.75 -19.60
N VAL C 330 -3.34 -10.27 -18.41
CA VAL C 330 -4.59 -10.85 -18.00
C VAL C 330 -4.73 -10.17 -16.65
N GLY C 331 -5.96 -9.99 -16.21
CA GLY C 331 -6.17 -9.32 -14.93
C GLY C 331 -7.02 -10.14 -13.98
N ARG C 332 -7.40 -9.52 -12.89
CA ARG C 332 -8.20 -10.14 -11.85
C ARG C 332 -9.68 -10.24 -12.30
N THR C 333 -10.44 -11.14 -11.70
CA THR C 333 -11.88 -11.23 -11.97
C THR C 333 -12.50 -10.96 -10.61
N PHE C 334 -13.25 -9.87 -10.51
CA PHE C 334 -13.87 -9.46 -9.25
C PHE C 334 -15.19 -10.07 -8.81
N ILE C 335 -15.23 -10.33 -7.51
CA ILE C 335 -16.38 -10.92 -6.84
C ILE C 335 -17.47 -9.91 -6.57
N MET C 336 -18.48 -9.85 -7.43
CA MET C 336 -19.58 -8.90 -7.26
C MET C 336 -20.92 -9.61 -6.97
N PRO C 337 -21.63 -10.15 -7.99
CA PRO C 337 -22.91 -10.83 -7.70
C PRO C 337 -22.76 -12.37 -7.64
N GLY C 338 -23.79 -13.05 -7.13
CA GLY C 338 -23.79 -14.51 -7.05
C GLY C 338 -22.52 -15.16 -6.52
N GLN C 339 -21.74 -14.35 -5.80
CA GLN C 339 -20.47 -14.69 -5.18
C GLN C 339 -19.58 -15.82 -5.74
N GLN C 340 -18.35 -15.43 -6.07
CA GLN C 340 -17.30 -16.32 -6.60
C GLN C 340 -17.38 -16.75 -8.08
N LEU C 341 -18.29 -17.66 -8.42
CA LEU C 341 -18.40 -18.15 -9.80
C LEU C 341 -17.03 -18.71 -10.22
N ARG C 342 -16.95 -19.28 -11.42
CA ARG C 342 -15.69 -19.85 -11.87
C ARG C 342 -14.51 -18.92 -12.07
N ARG C 343 -14.78 -17.61 -12.03
CA ARG C 343 -13.76 -16.57 -12.20
C ARG C 343 -12.85 -16.75 -13.42
N LYS C 344 -11.98 -17.76 -13.39
CA LYS C 344 -11.07 -18.03 -14.49
C LYS C 344 -11.72 -18.72 -15.67
N SER C 345 -11.41 -18.18 -16.84
CA SER C 345 -11.90 -18.63 -18.14
C SER C 345 -10.76 -18.50 -19.16
N VAL C 346 -10.69 -19.40 -20.14
CA VAL C 346 -9.63 -19.36 -21.15
C VAL C 346 -9.82 -18.18 -22.10
N ARG C 347 -11.07 -17.79 -22.33
CA ARG C 347 -11.41 -16.65 -23.19
C ARG C 347 -10.67 -15.36 -22.76
N ARG C 348 -10.19 -15.34 -21.52
CA ARG C 348 -9.46 -14.22 -20.95
C ARG C 348 -7.94 -14.33 -21.21
N LYS C 349 -7.50 -15.52 -21.55
CA LYS C 349 -6.10 -15.79 -21.83
C LYS C 349 -5.75 -15.83 -23.30
N LEU C 350 -6.68 -16.33 -24.12
CA LEU C 350 -6.45 -16.50 -25.54
C LEU C 350 -7.51 -15.88 -26.39
N ASN C 351 -7.12 -15.45 -27.59
CA ASN C 351 -8.10 -14.94 -28.54
C ASN C 351 -7.87 -15.60 -29.86
N ALA C 352 -8.97 -15.95 -30.53
CA ALA C 352 -8.91 -16.58 -31.84
C ALA C 352 -8.97 -15.54 -32.94
N ASN C 353 -8.06 -15.64 -33.87
CA ASN C 353 -8.04 -14.73 -34.97
C ASN C 353 -9.07 -15.29 -35.97
N ARG C 354 -10.35 -14.98 -35.76
CA ARG C 354 -11.47 -15.47 -36.61
C ARG C 354 -11.19 -15.94 -38.07
N ALA C 355 -10.52 -15.08 -38.82
CA ALA C 355 -10.19 -15.33 -40.21
C ALA C 355 -9.55 -16.68 -40.48
N GLU C 356 -8.67 -17.11 -39.58
CA GLU C 356 -7.93 -18.37 -39.75
C GLU C 356 -8.70 -19.64 -39.55
N PHE C 357 -9.93 -19.55 -39.07
CA PHE C 357 -10.74 -20.75 -38.81
C PHE C 357 -11.89 -20.89 -39.74
N ARG C 358 -12.41 -19.76 -40.18
CA ARG C 358 -13.56 -19.71 -41.07
C ARG C 358 -13.51 -20.70 -42.21
N ASP C 359 -14.46 -21.63 -42.15
CA ASP C 359 -14.63 -22.68 -43.14
C ASP C 359 -13.44 -23.55 -43.48
N LYS C 360 -12.69 -23.95 -42.44
CA LYS C 360 -11.51 -24.82 -42.55
C LYS C 360 -11.54 -25.96 -41.51
N ASN C 361 -10.92 -27.10 -41.85
CA ASN C 361 -10.77 -28.25 -40.93
C ASN C 361 -9.39 -27.93 -40.35
N VAL C 362 -9.26 -27.86 -39.03
CA VAL C 362 -7.97 -27.50 -38.46
C VAL C 362 -7.39 -28.48 -37.48
N LEU C 363 -6.06 -28.44 -37.36
CA LEU C 363 -5.28 -29.29 -36.44
C LEU C 363 -4.63 -28.37 -35.42
N LEU C 364 -5.10 -28.46 -34.19
CA LEU C 364 -4.63 -27.63 -33.09
C LEU C 364 -3.63 -28.45 -32.36
N VAL C 365 -2.50 -27.83 -32.10
CA VAL C 365 -1.41 -28.48 -31.40
C VAL C 365 -1.18 -27.84 -30.07
N ASP C 366 -1.23 -28.65 -29.03
CA ASP C 366 -0.99 -28.17 -27.68
C ASP C 366 0.06 -29.06 -27.07
N ASP C 367 0.84 -28.46 -26.18
CA ASP C 367 1.92 -29.14 -25.48
C ASP C 367 1.51 -30.34 -24.62
N SER C 368 0.37 -30.29 -23.97
CA SER C 368 -0.06 -31.38 -23.12
C SER C 368 -1.50 -31.15 -22.74
N ILE C 369 -2.04 -32.13 -22.03
CA ILE C 369 -3.42 -32.08 -21.56
C ILE C 369 -3.46 -32.60 -20.15
N VAL C 370 -3.88 -31.76 -19.22
CA VAL C 370 -3.94 -32.17 -17.83
C VAL C 370 -5.38 -32.39 -17.34
N ARG C 371 -6.10 -31.30 -17.19
CA ARG C 371 -7.50 -31.33 -16.77
C ARG C 371 -8.41 -31.41 -17.99
N GLY C 372 -7.98 -30.80 -19.09
CA GLY C 372 -8.75 -30.82 -20.32
C GLY C 372 -9.64 -29.62 -20.60
N THR C 373 -10.04 -28.90 -19.56
CA THR C 373 -10.90 -27.71 -19.70
C THR C 373 -10.44 -26.73 -20.78
N THR C 374 -9.14 -26.40 -20.75
CA THR C 374 -8.53 -25.51 -21.71
C THR C 374 -8.81 -26.06 -23.13
N SER C 375 -8.40 -27.29 -23.38
CA SER C 375 -8.58 -27.98 -24.66
C SER C 375 -10.02 -27.88 -25.15
N GLU C 376 -10.96 -28.19 -24.26
CA GLU C 376 -12.38 -28.16 -24.58
C GLU C 376 -12.84 -26.79 -25.00
N GLN C 377 -12.47 -25.80 -24.19
CA GLN C 377 -12.82 -24.45 -24.48
C GLN C 377 -12.11 -23.96 -25.73
N ILE C 378 -10.84 -24.27 -25.88
CA ILE C 378 -10.10 -23.86 -27.07
C ILE C 378 -10.81 -24.41 -28.30
N ILE C 379 -11.34 -25.61 -28.17
CA ILE C 379 -12.04 -26.23 -29.26
C ILE C 379 -13.30 -25.46 -29.55
N GLU C 380 -14.07 -25.15 -28.52
CA GLU C 380 -15.27 -24.35 -28.73
C GLU C 380 -14.91 -23.08 -29.48
N MET C 381 -13.83 -22.42 -29.06
CA MET C 381 -13.39 -21.19 -29.70
C MET C 381 -13.14 -21.37 -31.18
N ALA C 382 -12.57 -22.51 -31.55
CA ALA C 382 -12.30 -22.84 -32.94
C ALA C 382 -13.62 -22.96 -33.71
N ARG C 383 -14.57 -23.71 -33.14
CA ARG C 383 -15.88 -23.92 -33.73
C ARG C 383 -16.59 -22.58 -33.92
N GLU C 384 -16.59 -21.74 -32.89
CA GLU C 384 -17.22 -20.44 -32.98
C GLU C 384 -16.55 -19.55 -34.04
N ALA C 385 -15.27 -19.75 -34.30
CA ALA C 385 -14.62 -18.93 -35.31
C ALA C 385 -14.93 -19.39 -36.72
N GLY C 386 -15.76 -20.42 -36.84
CA GLY C 386 -16.11 -20.91 -38.15
C GLY C 386 -15.35 -22.14 -38.63
N ALA C 387 -14.70 -22.85 -37.73
CA ALA C 387 -13.97 -24.04 -38.11
C ALA C 387 -14.98 -25.19 -38.35
N LYS C 388 -14.71 -25.99 -39.37
CA LYS C 388 -15.56 -27.12 -39.68
C LYS C 388 -15.19 -28.26 -38.73
N LYS C 389 -14.12 -28.98 -39.03
CA LYS C 389 -13.65 -30.09 -38.20
C LYS C 389 -12.42 -29.61 -37.46
N VAL C 390 -12.37 -29.89 -36.17
CA VAL C 390 -11.26 -29.45 -35.35
C VAL C 390 -10.59 -30.70 -34.79
N TYR C 391 -9.29 -30.84 -35.02
CA TYR C 391 -8.54 -31.99 -34.51
C TYR C 391 -7.51 -31.47 -33.52
N LEU C 392 -7.21 -32.26 -32.49
CA LEU C 392 -6.22 -31.84 -31.48
C LEU C 392 -5.10 -32.85 -31.29
N ALA C 393 -3.88 -32.34 -31.32
CA ALA C 393 -2.68 -33.13 -31.14
C ALA C 393 -1.94 -32.66 -29.88
N SER C 394 -1.56 -33.59 -29.03
CA SER C 394 -0.83 -33.28 -27.78
C SER C 394 0.64 -33.71 -27.89
N ALA C 395 1.54 -32.74 -27.74
CA ALA C 395 3.00 -32.95 -27.82
C ALA C 395 3.51 -33.90 -26.72
N ALA C 396 2.67 -34.10 -25.71
CA ALA C 396 3.00 -34.96 -24.60
C ALA C 396 2.00 -36.10 -24.50
N PRO C 397 2.44 -37.25 -23.97
CA PRO C 397 1.58 -38.42 -23.81
C PRO C 397 0.53 -38.10 -22.77
N GLU C 398 -0.42 -39.01 -22.58
CA GLU C 398 -1.48 -38.81 -21.60
C GLU C 398 -0.85 -38.68 -20.19
N ILE C 399 -1.36 -37.75 -19.40
CA ILE C 399 -0.86 -37.53 -18.05
C ILE C 399 -1.83 -38.23 -17.13
N ARG C 400 -1.41 -39.32 -16.51
CA ARG C 400 -2.32 -40.08 -15.64
C ARG C 400 -1.91 -40.35 -14.20
N PHE C 401 -0.65 -40.12 -13.84
CA PHE C 401 -0.16 -40.40 -12.49
C PHE C 401 0.37 -39.18 -11.74
N PRO C 402 0.48 -39.28 -10.41
CA PRO C 402 0.97 -38.15 -9.63
C PRO C 402 2.46 -37.94 -9.79
N ASN C 403 2.93 -36.69 -9.72
CA ASN C 403 4.36 -36.41 -9.81
C ASN C 403 4.68 -36.01 -8.43
N VAL C 404 5.37 -36.88 -7.73
CA VAL C 404 5.75 -36.62 -6.35
C VAL C 404 7.15 -36.06 -6.28
N TYR C 405 7.65 -35.56 -7.41
CA TYR C 405 9.02 -35.04 -7.48
C TYR C 405 9.21 -33.51 -7.59
N GLY C 406 8.19 -32.73 -7.26
CA GLY C 406 8.35 -31.28 -7.33
C GLY C 406 7.61 -30.54 -8.45
N ILE C 407 6.66 -31.21 -9.08
CA ILE C 407 5.89 -30.59 -10.13
C ILE C 407 4.45 -30.72 -9.70
N ASP C 408 3.81 -29.57 -9.44
CA ASP C 408 2.41 -29.55 -8.99
C ASP C 408 1.55 -30.15 -10.09
N MET C 409 0.84 -31.21 -9.74
CA MET C 409 -0.04 -31.90 -10.68
C MET C 409 -1.37 -31.96 -9.94
N PRO C 410 -2.49 -32.18 -10.65
CA PRO C 410 -3.78 -32.25 -9.94
C PRO C 410 -3.93 -33.62 -9.32
N SER C 411 -4.99 -33.81 -8.54
CA SER C 411 -5.21 -35.13 -7.96
C SER C 411 -5.57 -36.02 -9.15
N ALA C 412 -5.23 -37.30 -9.08
CA ALA C 412 -5.51 -38.19 -10.18
C ALA C 412 -6.95 -38.04 -10.63
N THR C 413 -7.88 -37.94 -9.70
CA THR C 413 -9.27 -37.80 -10.08
C THR C 413 -9.66 -36.48 -10.78
N GLU C 414 -8.69 -35.57 -10.95
CA GLU C 414 -8.87 -34.27 -11.63
C GLU C 414 -8.17 -34.31 -13.01
N LEU C 415 -7.45 -35.40 -13.23
CA LEU C 415 -6.73 -35.63 -14.46
C LEU C 415 -7.69 -36.31 -15.42
N ILE C 416 -8.06 -35.62 -16.50
CA ILE C 416 -9.01 -36.13 -17.49
C ILE C 416 -8.59 -37.45 -18.12
N ALA C 417 -7.29 -37.64 -18.31
CA ALA C 417 -6.79 -38.89 -18.89
C ALA C 417 -6.90 -40.02 -17.86
N HIS C 418 -7.02 -39.63 -16.60
CA HIS C 418 -7.10 -40.61 -15.53
C HIS C 418 -8.30 -41.54 -15.68
N GLY C 419 -8.02 -42.77 -16.07
CA GLY C 419 -9.07 -43.77 -16.20
C GLY C 419 -10.00 -43.55 -17.36
N ARG C 420 -9.44 -43.00 -18.44
CA ARG C 420 -10.21 -42.74 -19.62
C ARG C 420 -9.42 -43.07 -20.86
N GLU C 421 -10.13 -43.64 -21.83
CA GLU C 421 -9.50 -43.98 -23.09
C GLU C 421 -9.48 -42.73 -23.97
N VAL C 422 -8.50 -42.64 -24.87
CA VAL C 422 -8.38 -41.49 -25.76
C VAL C 422 -9.71 -41.03 -26.37
N ASP C 423 -10.58 -41.96 -26.69
CA ASP C 423 -11.82 -41.58 -27.32
C ASP C 423 -12.79 -40.95 -26.35
N GLU C 424 -12.77 -41.43 -25.11
CA GLU C 424 -13.67 -40.88 -24.12
C GLU C 424 -13.22 -39.45 -23.84
N ILE C 425 -11.91 -39.19 -23.89
CA ILE C 425 -11.39 -37.85 -23.67
C ILE C 425 -11.74 -37.00 -24.89
N ARG C 426 -11.50 -37.53 -26.08
CA ARG C 426 -11.82 -36.79 -27.31
C ARG C 426 -13.27 -36.29 -27.20
N GLN C 427 -14.13 -37.20 -26.74
CA GLN C 427 -15.57 -36.93 -26.57
C GLN C 427 -15.84 -35.82 -25.55
N ILE C 428 -15.28 -35.96 -24.35
CA ILE C 428 -15.48 -34.97 -23.33
C ILE C 428 -15.01 -33.58 -23.78
N ILE C 429 -13.87 -33.52 -24.47
CA ILE C 429 -13.35 -32.23 -24.93
C ILE C 429 -13.98 -31.75 -26.24
N GLY C 430 -14.79 -32.61 -26.85
CA GLY C 430 -15.49 -32.26 -28.08
C GLY C 430 -14.64 -32.06 -29.32
N ALA C 431 -13.54 -32.78 -29.43
CA ALA C 431 -12.68 -32.66 -30.60
C ALA C 431 -13.17 -33.67 -31.60
N ASP C 432 -12.98 -33.38 -32.88
CA ASP C 432 -13.40 -34.36 -33.88
C ASP C 432 -12.41 -35.51 -33.94
N GLY C 433 -11.16 -35.21 -33.57
CA GLY C 433 -10.09 -36.18 -33.56
C GLY C 433 -9.09 -35.79 -32.49
N LEU C 434 -8.54 -36.79 -31.78
CA LEU C 434 -7.56 -36.57 -30.71
C LEU C 434 -6.39 -37.57 -30.79
N ILE C 435 -5.18 -37.03 -30.73
CA ILE C 435 -3.98 -37.84 -30.81
C ILE C 435 -2.87 -37.34 -29.84
N PHE C 436 -2.29 -38.27 -29.05
CA PHE C 436 -1.21 -37.93 -28.12
C PHE C 436 0.11 -38.41 -28.66
N GLN C 437 1.19 -37.85 -28.13
CA GLN C 437 2.55 -38.26 -28.47
C GLN C 437 2.79 -39.64 -27.80
N ASP C 438 3.65 -40.48 -28.36
CA ASP C 438 3.95 -41.78 -27.73
C ASP C 438 5.08 -41.51 -26.77
N LEU C 439 5.02 -42.08 -25.57
CA LEU C 439 6.08 -41.82 -24.60
C LEU C 439 7.45 -42.16 -25.17
N ASN C 440 7.53 -43.23 -25.91
CA ASN C 440 8.82 -43.59 -26.48
C ASN C 440 9.25 -42.51 -27.46
N ASP C 441 8.31 -42.01 -28.26
CA ASP C 441 8.64 -40.97 -29.21
C ASP C 441 9.17 -39.74 -28.51
N LEU C 442 8.55 -39.40 -27.39
CA LEU C 442 8.97 -38.22 -26.65
C LEU C 442 10.38 -38.46 -26.16
N ILE C 443 10.58 -39.62 -25.53
CA ILE C 443 11.87 -40.00 -25.00
C ILE C 443 12.96 -39.86 -26.06
N ASP C 444 12.70 -40.39 -27.25
CA ASP C 444 13.66 -40.32 -28.36
C ASP C 444 13.85 -38.87 -28.81
N ALA C 445 12.73 -38.15 -28.83
CA ALA C 445 12.75 -36.76 -29.23
C ALA C 445 13.72 -35.94 -28.36
N VAL C 446 13.74 -36.22 -27.05
CA VAL C 446 14.61 -35.53 -26.12
C VAL C 446 16.00 -36.20 -26.03
N ARG C 447 16.01 -37.54 -25.92
CA ARG C 447 17.24 -38.34 -25.87
C ARG C 447 18.19 -38.01 -27.03
N ALA C 448 17.60 -37.80 -28.21
CA ALA C 448 18.29 -37.47 -29.43
C ALA C 448 19.27 -36.31 -29.24
N GLU C 449 19.09 -35.50 -28.20
CA GLU C 449 19.96 -34.34 -28.00
C GLU C 449 21.14 -34.65 -27.13
N ASN C 450 21.01 -35.75 -26.41
CA ASN C 450 22.05 -36.20 -25.53
C ASN C 450 21.74 -37.63 -25.21
N PRO C 451 22.29 -38.55 -26.04
CA PRO C 451 22.10 -40.00 -25.90
C PRO C 451 22.65 -40.55 -24.59
N ASP C 452 23.62 -39.87 -23.97
CA ASP C 452 24.16 -40.31 -22.69
C ASP C 452 23.07 -40.39 -21.59
N ILE C 453 21.92 -39.76 -21.85
CA ILE C 453 20.80 -39.84 -20.90
C ILE C 453 20.00 -41.09 -21.32
N GLN C 454 20.11 -42.17 -20.56
CA GLN C 454 19.42 -43.41 -20.90
C GLN C 454 18.01 -43.45 -20.34
N GLN C 455 17.75 -42.71 -19.27
CA GLN C 455 16.42 -42.76 -18.67
C GLN C 455 15.95 -41.44 -18.08
N PHE C 456 14.69 -41.12 -18.31
CA PHE C 456 14.14 -39.87 -17.83
C PHE C 456 13.17 -40.10 -16.69
N GLU C 457 12.94 -39.04 -15.93
CA GLU C 457 11.96 -39.11 -14.85
C GLU C 457 10.62 -38.79 -15.53
N CYS C 458 9.80 -39.82 -15.78
CA CYS C 458 8.49 -39.56 -16.39
C CYS C 458 7.35 -40.31 -15.76
N SER C 459 7.24 -40.21 -14.44
CA SER C 459 6.18 -40.86 -13.71
C SER C 459 4.78 -40.40 -14.10
N VAL C 460 4.60 -39.09 -14.34
CA VAL C 460 3.27 -38.55 -14.69
C VAL C 460 2.64 -39.28 -15.88
N PHE C 461 3.51 -39.71 -16.79
CA PHE C 461 3.10 -40.43 -17.97
C PHE C 461 2.95 -41.95 -17.73
N ASN C 462 4.04 -42.61 -17.32
CA ASN C 462 3.99 -44.07 -17.11
C ASN C 462 3.64 -44.61 -15.72
N GLY C 463 3.94 -43.88 -14.66
CA GLY C 463 3.62 -44.40 -13.32
C GLY C 463 4.79 -45.20 -12.74
N VAL C 464 5.96 -44.97 -13.34
CA VAL C 464 7.18 -45.61 -12.95
C VAL C 464 8.02 -44.58 -12.20
N TYR C 465 8.18 -44.82 -10.92
CA TYR C 465 8.96 -43.91 -10.10
C TYR C 465 10.41 -44.34 -9.97
N VAL C 466 11.30 -43.49 -10.46
CA VAL C 466 12.71 -43.79 -10.44
C VAL C 466 13.38 -43.75 -9.07
N THR C 467 12.76 -43.14 -8.07
CA THR C 467 13.42 -43.12 -6.76
C THR C 467 13.14 -44.35 -5.94
N LYS C 468 14.21 -44.82 -5.30
CA LYS C 468 14.22 -46.00 -4.45
C LYS C 468 13.19 -46.04 -3.31
N ASP C 469 12.85 -44.89 -2.74
CA ASP C 469 11.91 -44.90 -1.65
C ASP C 469 10.44 -45.22 -1.97
N VAL C 470 9.93 -44.77 -3.10
CA VAL C 470 8.52 -45.00 -3.43
C VAL C 470 8.14 -46.48 -3.37
N ASP C 471 9.11 -47.32 -3.75
CA ASP C 471 9.02 -48.80 -3.77
C ASP C 471 8.82 -49.27 -2.33
N GLN C 472 9.90 -49.21 -1.55
CA GLN C 472 9.90 -49.57 -0.14
C GLN C 472 9.12 -48.52 0.69
N GLY C 473 8.09 -47.94 0.08
CA GLY C 473 7.29 -46.93 0.74
C GLY C 473 5.87 -47.41 0.96
N TYR C 474 5.27 -47.96 -0.09
CA TYR C 474 3.91 -48.47 0.06
C TYR C 474 3.98 -49.96 0.35
N LEU C 475 5.15 -50.55 0.15
CA LEU C 475 5.36 -51.96 0.46
C LEU C 475 5.19 -52.12 1.95
N ASP C 476 5.52 -51.07 2.71
CA ASP C 476 5.32 -51.09 4.15
C ASP C 476 3.85 -50.80 4.45
N PHE C 477 3.13 -50.26 3.45
CA PHE C 477 1.70 -49.97 3.56
C PHE C 477 1.00 -51.32 3.36
N LEU C 478 1.54 -52.13 2.46
CA LEU C 478 1.01 -53.46 2.20
C LEU C 478 1.16 -54.31 3.45
N ASP C 479 2.35 -54.23 4.04
CA ASP C 479 2.68 -54.98 5.26
C ASP C 479 1.77 -54.66 6.43
N THR C 480 0.85 -53.70 6.24
CA THR C 480 -0.08 -53.34 7.31
C THR C 480 -1.44 -54.04 7.14
N LEU C 481 -1.76 -54.43 5.90
CA LEU C 481 -3.03 -55.12 5.64
C LEU C 481 -2.84 -56.64 5.59
N ARG C 482 -2.29 -57.18 6.68
CA ARG C 482 -2.07 -58.61 6.83
C ARG C 482 -2.29 -59.00 8.29
N CYS D 1 -2.50 5.46 -27.08
CA CYS D 1 -3.62 5.32 -26.10
C CYS D 1 -4.64 4.38 -26.71
N GLY D 2 -5.59 3.87 -25.91
CA GLY D 2 -6.60 2.96 -26.42
C GLY D 2 -7.91 3.35 -25.75
N ILE D 3 -9.04 3.23 -26.45
CA ILE D 3 -10.32 3.61 -25.84
C ILE D 3 -11.38 2.53 -26.00
N VAL D 4 -12.34 2.48 -25.07
CA VAL D 4 -13.41 1.51 -25.11
C VAL D 4 -14.59 2.25 -24.52
N GLY D 5 -15.78 1.83 -24.89
CA GLY D 5 -16.99 2.44 -24.35
C GLY D 5 -18.05 1.39 -24.53
N ILE D 6 -18.89 1.15 -23.55
CA ILE D 6 -19.92 0.16 -23.72
C ILE D 6 -21.24 0.74 -23.24
N ALA D 7 -22.30 0.52 -24.02
CA ALA D 7 -23.66 0.96 -23.72
C ALA D 7 -24.46 -0.34 -23.55
N GLY D 8 -24.73 -0.75 -22.31
CA GLY D 8 -25.43 -1.99 -22.10
C GLY D 8 -26.57 -2.04 -21.14
N VAL D 9 -27.06 -3.27 -20.92
CA VAL D 9 -28.20 -3.54 -20.06
C VAL D 9 -27.75 -4.19 -18.75
N MET D 10 -26.45 -4.35 -18.58
CA MET D 10 -25.93 -4.95 -17.37
C MET D 10 -24.61 -4.29 -17.04
N PRO D 11 -24.19 -4.29 -15.76
CA PRO D 11 -22.96 -3.72 -15.20
C PRO D 11 -21.78 -3.83 -16.14
N VAL D 12 -21.19 -2.70 -16.47
CA VAL D 12 -20.10 -2.69 -17.39
C VAL D 12 -18.72 -2.66 -16.78
N ASN D 13 -18.63 -2.39 -15.47
CA ASN D 13 -17.32 -2.33 -14.79
C ASN D 13 -16.29 -3.41 -15.14
N GLN D 14 -16.66 -4.68 -14.99
CA GLN D 14 -15.75 -5.77 -15.35
C GLN D 14 -15.51 -5.80 -16.88
N SER D 15 -16.56 -5.63 -17.67
CA SER D 15 -16.38 -5.69 -19.11
C SER D 15 -15.39 -4.66 -19.61
N ILE D 16 -15.47 -3.43 -19.15
CA ILE D 16 -14.52 -2.42 -19.63
C ILE D 16 -13.11 -2.77 -19.23
N TYR D 17 -12.96 -3.28 -18.00
CA TYR D 17 -11.68 -3.65 -17.43
C TYR D 17 -11.06 -4.76 -18.24
N ASP D 18 -11.88 -5.73 -18.64
CA ASP D 18 -11.41 -6.81 -19.47
C ASP D 18 -11.09 -6.30 -20.88
N ALA D 19 -11.92 -5.42 -21.42
CA ALA D 19 -11.66 -4.85 -22.74
C ALA D 19 -10.33 -4.09 -22.71
N LEU D 20 -10.15 -3.25 -21.69
CA LEU D 20 -8.90 -2.51 -21.55
C LEU D 20 -7.73 -3.47 -21.35
N THR D 21 -7.96 -4.64 -20.77
CA THR D 21 -6.80 -5.49 -20.56
C THR D 21 -6.25 -5.97 -21.88
N VAL D 22 -7.14 -6.25 -22.83
CA VAL D 22 -6.68 -6.68 -24.17
C VAL D 22 -6.24 -5.49 -25.01
N LEU D 23 -6.36 -4.27 -24.50
CA LEU D 23 -5.90 -3.09 -25.24
C LEU D 23 -4.72 -2.46 -24.50
N GLN D 24 -4.26 -3.12 -23.43
CA GLN D 24 -3.18 -2.60 -22.59
C GLN D 24 -1.90 -2.30 -23.36
N HIS D 25 -1.69 -3.01 -24.45
CA HIS D 25 -0.51 -2.81 -25.27
C HIS D 25 -0.47 -1.42 -25.89
N ARG D 26 -1.60 -0.73 -25.88
CA ARG D 26 -1.67 0.61 -26.46
C ARG D 26 -1.17 1.71 -25.50
N GLY D 27 -1.06 1.38 -24.21
CA GLY D 27 -0.60 2.35 -23.24
C GLY D 27 -0.54 1.74 -21.86
N GLN D 28 0.65 1.66 -21.26
CA GLN D 28 0.80 1.04 -19.94
C GLN D 28 1.09 2.08 -18.87
N ASP D 29 0.90 3.34 -19.22
CA ASP D 29 1.21 4.44 -18.33
C ASP D 29 0.09 4.88 -17.40
N ALA D 30 -1.14 4.76 -17.86
CA ALA D 30 -2.24 5.13 -17.02
C ALA D 30 -3.49 4.46 -17.54
N ALA D 31 -4.53 4.49 -16.74
CA ALA D 31 -5.79 3.90 -17.14
C ALA D 31 -6.88 4.51 -16.30
N GLY D 32 -8.07 4.53 -16.86
CA GLY D 32 -9.19 5.07 -16.13
C GLY D 32 -10.44 4.49 -16.70
N ILE D 33 -11.48 4.49 -15.89
CA ILE D 33 -12.82 4.01 -16.27
C ILE D 33 -13.82 4.92 -15.55
N ILE D 34 -14.90 5.27 -16.26
CA ILE D 34 -15.97 6.08 -15.70
C ILE D 34 -17.27 5.46 -16.16
N THR D 35 -18.24 5.39 -15.27
CA THR D 35 -19.52 4.78 -15.57
C THR D 35 -20.58 5.78 -15.14
N ILE D 36 -21.83 5.52 -15.52
CA ILE D 36 -22.93 6.39 -15.12
C ILE D 36 -23.82 5.47 -14.30
N ASP D 37 -23.95 5.78 -13.04
CA ASP D 37 -24.77 4.95 -12.17
C ASP D 37 -26.26 5.14 -12.40
N ALA D 38 -27.04 4.45 -11.58
CA ALA D 38 -28.49 4.51 -11.67
C ALA D 38 -29.06 5.84 -11.28
N ASN D 39 -28.30 6.65 -10.56
CA ASN D 39 -28.82 7.96 -10.14
C ASN D 39 -28.30 9.02 -11.09
N ASN D 40 -27.77 8.60 -12.24
CA ASN D 40 -27.24 9.53 -13.22
C ASN D 40 -26.09 10.37 -12.74
N CYS D 41 -25.06 9.68 -12.21
CA CYS D 41 -23.84 10.29 -11.68
C CYS D 41 -22.66 9.53 -12.19
N PHE D 42 -21.55 10.22 -12.37
CA PHE D 42 -20.36 9.55 -12.83
C PHE D 42 -19.66 8.85 -11.66
N ARG D 43 -19.04 7.72 -11.96
CA ARG D 43 -18.29 6.93 -10.99
C ARG D 43 -16.99 6.74 -11.74
N LEU D 44 -15.94 7.37 -11.22
CA LEU D 44 -14.64 7.36 -11.85
C LEU D 44 -13.52 6.77 -11.05
N ARG D 45 -12.56 6.14 -11.73
CA ARG D 45 -11.35 5.68 -11.06
C ARG D 45 -10.33 5.82 -12.15
N LYS D 46 -9.27 6.57 -11.89
CA LYS D 46 -8.26 6.72 -12.88
C LYS D 46 -6.93 6.98 -12.20
N ALA D 47 -5.85 6.42 -12.75
CA ALA D 47 -4.53 6.60 -12.17
C ALA D 47 -3.38 6.06 -13.06
N ASN D 48 -2.15 6.35 -12.64
CA ASN D 48 -0.96 5.89 -13.35
C ASN D 48 -0.80 4.42 -13.11
N GLY D 49 -0.35 3.69 -14.13
CA GLY D 49 -0.16 2.27 -13.99
C GLY D 49 -0.96 1.40 -14.92
N LEU D 50 -0.63 0.11 -14.92
CA LEU D 50 -1.34 -0.85 -15.72
C LEU D 50 -2.75 -1.03 -15.15
N VAL D 51 -3.62 -1.53 -15.99
CA VAL D 51 -4.99 -1.78 -15.62
C VAL D 51 -5.06 -2.63 -14.36
N SER D 52 -4.24 -3.68 -14.27
CA SER D 52 -4.26 -4.59 -13.11
C SER D 52 -3.88 -3.93 -11.81
N ASP D 53 -3.16 -2.80 -11.90
CA ASP D 53 -2.74 -2.10 -10.71
C ASP D 53 -3.75 -1.00 -10.41
N VAL D 54 -4.21 -0.32 -11.45
CA VAL D 54 -5.13 0.79 -11.25
C VAL D 54 -6.44 0.36 -10.62
N PHE D 55 -6.97 -0.79 -11.00
CA PHE D 55 -8.25 -1.17 -10.44
C PHE D 55 -8.29 -2.29 -9.39
N GLU D 56 -8.44 -1.87 -8.14
CA GLU D 56 -8.57 -2.77 -7.02
C GLU D 56 -10.08 -2.97 -6.80
N ALA D 57 -10.48 -4.04 -6.14
CA ALA D 57 -11.88 -4.32 -5.94
C ALA D 57 -12.70 -3.19 -5.36
N ARG D 58 -12.16 -2.44 -4.42
CA ARG D 58 -12.90 -1.33 -3.81
C ARG D 58 -13.35 -0.32 -4.83
N HIS D 59 -12.56 -0.16 -5.89
CA HIS D 59 -12.89 0.78 -6.96
C HIS D 59 -13.94 0.16 -7.86
N MET D 60 -13.71 -1.08 -8.26
CA MET D 60 -14.65 -1.76 -9.11
C MET D 60 -16.02 -1.71 -8.49
N GLN D 61 -16.05 -1.84 -7.18
CA GLN D 61 -17.30 -1.84 -6.46
C GLN D 61 -17.97 -0.48 -6.57
N ARG D 62 -17.19 0.58 -6.73
CA ARG D 62 -17.78 1.89 -6.84
C ARG D 62 -18.20 2.29 -8.28
N LEU D 63 -17.71 1.56 -9.28
CA LEU D 63 -18.02 1.82 -10.66
C LEU D 63 -19.33 1.12 -11.06
N GLN D 64 -20.45 1.54 -10.47
CA GLN D 64 -21.77 0.98 -10.83
C GLN D 64 -22.30 1.66 -12.06
N GLY D 65 -23.21 0.98 -12.77
CA GLY D 65 -23.75 1.53 -13.99
C GLY D 65 -23.67 0.56 -15.13
N ASN D 66 -24.54 0.79 -16.11
CA ASN D 66 -24.66 -0.07 -17.27
C ASN D 66 -24.09 0.57 -18.54
N MET D 67 -23.36 1.67 -18.36
CA MET D 67 -22.74 2.38 -19.45
C MET D 67 -21.49 3.01 -18.88
N GLY D 68 -20.38 2.92 -19.60
CA GLY D 68 -19.15 3.52 -19.14
C GLY D 68 -18.14 3.55 -20.27
N ILE D 69 -17.03 4.26 -20.07
CA ILE D 69 -15.97 4.33 -21.07
C ILE D 69 -14.63 4.11 -20.35
N GLY D 70 -13.60 3.67 -21.08
CA GLY D 70 -12.31 3.40 -20.47
C GLY D 70 -11.19 3.85 -21.35
N HIS D 71 -10.01 4.07 -20.78
CA HIS D 71 -8.87 4.55 -21.53
C HIS D 71 -7.56 4.04 -20.93
N VAL D 72 -6.57 3.78 -21.77
CA VAL D 72 -5.25 3.35 -21.34
C VAL D 72 -4.32 4.36 -22.04
N ARG D 73 -3.46 5.02 -21.28
CA ARG D 73 -2.58 6.04 -21.83
C ARG D 73 -1.17 5.64 -22.17
N TYR D 74 -0.68 6.20 -23.26
CA TYR D 74 0.67 5.94 -23.68
C TYR D 74 1.40 7.19 -23.22
N PRO D 75 2.46 7.01 -22.45
CA PRO D 75 3.20 8.19 -21.97
C PRO D 75 3.72 9.07 -23.12
N THR D 76 4.04 10.31 -22.80
CA THR D 76 4.66 11.21 -23.78
C THR D 76 6.06 11.48 -23.18
N ALA D 77 7.11 11.02 -23.88
CA ALA D 77 8.50 11.18 -23.42
C ALA D 77 8.90 12.67 -23.25
N GLY D 78 8.50 13.27 -22.12
CA GLY D 78 8.80 14.67 -21.84
C GLY D 78 7.69 15.41 -21.10
N SER D 79 6.48 15.40 -21.68
CA SER D 79 5.30 16.02 -21.09
C SER D 79 4.67 15.05 -20.08
N SER D 80 5.17 15.16 -18.85
CA SER D 80 4.78 14.37 -17.69
C SER D 80 3.73 13.27 -17.81
N SER D 81 4.18 12.05 -17.54
CA SER D 81 3.33 10.88 -17.51
C SER D 81 3.01 10.74 -16.03
N ALA D 82 2.58 11.84 -15.45
CA ALA D 82 2.22 11.96 -14.05
C ALA D 82 1.15 13.05 -13.95
N SER D 83 0.83 13.67 -15.09
CA SER D 83 -0.19 14.70 -15.18
C SER D 83 -1.52 13.94 -15.16
N GLU D 84 -2.62 14.65 -14.95
CA GLU D 84 -3.92 14.03 -14.88
C GLU D 84 -4.19 13.15 -16.08
N ALA D 85 -4.63 11.94 -15.78
CA ALA D 85 -4.94 10.94 -16.77
C ALA D 85 -6.34 11.10 -17.32
N GLN D 86 -6.65 10.30 -18.33
CA GLN D 86 -7.96 10.31 -18.94
C GLN D 86 -8.71 9.17 -18.30
N PRO D 87 -10.05 9.19 -18.38
CA PRO D 87 -10.92 10.19 -19.02
C PRO D 87 -11.03 11.56 -18.37
N PHE D 88 -11.48 12.53 -19.14
CA PHE D 88 -11.67 13.84 -18.60
C PHE D 88 -13.16 14.11 -18.44
N TYR D 89 -13.51 15.01 -17.53
CA TYR D 89 -14.89 15.32 -17.23
C TYR D 89 -15.03 16.81 -17.02
N VAL D 90 -16.25 17.33 -17.30
CA VAL D 90 -16.67 18.73 -17.11
C VAL D 90 -18.10 18.61 -16.69
N ASN D 91 -18.42 19.41 -15.69
CA ASN D 91 -19.73 19.41 -15.06
C ASN D 91 -20.90 20.05 -15.82
N SER D 92 -20.60 20.88 -16.79
CA SER D 92 -21.65 21.54 -17.57
C SER D 92 -21.17 21.59 -19.01
N PRO D 93 -22.09 21.51 -19.99
CA PRO D 93 -23.52 21.39 -19.73
C PRO D 93 -23.86 19.94 -19.48
N TYR D 94 -24.88 19.68 -18.67
CA TYR D 94 -25.37 18.32 -18.36
C TYR D 94 -24.39 17.35 -17.64
N GLY D 95 -23.09 17.45 -17.95
CA GLY D 95 -22.10 16.57 -17.35
C GLY D 95 -21.55 15.74 -18.49
N ILE D 96 -20.32 16.02 -18.90
CA ILE D 96 -19.73 15.29 -20.01
C ILE D 96 -18.35 14.74 -19.67
N THR D 97 -18.03 13.59 -20.26
CA THR D 97 -16.75 12.92 -20.04
C THR D 97 -16.34 12.33 -21.34
N LEU D 98 -15.05 12.35 -21.61
CA LEU D 98 -14.53 11.87 -22.89
C LEU D 98 -13.14 11.26 -22.82
N ALA D 99 -12.88 10.25 -23.66
CA ALA D 99 -11.57 9.60 -23.72
C ALA D 99 -11.18 9.74 -25.17
N HIS D 100 -9.89 9.85 -25.42
CA HIS D 100 -9.42 10.09 -26.76
C HIS D 100 -8.07 9.46 -27.06
N ASN D 101 -7.90 9.03 -28.30
CA ASN D 101 -6.63 8.47 -28.77
C ASN D 101 -6.31 9.32 -30.02
N GLY D 102 -5.23 10.11 -29.97
CA GLY D 102 -4.86 10.92 -31.11
C GLY D 102 -4.09 12.17 -30.74
N ASN D 103 -4.13 13.22 -31.58
CA ASN D 103 -3.43 14.48 -31.27
C ASN D 103 -4.01 15.64 -32.05
N LEU D 104 -4.27 16.75 -31.35
CA LEU D 104 -4.78 18.00 -31.94
C LEU D 104 -3.60 18.89 -32.29
N THR D 105 -3.48 19.19 -33.59
CA THR D 105 -2.38 19.99 -34.13
C THR D 105 -2.54 21.51 -33.95
N ASN D 106 -3.69 21.94 -33.49
CA ASN D 106 -3.94 23.36 -33.27
C ASN D 106 -4.35 23.63 -31.81
N ALA D 107 -3.92 22.73 -30.93
CA ALA D 107 -4.23 22.81 -29.51
C ALA D 107 -3.93 24.17 -28.93
N HIS D 108 -2.71 24.67 -29.13
CA HIS D 108 -2.37 25.99 -28.59
C HIS D 108 -3.44 27.08 -28.91
N GLU D 109 -3.91 27.15 -30.16
CA GLU D 109 -4.90 28.14 -30.54
C GLU D 109 -6.27 27.86 -29.97
N LEU D 110 -6.65 26.59 -29.87
CA LEU D 110 -7.94 26.20 -29.32
C LEU D 110 -8.02 26.56 -27.85
N ARG D 111 -6.89 26.42 -27.15
CA ARG D 111 -6.77 26.72 -25.73
C ARG D 111 -7.09 28.21 -25.59
N LYS D 112 -6.51 29.00 -26.48
CA LYS D 112 -6.72 30.44 -26.46
C LYS D 112 -8.17 30.77 -26.69
N LYS D 113 -8.78 30.20 -27.73
CA LYS D 113 -10.19 30.48 -27.99
C LYS D 113 -11.07 30.10 -26.79
N LEU D 114 -10.81 28.95 -26.18
CA LEU D 114 -11.61 28.52 -25.05
C LEU D 114 -11.53 29.52 -23.91
N PHE D 115 -10.34 30.05 -23.65
CA PHE D 115 -10.22 31.02 -22.58
C PHE D 115 -10.93 32.31 -22.88
N GLU D 116 -10.56 32.90 -24.02
CA GLU D 116 -11.12 34.16 -24.46
C GLU D 116 -12.62 34.18 -24.81
N GLU D 117 -13.09 33.18 -25.53
CA GLU D 117 -14.50 33.16 -25.88
C GLU D 117 -15.40 32.55 -24.82
N LYS D 118 -14.98 31.47 -24.20
CA LYS D 118 -15.85 30.83 -23.23
C LYS D 118 -15.41 30.88 -21.79
N ARG D 119 -14.26 31.50 -21.53
CA ARG D 119 -13.69 31.58 -20.19
C ARG D 119 -13.60 30.19 -19.57
N ARG D 120 -13.30 29.20 -20.41
CA ARG D 120 -13.16 27.81 -19.97
C ARG D 120 -11.71 27.50 -19.69
N HIS D 121 -11.41 27.28 -18.42
CA HIS D 121 -10.08 26.94 -17.98
C HIS D 121 -9.74 25.50 -18.36
N ILE D 122 -8.52 25.31 -18.83
CA ILE D 122 -7.97 24.01 -19.18
C ILE D 122 -6.84 23.81 -18.15
N ASN D 123 -6.97 22.79 -17.31
CA ASN D 123 -6.02 22.57 -16.24
C ASN D 123 -4.76 21.78 -16.56
N THR D 124 -4.77 21.06 -17.68
CA THR D 124 -3.60 20.27 -18.09
C THR D 124 -3.10 20.66 -19.46
N THR D 125 -2.13 19.89 -19.92
CA THR D 125 -1.51 20.08 -21.23
C THR D 125 -2.14 19.14 -22.26
N SER D 126 -2.90 18.17 -21.76
CA SER D 126 -3.57 17.19 -22.57
C SER D 126 -4.53 17.88 -23.53
N ASP D 127 -4.45 17.53 -24.82
CA ASP D 127 -5.37 18.11 -25.78
C ASP D 127 -6.72 17.40 -25.76
N SER D 128 -6.83 16.33 -25.00
CA SER D 128 -8.09 15.63 -24.83
C SER D 128 -8.94 16.47 -23.87
N GLU D 129 -8.29 17.31 -23.06
CA GLU D 129 -9.03 18.17 -22.15
C GLU D 129 -9.59 19.30 -23.03
N ILE D 130 -8.85 19.63 -24.07
CA ILE D 130 -9.25 20.67 -24.99
C ILE D 130 -10.42 20.16 -25.84
N LEU D 131 -10.20 19.00 -26.43
CA LEU D 131 -11.20 18.34 -27.24
C LEU D 131 -12.52 18.35 -26.47
N LEU D 132 -12.50 17.81 -25.26
CA LEU D 132 -13.68 17.75 -24.42
C LEU D 132 -14.35 19.13 -24.25
N ASN D 133 -13.53 20.11 -23.96
CA ASN D 133 -14.05 21.44 -23.74
C ASN D 133 -14.68 22.05 -24.99
N ILE D 134 -14.03 21.89 -26.15
CA ILE D 134 -14.59 22.42 -27.41
C ILE D 134 -15.96 21.77 -27.61
N PHE D 135 -16.01 20.45 -27.55
CA PHE D 135 -17.25 19.72 -27.73
C PHE D 135 -18.28 20.12 -26.69
N ALA D 136 -17.82 20.40 -25.48
CA ALA D 136 -18.75 20.77 -24.44
C ALA D 136 -19.32 22.17 -24.67
N SER D 137 -18.55 23.09 -25.24
CA SER D 137 -19.06 24.42 -25.47
C SER D 137 -20.04 24.43 -26.63
N GLU D 138 -19.84 23.53 -27.57
CA GLU D 138 -20.72 23.42 -28.70
C GLU D 138 -22.06 22.91 -28.21
N LEU D 139 -22.02 21.88 -27.39
CA LEU D 139 -23.27 21.35 -26.87
C LEU D 139 -24.04 22.38 -26.07
N ASP D 140 -23.30 23.34 -25.53
CA ASP D 140 -23.91 24.36 -24.71
C ASP D 140 -24.81 25.34 -25.44
N ASN D 141 -24.68 25.45 -26.77
CA ASN D 141 -25.51 26.41 -27.47
C ASN D 141 -26.95 26.02 -27.75
N PHE D 142 -27.47 25.03 -27.05
CA PHE D 142 -28.85 24.60 -27.25
C PHE D 142 -29.70 24.90 -26.03
N ARG D 143 -30.91 25.39 -26.23
CA ARG D 143 -31.75 25.75 -25.10
C ARG D 143 -32.49 24.61 -24.46
N HIS D 144 -33.23 23.88 -25.31
CA HIS D 144 -34.07 22.76 -24.88
C HIS D 144 -33.39 21.54 -24.30
N TYR D 145 -34.17 20.75 -23.56
CA TYR D 145 -33.72 19.54 -22.90
C TYR D 145 -34.81 18.47 -23.04
N PRO D 146 -34.45 17.24 -23.41
CA PRO D 146 -33.12 16.73 -23.71
C PRO D 146 -32.64 17.12 -25.09
N LEU D 147 -31.36 16.92 -25.33
CA LEU D 147 -30.78 17.21 -26.62
C LEU D 147 -31.19 16.12 -27.57
N GLU D 148 -31.43 16.52 -28.81
CA GLU D 148 -31.79 15.60 -29.85
C GLU D 148 -30.54 15.01 -30.45
N ALA D 149 -30.69 13.82 -31.05
CA ALA D 149 -29.55 13.21 -31.71
C ALA D 149 -28.92 14.26 -32.63
N ASP D 150 -29.74 15.03 -33.35
CA ASP D 150 -29.26 16.08 -34.27
C ASP D 150 -28.34 17.08 -33.58
N ASN D 151 -28.75 17.50 -32.39
CA ASN D 151 -27.99 18.50 -31.69
C ASN D 151 -26.62 17.99 -31.41
N ILE D 152 -26.57 16.72 -31.06
CA ILE D 152 -25.31 16.09 -30.75
C ILE D 152 -24.44 16.03 -32.00
N PHE D 153 -25.00 15.52 -33.11
CA PHE D 153 -24.24 15.43 -34.35
C PHE D 153 -23.83 16.82 -34.79
N ALA D 154 -24.69 17.78 -34.51
CA ALA D 154 -24.41 19.15 -34.88
C ALA D 154 -23.20 19.64 -34.11
N ALA D 155 -23.22 19.40 -32.79
CA ALA D 155 -22.15 19.83 -31.93
C ALA D 155 -20.86 19.15 -32.31
N ILE D 156 -20.95 17.87 -32.68
CA ILE D 156 -19.78 17.10 -33.08
C ILE D 156 -19.25 17.68 -34.35
N ALA D 157 -20.17 17.96 -35.27
CA ALA D 157 -19.85 18.56 -36.56
C ALA D 157 -19.11 19.90 -36.40
N ALA D 158 -19.66 20.75 -35.56
CA ALA D 158 -19.07 22.04 -35.30
C ALA D 158 -17.68 21.86 -34.67
N THR D 159 -17.53 20.83 -33.84
CA THR D 159 -16.26 20.53 -33.20
C THR D 159 -15.29 20.20 -34.30
N ASN D 160 -15.71 19.34 -35.22
CA ASN D 160 -14.85 18.91 -36.34
C ASN D 160 -14.37 20.07 -37.16
N ARG D 161 -15.13 21.15 -37.15
CA ARG D 161 -14.75 22.35 -37.90
C ARG D 161 -13.60 23.07 -37.22
N LEU D 162 -13.72 23.24 -35.91
CA LEU D 162 -12.73 23.94 -35.09
C LEU D 162 -11.39 23.25 -34.88
N ILE D 163 -11.42 21.99 -34.44
CA ILE D 163 -10.20 21.21 -34.15
C ILE D 163 -9.53 20.57 -35.36
N ARG D 164 -8.20 20.49 -35.30
CA ARG D 164 -7.43 19.86 -36.38
C ARG D 164 -6.41 18.82 -35.85
N GLY D 165 -6.28 17.70 -36.54
CA GLY D 165 -5.35 16.65 -36.12
C GLY D 165 -6.01 15.29 -36.29
N ALA D 166 -5.56 14.29 -35.54
CA ALA D 166 -6.12 12.94 -35.62
C ALA D 166 -6.84 12.54 -34.32
N TYR D 167 -7.87 11.72 -34.41
CA TYR D 167 -8.59 11.33 -33.21
C TYR D 167 -9.72 10.30 -33.29
N ALA D 168 -9.81 9.45 -32.25
CA ALA D 168 -10.88 8.46 -32.10
C ALA D 168 -11.34 8.84 -30.69
N CYS D 169 -12.60 9.21 -30.55
CA CYS D 169 -13.13 9.63 -29.28
C CYS D 169 -14.34 8.86 -28.92
N VAL D 170 -14.52 8.70 -27.62
CA VAL D 170 -15.70 8.09 -27.06
C VAL D 170 -16.05 8.98 -25.86
N ALA D 171 -17.33 9.16 -25.60
CA ALA D 171 -17.74 10.07 -24.54
C ALA D 171 -19.15 9.77 -24.07
N MET D 172 -19.53 10.39 -22.96
CA MET D 172 -20.85 10.19 -22.42
C MET D 172 -21.38 11.52 -21.92
N ILE D 173 -22.71 11.68 -22.05
CA ILE D 173 -23.42 12.87 -21.58
C ILE D 173 -24.56 12.36 -20.73
N ILE D 174 -24.63 12.90 -19.52
CA ILE D 174 -25.62 12.53 -18.53
C ILE D 174 -27.01 12.82 -19.09
N GLY D 175 -27.95 11.94 -18.77
CA GLY D 175 -29.30 12.12 -19.26
C GLY D 175 -29.46 11.93 -20.75
N HIS D 176 -28.40 11.49 -21.45
CA HIS D 176 -28.50 11.28 -22.89
C HIS D 176 -27.98 9.93 -23.36
N GLY D 177 -26.66 9.80 -23.40
CA GLY D 177 -26.10 8.56 -23.87
C GLY D 177 -24.61 8.65 -24.13
N MET D 178 -24.15 7.75 -24.99
CA MET D 178 -22.75 7.64 -25.34
C MET D 178 -22.51 7.98 -26.81
N VAL D 179 -21.46 8.74 -27.08
CA VAL D 179 -21.14 9.14 -28.44
C VAL D 179 -19.72 8.75 -28.72
N ALA D 180 -19.45 8.42 -29.95
CA ALA D 180 -18.13 8.03 -30.36
C ALA D 180 -17.93 8.68 -31.72
N PHE D 181 -16.70 9.00 -32.07
CA PHE D 181 -16.44 9.61 -33.36
C PHE D 181 -14.98 9.51 -33.83
N ARG D 182 -14.75 9.55 -35.13
CA ARG D 182 -13.42 9.43 -35.66
C ARG D 182 -13.09 10.69 -36.49
N ASP D 183 -11.83 11.11 -36.50
CA ASP D 183 -11.43 12.31 -37.24
C ASP D 183 -11.76 12.18 -38.74
N PRO D 184 -11.83 13.32 -39.47
CA PRO D 184 -12.13 13.38 -40.91
C PRO D 184 -11.36 12.41 -41.79
N ASN D 185 -10.06 12.27 -41.57
CA ASN D 185 -9.22 11.35 -42.36
C ASN D 185 -9.16 9.92 -41.84
N GLY D 186 -10.06 9.50 -40.96
CA GLY D 186 -10.02 8.14 -40.44
C GLY D 186 -8.64 7.60 -40.02
N ILE D 187 -7.77 8.47 -39.48
CA ILE D 187 -6.42 8.08 -39.09
C ILE D 187 -6.32 7.10 -37.90
N ARG D 188 -6.84 7.51 -36.74
CA ARG D 188 -6.83 6.65 -35.54
C ARG D 188 -8.00 5.67 -35.67
N PRO D 189 -7.83 4.43 -35.17
CA PRO D 189 -8.86 3.36 -35.21
C PRO D 189 -10.02 3.44 -34.22
N LEU D 190 -11.15 2.86 -34.64
CA LEU D 190 -12.35 2.81 -33.81
C LEU D 190 -13.29 1.89 -34.55
N VAL D 191 -13.79 0.87 -33.85
CA VAL D 191 -14.68 -0.13 -34.45
C VAL D 191 -15.93 -0.14 -33.60
N LEU D 192 -17.01 -0.71 -34.14
CA LEU D 192 -18.29 -0.81 -33.44
C LEU D 192 -18.72 -2.26 -33.47
N GLY D 193 -19.34 -2.72 -32.37
CA GLY D 193 -19.82 -4.07 -32.28
C GLY D 193 -21.05 -4.00 -31.42
N LYS D 194 -21.76 -5.11 -31.28
CA LYS D 194 -22.98 -5.17 -30.46
C LYS D 194 -23.06 -6.59 -29.95
N ARG D 195 -23.97 -6.80 -29.00
CA ARG D 195 -24.18 -8.11 -28.43
C ARG D 195 -25.64 -8.11 -28.05
N ASP D 196 -26.37 -9.01 -28.67
CA ASP D 196 -27.79 -9.09 -28.46
C ASP D 196 -28.30 -9.61 -27.16
N ILE D 197 -29.32 -8.91 -26.66
CA ILE D 197 -29.97 -9.28 -25.42
C ILE D 197 -31.26 -10.04 -25.75
N ASP D 198 -32.19 -9.39 -26.44
CA ASP D 198 -33.41 -10.09 -26.85
C ASP D 198 -34.07 -9.44 -28.05
N GLU D 199 -35.34 -9.78 -28.30
CA GLU D 199 -36.08 -9.23 -29.45
C GLU D 199 -36.05 -7.70 -29.58
N ASN D 200 -35.58 -7.02 -28.52
CA ASN D 200 -35.51 -5.56 -28.47
C ASN D 200 -34.23 -4.95 -27.83
N ARG D 201 -33.94 -5.31 -26.58
CA ARG D 201 -32.76 -4.78 -25.89
C ARG D 201 -31.48 -5.25 -26.60
N THR D 202 -30.58 -4.32 -26.90
CA THR D 202 -29.31 -4.68 -27.55
C THR D 202 -28.16 -3.83 -27.06
N GLU D 203 -27.04 -4.46 -26.71
CA GLU D 203 -25.88 -3.73 -26.22
C GLU D 203 -24.96 -3.31 -27.34
N TYR D 204 -24.25 -2.19 -27.15
CA TYR D 204 -23.32 -1.73 -28.17
C TYR D 204 -22.05 -1.33 -27.49
N MET D 205 -20.95 -1.35 -28.25
CA MET D 205 -19.68 -0.94 -27.70
C MET D 205 -18.74 -0.58 -28.83
N VAL D 206 -17.80 0.31 -28.54
CA VAL D 206 -16.75 0.71 -29.48
C VAL D 206 -15.40 0.52 -28.78
N ALA D 207 -14.35 0.34 -29.58
CA ALA D 207 -13.05 0.15 -29.02
C ALA D 207 -12.05 0.52 -30.08
N SER D 208 -10.81 0.79 -29.72
CA SER D 208 -9.78 1.14 -30.71
C SER D 208 -9.40 -0.10 -31.57
N GLU D 209 -9.66 -1.29 -31.05
CA GLU D 209 -9.32 -2.51 -31.79
C GLU D 209 -10.37 -3.58 -31.60
N SER D 210 -10.63 -4.32 -32.67
CA SER D 210 -11.62 -5.36 -32.61
C SER D 210 -11.38 -6.42 -31.53
N VAL D 211 -10.13 -6.60 -31.10
CA VAL D 211 -9.81 -7.61 -30.05
C VAL D 211 -10.63 -7.42 -28.79
N ALA D 212 -10.91 -6.14 -28.49
CA ALA D 212 -11.70 -5.72 -27.34
C ALA D 212 -13.12 -6.27 -27.49
N LEU D 213 -13.64 -6.23 -28.71
CA LEU D 213 -14.98 -6.74 -29.04
C LEU D 213 -14.98 -8.28 -28.95
N ASP D 214 -14.07 -8.92 -29.69
CA ASP D 214 -13.96 -10.37 -29.63
C ASP D 214 -13.93 -10.88 -28.19
N THR D 215 -13.02 -10.33 -27.39
CA THR D 215 -12.88 -10.73 -26.01
C THR D 215 -14.13 -10.62 -25.15
N LEU D 216 -15.01 -9.66 -25.44
CA LEU D 216 -16.23 -9.54 -24.64
C LEU D 216 -17.40 -10.33 -25.24
N GLY D 217 -17.25 -10.78 -26.47
CA GLY D 217 -18.32 -11.53 -27.10
C GLY D 217 -19.24 -10.62 -27.87
N PHE D 218 -18.69 -9.51 -28.36
CA PHE D 218 -19.49 -8.57 -29.12
C PHE D 218 -19.31 -8.85 -30.60
N ASP D 219 -20.44 -9.00 -31.29
CA ASP D 219 -20.45 -9.25 -32.72
C ASP D 219 -19.92 -7.99 -33.34
N PHE D 220 -18.96 -8.16 -34.24
CA PHE D 220 -18.32 -7.07 -34.92
C PHE D 220 -19.30 -6.52 -35.92
N LEU D 221 -19.49 -5.20 -35.86
CA LEU D 221 -20.38 -4.56 -36.78
C LEU D 221 -19.50 -3.93 -37.84
N ARG D 222 -18.68 -2.94 -37.49
CA ARG D 222 -17.83 -2.32 -38.51
C ARG D 222 -16.97 -1.24 -37.97
N ASP D 223 -16.10 -0.73 -38.81
CA ASP D 223 -15.22 0.35 -38.42
C ASP D 223 -16.05 1.61 -38.39
N VAL D 224 -15.78 2.54 -37.46
CA VAL D 224 -16.51 3.80 -37.48
C VAL D 224 -15.82 4.50 -38.69
N ALA D 225 -16.62 4.91 -39.68
CA ALA D 225 -16.12 5.56 -40.88
C ALA D 225 -15.47 6.87 -40.55
N PRO D 226 -14.57 7.36 -41.40
CA PRO D 226 -13.92 8.64 -41.13
C PRO D 226 -14.98 9.74 -40.97
N GLY D 227 -14.75 10.65 -40.03
CA GLY D 227 -15.67 11.74 -39.82
C GLY D 227 -16.99 11.31 -39.24
N GLU D 228 -17.25 10.01 -39.20
CA GLU D 228 -18.54 9.55 -38.69
C GLU D 228 -18.69 9.60 -37.18
N ALA D 229 -19.92 9.73 -36.70
CA ALA D 229 -20.19 9.71 -35.26
C ALA D 229 -21.30 8.70 -34.99
N ILE D 230 -21.31 8.17 -33.77
CA ILE D 230 -22.28 7.17 -33.32
C ILE D 230 -22.87 7.71 -32.05
N TYR D 231 -24.11 7.35 -31.77
CA TYR D 231 -24.73 7.84 -30.57
C TYR D 231 -25.66 6.74 -30.12
N ILE D 232 -25.49 6.28 -28.88
CA ILE D 232 -26.36 5.24 -28.40
C ILE D 232 -27.09 5.83 -27.19
N THR D 233 -28.41 5.92 -27.29
CA THR D 233 -29.16 6.53 -26.20
C THR D 233 -29.14 5.62 -25.03
N GLU D 234 -29.48 6.16 -23.87
CA GLU D 234 -29.52 5.36 -22.66
C GLU D 234 -30.59 4.32 -22.71
N GLU D 235 -31.46 4.38 -23.72
CA GLU D 235 -32.48 3.36 -23.84
C GLU D 235 -32.11 2.37 -24.91
N GLY D 236 -30.88 2.48 -25.42
CA GLY D 236 -30.40 1.53 -26.41
C GLY D 236 -30.55 1.85 -27.87
N GLN D 237 -30.98 3.07 -28.17
CA GLN D 237 -31.18 3.46 -29.55
C GLN D 237 -29.91 3.94 -30.27
N LEU D 238 -29.54 3.27 -31.34
CA LEU D 238 -28.37 3.69 -32.09
C LEU D 238 -28.71 4.77 -33.12
N PHE D 239 -27.81 5.72 -33.33
CA PHE D 239 -27.97 6.79 -34.34
C PHE D 239 -26.58 6.97 -34.88
N THR D 240 -26.45 7.11 -36.20
CA THR D 240 -25.14 7.34 -36.77
C THR D 240 -25.33 8.52 -37.68
N ARG D 241 -24.23 9.14 -38.11
CA ARG D 241 -24.30 10.29 -38.97
C ARG D 241 -22.90 10.76 -39.25
N GLN D 242 -22.65 11.11 -40.50
CA GLN D 242 -21.35 11.64 -40.91
C GLN D 242 -21.30 13.05 -40.36
N CYS D 243 -20.20 13.44 -39.73
CA CYS D 243 -20.12 14.79 -39.17
C CYS D 243 -18.90 15.55 -39.63
N ALA D 244 -18.36 15.19 -40.79
CA ALA D 244 -17.19 15.85 -41.35
C ALA D 244 -17.47 16.18 -42.82
N ASP D 245 -16.89 17.27 -43.31
CA ASP D 245 -17.16 17.69 -44.68
C ASP D 245 -16.51 16.82 -45.75
N ASN D 246 -15.20 16.67 -45.68
CA ASN D 246 -14.51 15.84 -46.67
C ASN D 246 -13.81 14.66 -46.03
N PRO D 247 -14.60 13.63 -45.65
CA PRO D 247 -14.05 12.43 -45.02
C PRO D 247 -13.33 11.55 -46.05
N VAL D 248 -12.24 10.92 -45.62
CA VAL D 248 -11.44 10.07 -46.47
C VAL D 248 -10.80 9.10 -45.54
N SER D 249 -10.45 7.93 -46.04
CA SER D 249 -9.77 6.88 -45.25
C SER D 249 -8.23 6.94 -45.38
N ASN D 250 -7.55 7.43 -44.36
CA ASN D 250 -6.09 7.50 -44.36
C ASN D 250 -5.61 6.83 -43.10
N PRO D 251 -5.98 5.55 -42.91
CA PRO D 251 -5.59 4.80 -41.73
C PRO D 251 -4.11 4.75 -41.51
N CYS D 252 -3.73 4.89 -40.24
CA CYS D 252 -2.34 4.87 -39.79
C CYS D 252 -1.69 3.58 -40.23
N LEU D 253 -0.58 3.71 -40.92
CA LEU D 253 0.15 2.55 -41.41
C LEU D 253 0.86 1.81 -40.26
N PHE D 254 1.46 2.62 -39.37
CA PHE D 254 2.20 2.10 -38.24
C PHE D 254 1.42 1.20 -37.31
N GLU D 255 0.10 1.32 -37.32
CA GLU D 255 -0.77 0.45 -36.53
C GLU D 255 -0.53 -0.98 -37.02
N TYR D 256 -0.44 -1.12 -38.34
CA TYR D 256 -0.25 -2.41 -38.98
C TYR D 256 1.16 -2.93 -38.80
N VAL D 257 2.12 -2.04 -38.93
CA VAL D 257 3.51 -2.40 -38.76
C VAL D 257 3.78 -2.91 -37.32
N TYR D 258 3.25 -2.19 -36.35
CA TYR D 258 3.58 -2.50 -34.98
C TYR D 258 2.50 -2.24 -33.92
N PHE D 259 2.05 -1.00 -33.84
CA PHE D 259 1.09 -0.61 -32.81
C PHE D 259 -0.13 -1.47 -32.47
N ALA D 260 -0.74 -2.17 -33.41
CA ALA D 260 -1.92 -2.94 -33.07
C ALA D 260 -1.65 -4.41 -32.91
N ARG D 261 -2.57 -5.12 -32.28
CA ARG D 261 -2.46 -6.57 -32.08
C ARG D 261 -2.73 -7.23 -33.44
N PRO D 262 -2.09 -8.37 -33.68
CA PRO D 262 -2.28 -9.07 -34.95
C PRO D 262 -3.66 -9.65 -35.23
N ASP D 263 -4.43 -9.88 -34.17
CA ASP D 263 -5.76 -10.45 -34.33
C ASP D 263 -6.86 -9.43 -34.48
N SER D 264 -6.44 -8.20 -34.75
CA SER D 264 -7.39 -7.12 -34.95
C SER D 264 -7.53 -6.87 -36.45
N PHE D 265 -8.74 -6.48 -36.84
CA PHE D 265 -9.03 -6.14 -38.22
C PHE D 265 -9.34 -4.64 -38.25
N ILE D 266 -8.34 -3.87 -38.64
CA ILE D 266 -8.47 -2.44 -38.70
C ILE D 266 -8.76 -2.00 -40.15
N ASP D 267 -9.95 -1.46 -40.37
CA ASP D 267 -10.36 -0.97 -41.66
C ASP D 267 -10.32 -2.15 -42.64
N LYS D 268 -10.96 -3.21 -42.16
CA LYS D 268 -11.10 -4.46 -42.90
C LYS D 268 -9.82 -5.16 -43.25
N ILE D 269 -8.72 -4.79 -42.62
CA ILE D 269 -7.43 -5.42 -42.89
C ILE D 269 -6.96 -6.20 -41.68
N SER D 270 -6.65 -7.48 -41.85
CA SER D 270 -6.14 -8.28 -40.73
C SER D 270 -4.74 -7.84 -40.47
N VAL D 271 -4.44 -7.47 -39.23
CA VAL D 271 -3.07 -7.03 -38.90
C VAL D 271 -2.12 -8.18 -39.20
N TYR D 272 -2.49 -9.39 -38.79
CA TYR D 272 -1.67 -10.59 -39.03
C TYR D 272 -1.33 -10.74 -40.50
N SER D 273 -2.36 -10.90 -41.34
CA SER D 273 -2.17 -11.03 -42.79
C SER D 273 -1.35 -9.90 -43.35
N ALA D 274 -1.68 -8.67 -43.00
CA ALA D 274 -0.93 -7.53 -43.49
C ALA D 274 0.54 -7.68 -43.08
N ARG D 275 0.76 -8.29 -41.92
CA ARG D 275 2.12 -8.50 -41.41
C ARG D 275 2.89 -9.59 -42.20
N VAL D 276 2.18 -10.60 -42.65
CA VAL D 276 2.80 -11.67 -43.43
C VAL D 276 3.18 -11.14 -44.81
N ASN D 277 2.30 -10.39 -45.45
CA ASN D 277 2.60 -9.78 -46.76
C ASN D 277 3.81 -8.88 -46.62
N MET D 278 4.04 -8.32 -45.43
CA MET D 278 5.21 -7.46 -45.24
C MET D 278 6.46 -8.29 -45.38
N GLY D 279 6.36 -9.56 -45.03
CA GLY D 279 7.48 -10.47 -45.13
C GLY D 279 7.68 -10.87 -46.58
N THR D 280 6.59 -11.23 -47.25
CA THR D 280 6.64 -11.62 -48.64
C THR D 280 7.33 -10.50 -49.37
N LYS D 281 6.90 -9.27 -49.09
CA LYS D 281 7.49 -8.12 -49.75
C LYS D 281 8.95 -7.93 -49.42
N LEU D 282 9.32 -8.11 -48.16
CA LEU D 282 10.72 -7.92 -47.79
C LEU D 282 11.63 -9.07 -48.25
N GLY D 283 11.06 -10.27 -48.37
CA GLY D 283 11.86 -11.40 -48.84
C GLY D 283 12.13 -11.22 -50.33
N GLU D 284 11.09 -10.80 -51.05
CA GLU D 284 11.20 -10.54 -52.47
C GLU D 284 12.25 -9.46 -52.69
N LYS D 285 12.24 -8.42 -51.86
CA LYS D 285 13.23 -7.36 -52.00
C LYS D 285 14.64 -7.84 -51.73
N ILE D 286 14.78 -8.86 -50.90
CA ILE D 286 16.11 -9.36 -50.60
C ILE D 286 16.55 -10.22 -51.79
N ALA D 287 15.67 -11.10 -52.23
CA ALA D 287 15.97 -11.97 -53.37
C ALA D 287 16.47 -11.13 -54.55
N ARG D 288 15.96 -9.92 -54.67
CA ARG D 288 16.35 -9.01 -55.75
C ARG D 288 17.65 -8.30 -55.44
N GLU D 289 17.65 -7.53 -54.37
CA GLU D 289 18.81 -6.73 -54.01
C GLU D 289 20.00 -7.38 -53.33
N TRP D 290 19.87 -8.64 -52.93
CA TRP D 290 20.95 -9.34 -52.26
C TRP D 290 20.92 -10.78 -52.74
N GLU D 291 21.16 -11.02 -54.03
CA GLU D 291 21.13 -12.38 -54.53
C GLU D 291 22.37 -13.18 -54.17
N ASP D 292 23.47 -12.49 -53.89
CA ASP D 292 24.75 -13.11 -53.52
C ASP D 292 24.92 -13.24 -51.98
N LEU D 293 23.83 -13.08 -51.24
CA LEU D 293 23.84 -13.12 -49.79
C LEU D 293 24.08 -14.52 -49.23
N ASP D 294 25.14 -14.67 -48.45
CA ASP D 294 25.35 -15.96 -47.85
C ASP D 294 24.97 -15.91 -46.40
N ILE D 295 23.83 -16.51 -46.11
CA ILE D 295 23.32 -16.60 -44.76
C ILE D 295 23.00 -18.05 -44.55
N ASP D 296 22.88 -18.45 -43.30
CA ASP D 296 22.60 -19.83 -42.97
C ASP D 296 21.23 -20.00 -42.33
N VAL D 297 20.65 -18.91 -41.83
CA VAL D 297 19.34 -18.98 -41.17
C VAL D 297 18.70 -17.59 -40.97
N VAL D 298 17.38 -17.56 -40.81
CA VAL D 298 16.67 -16.31 -40.58
C VAL D 298 16.19 -16.45 -39.15
N ILE D 299 16.52 -15.43 -38.36
CA ILE D 299 16.21 -15.38 -36.93
C ILE D 299 15.45 -14.10 -36.64
N PRO D 300 14.20 -14.23 -36.19
CA PRO D 300 13.41 -13.04 -35.88
C PRO D 300 13.75 -12.49 -34.52
N ILE D 301 13.49 -11.18 -34.39
CA ILE D 301 13.63 -10.42 -33.15
C ILE D 301 12.18 -10.25 -32.68
N PRO D 302 11.76 -11.07 -31.72
CA PRO D 302 10.43 -11.15 -31.11
C PRO D 302 9.91 -9.81 -30.62
N GLU D 303 8.60 -9.60 -30.59
CA GLU D 303 7.61 -10.59 -31.03
C GLU D 303 7.13 -10.34 -32.47
N THR D 304 6.82 -9.07 -32.76
CA THR D 304 6.30 -8.64 -34.04
C THR D 304 6.82 -9.43 -35.26
N SER D 305 8.13 -9.48 -35.39
CA SER D 305 8.74 -10.11 -36.55
C SER D 305 8.72 -11.64 -36.62
N CYS D 306 8.13 -12.33 -35.66
CA CYS D 306 8.14 -13.79 -35.72
C CYS D 306 7.57 -14.41 -36.99
N ASP D 307 6.39 -13.98 -37.41
CA ASP D 307 5.79 -14.53 -38.62
C ASP D 307 6.28 -13.89 -39.91
N ILE D 308 6.75 -12.65 -39.77
CA ILE D 308 7.30 -11.92 -40.90
C ILE D 308 8.58 -12.64 -41.33
N ALA D 309 9.45 -12.93 -40.36
CA ALA D 309 10.69 -13.64 -40.59
C ALA D 309 10.43 -15.04 -41.18
N LEU D 310 9.41 -15.71 -40.67
CA LEU D 310 9.08 -17.03 -41.16
C LEU D 310 8.83 -16.93 -42.66
N GLU D 311 8.10 -15.88 -43.09
CA GLU D 311 7.79 -15.68 -44.51
C GLU D 311 9.06 -15.37 -45.30
N ILE D 312 9.87 -14.45 -44.78
CA ILE D 312 11.12 -14.12 -45.44
C ILE D 312 11.98 -15.37 -45.66
N ALA D 313 11.93 -16.30 -44.71
CA ALA D 313 12.71 -17.53 -44.83
C ALA D 313 12.15 -18.32 -46.00
N ARG D 314 10.83 -18.47 -46.04
CA ARG D 314 10.15 -19.21 -47.09
C ARG D 314 10.60 -18.69 -48.43
N ILE D 315 10.45 -17.39 -48.64
CA ILE D 315 10.85 -16.73 -49.90
C ILE D 315 12.33 -17.01 -50.22
N LEU D 316 13.21 -16.79 -49.25
CA LEU D 316 14.62 -17.03 -49.46
C LEU D 316 15.01 -18.51 -49.44
N GLY D 317 14.03 -19.39 -49.21
CA GLY D 317 14.33 -20.82 -49.15
C GLY D 317 15.40 -21.19 -48.11
N LYS D 318 15.59 -20.34 -47.10
CA LYS D 318 16.56 -20.56 -46.04
C LYS D 318 15.81 -21.04 -44.79
N PRO D 319 16.53 -21.61 -43.82
CA PRO D 319 15.89 -22.11 -42.58
C PRO D 319 15.55 -21.03 -41.53
N TYR D 320 14.46 -21.28 -40.82
CA TYR D 320 13.99 -20.37 -39.80
C TYR D 320 14.18 -20.99 -38.44
N ARG D 321 14.84 -20.26 -37.57
CA ARG D 321 15.13 -20.75 -36.24
C ARG D 321 14.90 -19.64 -35.21
N GLN D 322 14.56 -20.01 -33.97
CA GLN D 322 14.32 -19.04 -32.91
C GLN D 322 15.56 -18.75 -32.06
N GLY D 323 16.37 -17.81 -32.52
CA GLY D 323 17.59 -17.49 -31.80
C GLY D 323 17.45 -16.56 -30.63
N PHE D 324 16.33 -15.86 -30.49
CA PHE D 324 16.16 -14.93 -29.40
C PHE D 324 14.90 -15.27 -28.66
N VAL D 325 14.94 -15.17 -27.33
CA VAL D 325 13.75 -15.40 -26.51
C VAL D 325 13.47 -14.10 -25.76
N LYS D 326 12.21 -13.68 -25.81
CA LYS D 326 11.80 -12.44 -25.16
C LYS D 326 11.41 -12.75 -23.72
N ASN D 327 12.08 -12.10 -22.78
CA ASN D 327 11.78 -12.32 -21.38
C ASN D 327 10.36 -11.82 -21.16
N ARG D 328 9.52 -12.73 -20.66
CA ARG D 328 8.11 -12.47 -20.37
C ARG D 328 7.93 -11.56 -19.18
N TYR D 329 8.96 -11.43 -18.36
CA TYR D 329 8.86 -10.59 -17.20
C TYR D 329 10.11 -9.76 -17.25
N VAL D 330 10.00 -8.49 -16.93
CA VAL D 330 11.17 -7.63 -16.88
C VAL D 330 10.99 -6.82 -15.61
N GLY D 331 12.08 -6.57 -14.91
CA GLY D 331 11.98 -5.83 -13.68
C GLY D 331 12.77 -4.56 -13.76
N ARG D 332 12.71 -3.79 -12.67
CA ARG D 332 13.40 -2.53 -12.61
C ARG D 332 14.85 -2.56 -12.23
N THR D 333 15.56 -1.56 -12.71
CA THR D 333 16.96 -1.38 -12.41
C THR D 333 16.87 -0.35 -11.30
N PHE D 334 17.41 -0.71 -10.16
CA PHE D 334 17.33 0.15 -9.01
C PHE D 334 18.44 1.15 -8.91
N ILE D 335 18.19 2.20 -8.11
CA ILE D 335 19.14 3.28 -7.85
C ILE D 335 19.93 2.99 -6.57
N MET D 336 20.66 1.88 -6.59
CA MET D 336 21.45 1.46 -5.45
C MET D 336 22.75 2.26 -5.38
N SER D 345 21.69 -3.61 -21.68
CA SER D 345 20.46 -2.87 -21.42
C SER D 345 19.27 -3.55 -22.11
N VAL D 346 19.58 -4.29 -23.18
CA VAL D 346 18.57 -5.03 -23.96
C VAL D 346 18.60 -6.46 -23.51
N ARG D 347 19.71 -6.86 -22.89
CA ARG D 347 19.86 -8.21 -22.37
C ARG D 347 18.77 -8.47 -21.31
N ARG D 348 18.27 -7.39 -20.73
CA ARG D 348 17.21 -7.47 -19.75
C ARG D 348 15.88 -7.86 -20.39
N LYS D 349 15.74 -7.56 -21.68
CA LYS D 349 14.53 -7.85 -22.44
C LYS D 349 14.61 -9.09 -23.32
N LEU D 350 15.77 -9.33 -23.91
CA LEU D 350 15.96 -10.49 -24.79
C LEU D 350 17.12 -11.36 -24.37
N ASN D 351 17.03 -12.64 -24.72
CA ASN D 351 18.12 -13.56 -24.46
C ASN D 351 18.39 -14.36 -25.73
N ALA D 352 19.66 -14.46 -26.10
CA ALA D 352 20.05 -15.21 -27.29
C ALA D 352 20.28 -16.68 -26.95
N ASN D 353 19.73 -17.52 -27.80
CA ASN D 353 19.85 -18.95 -27.69
C ASN D 353 21.15 -19.37 -28.39
N ARG D 354 22.28 -19.13 -27.72
CA ARG D 354 23.64 -19.43 -28.23
C ARG D 354 23.79 -20.44 -29.39
N ALA D 355 23.21 -21.63 -29.23
CA ALA D 355 23.30 -22.69 -30.24
C ALA D 355 22.85 -22.29 -31.64
N GLU D 356 21.90 -21.36 -31.72
CA GLU D 356 21.37 -20.93 -33.00
C GLU D 356 22.23 -19.92 -33.76
N PHE D 357 23.31 -19.43 -33.18
CA PHE D 357 24.17 -18.46 -33.81
C PHE D 357 25.57 -18.94 -34.01
N ARG D 358 25.99 -19.94 -33.23
CA ARG D 358 27.36 -20.45 -33.31
C ARG D 358 27.82 -20.82 -34.72
N ASP D 359 28.81 -20.06 -35.20
CA ASP D 359 29.40 -20.25 -36.53
C ASP D 359 28.42 -20.28 -37.69
N LYS D 360 27.54 -19.29 -37.70
CA LYS D 360 26.54 -19.16 -38.73
C LYS D 360 26.47 -17.72 -39.20
N ASN D 361 26.11 -17.53 -40.47
CA ASN D 361 25.94 -16.20 -41.05
C ASN D 361 24.43 -16.02 -40.89
N VAL D 362 24.02 -14.92 -40.25
CA VAL D 362 22.60 -14.71 -40.01
C VAL D 362 21.92 -13.44 -40.46
N LEU D 363 20.63 -13.62 -40.70
CA LEU D 363 19.79 -12.55 -41.10
C LEU D 363 18.75 -12.36 -40.03
N LEU D 364 18.90 -11.27 -39.29
CA LEU D 364 17.92 -10.91 -38.24
C LEU D 364 16.80 -10.02 -38.80
N VAL D 365 15.56 -10.41 -38.57
CA VAL D 365 14.43 -9.61 -39.01
C VAL D 365 13.87 -8.84 -37.81
N ASP D 366 13.39 -7.62 -38.05
CA ASP D 366 12.79 -6.77 -37.03
C ASP D 366 11.77 -5.79 -37.61
N ASP D 367 10.74 -5.51 -36.82
CA ASP D 367 9.69 -4.59 -37.22
C ASP D 367 10.07 -3.15 -37.60
N SER D 368 11.06 -2.57 -36.95
CA SER D 368 11.44 -1.20 -37.25
C SER D 368 12.73 -0.82 -36.56
N ILE D 369 13.21 0.40 -36.79
CA ILE D 369 14.44 0.89 -36.22
C ILE D 369 14.24 2.37 -36.02
N VAL D 370 14.01 2.79 -34.78
CA VAL D 370 13.79 4.18 -34.45
C VAL D 370 15.02 4.85 -33.87
N ARG D 371 15.57 4.30 -32.79
CA ARG D 371 16.78 4.87 -32.18
C ARG D 371 18.08 4.20 -32.61
N GLY D 372 18.01 2.93 -33.00
CA GLY D 372 19.20 2.22 -33.41
C GLY D 372 19.80 1.36 -32.32
N THR D 373 19.72 1.86 -31.07
CA THR D 373 20.24 1.19 -29.89
C THR D 373 19.92 -0.29 -29.77
N THR D 374 18.64 -0.60 -29.75
CA THR D 374 18.19 -1.99 -29.69
C THR D 374 18.96 -2.84 -30.69
N SER D 375 18.82 -2.43 -31.96
CA SER D 375 19.39 -3.08 -33.13
C SER D 375 20.86 -3.35 -32.92
N GLU D 376 21.56 -2.29 -32.55
CA GLU D 376 23.00 -2.35 -32.32
C GLU D 376 23.35 -3.36 -31.28
N GLN D 377 22.60 -3.35 -30.18
CA GLN D 377 22.83 -4.26 -29.09
C GLN D 377 22.39 -5.67 -29.40
N ILE D 378 21.34 -5.82 -30.20
CA ILE D 378 20.87 -7.14 -30.58
C ILE D 378 21.94 -7.78 -31.45
N ILE D 379 22.58 -6.96 -32.28
CA ILE D 379 23.65 -7.40 -33.18
C ILE D 379 24.84 -7.89 -32.37
N GLU D 380 25.23 -7.15 -31.33
CA GLU D 380 26.35 -7.54 -30.45
C GLU D 380 26.03 -8.88 -29.84
N MET D 381 24.80 -9.04 -29.38
CA MET D 381 24.41 -10.30 -28.78
C MET D 381 24.65 -11.44 -29.74
N ALA D 382 24.30 -11.23 -31.00
CA ALA D 382 24.47 -12.24 -32.04
C ALA D 382 25.94 -12.58 -32.19
N ARG D 383 26.77 -11.54 -32.32
CA ARG D 383 28.22 -11.71 -32.46
C ARG D 383 28.80 -12.49 -31.27
N GLU D 384 28.42 -12.09 -30.06
CA GLU D 384 28.88 -12.73 -28.82
C GLU D 384 28.40 -14.16 -28.70
N ALA D 385 27.32 -14.51 -29.39
CA ALA D 385 26.80 -15.87 -29.34
C ALA D 385 27.47 -16.77 -30.39
N GLY D 386 28.36 -16.19 -31.19
CA GLY D 386 29.09 -16.96 -32.18
C GLY D 386 28.77 -16.74 -33.64
N ALA D 387 28.02 -15.69 -33.93
CA ALA D 387 27.65 -15.39 -35.31
C ALA D 387 28.81 -14.77 -36.08
N LYS D 388 28.99 -15.26 -37.30
CA LYS D 388 30.04 -14.78 -38.22
C LYS D 388 29.56 -13.44 -38.77
N LYS D 389 28.70 -13.48 -39.78
CA LYS D 389 28.16 -12.27 -40.36
C LYS D 389 26.73 -12.08 -39.88
N VAL D 390 26.40 -10.87 -39.47
CA VAL D 390 25.07 -10.56 -38.98
C VAL D 390 24.43 -9.51 -39.90
N TYR D 391 23.30 -9.88 -40.49
CA TYR D 391 22.59 -8.98 -41.37
C TYR D 391 21.25 -8.69 -40.76
N LEU D 392 20.83 -7.43 -40.90
CA LEU D 392 19.54 -7.00 -40.38
C LEU D 392 18.56 -6.44 -41.47
N ALA D 393 17.31 -6.88 -41.39
CA ALA D 393 16.22 -6.45 -42.26
C ALA D 393 15.08 -5.82 -41.41
N SER D 394 14.65 -4.61 -41.76
CA SER D 394 13.56 -3.93 -41.04
C SER D 394 12.27 -4.01 -41.87
N ALA D 395 11.23 -4.62 -41.31
CA ALA D 395 9.96 -4.79 -42.01
C ALA D 395 9.30 -3.46 -42.39
N ALA D 396 9.77 -2.39 -41.76
CA ALA D 396 9.24 -1.08 -42.02
C ALA D 396 10.32 -0.21 -42.62
N PRO D 397 9.91 0.78 -43.41
CA PRO D 397 10.82 1.72 -44.07
C PRO D 397 11.58 2.52 -43.02
N GLU D 398 12.52 3.37 -43.46
CA GLU D 398 13.27 4.20 -42.53
C GLU D 398 12.30 5.18 -41.86
N ILE D 399 12.44 5.34 -40.56
CA ILE D 399 11.59 6.26 -39.78
C ILE D 399 12.37 7.55 -39.61
N ARG D 400 11.98 8.58 -40.35
CA ARG D 400 12.70 9.85 -40.31
C ARG D 400 11.95 11.07 -39.81
N PHE D 401 10.63 10.94 -39.66
CA PHE D 401 9.80 12.06 -39.22
C PHE D 401 8.96 11.71 -38.02
N PRO D 402 8.69 12.73 -37.19
CA PRO D 402 7.90 12.68 -35.95
C PRO D 402 6.36 12.51 -36.15
N ASN D 403 5.74 11.63 -35.38
CA ASN D 403 4.31 11.44 -35.54
C ASN D 403 3.58 12.50 -34.72
N VAL D 404 2.69 13.25 -35.36
CA VAL D 404 1.96 14.26 -34.60
C VAL D 404 0.49 13.91 -34.65
N TYR D 405 0.18 12.63 -34.60
CA TYR D 405 -1.20 12.19 -34.69
C TYR D 405 -1.56 11.05 -33.75
N GLY D 406 -0.95 11.05 -32.56
CA GLY D 406 -1.25 10.02 -31.59
C GLY D 406 -0.13 9.05 -31.23
N ILE D 407 0.97 9.12 -31.96
CA ILE D 407 2.08 8.24 -31.64
C ILE D 407 3.25 9.00 -31.06
N ASP D 408 3.74 8.51 -29.93
CA ASP D 408 4.87 9.10 -29.25
C ASP D 408 6.15 8.55 -29.88
N MET D 409 6.84 9.44 -30.58
CA MET D 409 8.07 9.14 -31.27
C MET D 409 9.12 10.11 -30.75
N PRO D 410 10.40 9.69 -30.74
CA PRO D 410 11.48 10.56 -30.28
C PRO D 410 11.60 11.80 -31.20
N SER D 411 12.38 12.78 -30.75
CA SER D 411 12.62 14.02 -31.51
C SER D 411 13.27 13.61 -32.79
N ALA D 412 12.98 14.29 -33.89
CA ALA D 412 13.62 13.95 -35.15
C ALA D 412 15.13 13.69 -34.93
N THR D 413 15.75 14.47 -34.04
CA THR D 413 17.18 14.37 -33.72
C THR D 413 17.59 12.94 -33.33
N GLU D 414 16.87 12.40 -32.36
CA GLU D 414 17.11 11.06 -31.81
C GLU D 414 16.91 9.91 -32.81
N LEU D 415 16.18 10.18 -33.89
CA LEU D 415 15.97 9.17 -34.89
C LEU D 415 17.30 8.93 -35.59
N ILE D 416 17.72 7.67 -35.61
CA ILE D 416 18.99 7.33 -36.25
C ILE D 416 18.91 7.52 -37.76
N ALA D 417 17.77 7.17 -38.36
CA ALA D 417 17.59 7.31 -39.79
C ALA D 417 17.52 8.79 -40.17
N HIS D 418 17.27 9.64 -39.16
CA HIS D 418 17.16 11.06 -39.40
C HIS D 418 18.43 11.65 -39.93
N GLY D 419 18.44 11.94 -41.24
CA GLY D 419 19.59 12.54 -41.88
C GLY D 419 20.77 11.62 -42.03
N ARG D 420 20.48 10.34 -42.19
CA ARG D 420 21.53 9.37 -42.34
C ARG D 420 21.19 8.40 -43.44
N GLU D 421 22.18 8.05 -44.23
CA GLU D 421 21.98 7.11 -45.31
C GLU D 421 22.08 5.70 -44.77
N VAL D 422 21.33 4.77 -45.36
CA VAL D 422 21.32 3.37 -44.93
C VAL D 422 22.68 2.82 -44.52
N ASP D 423 23.71 3.13 -45.30
CA ASP D 423 25.02 2.62 -44.94
C ASP D 423 25.62 3.23 -43.66
N GLU D 424 25.35 4.51 -43.44
CA GLU D 424 25.83 5.21 -42.27
C GLU D 424 25.13 4.61 -41.04
N ILE D 425 23.88 4.17 -41.24
CA ILE D 425 23.11 3.52 -40.17
C ILE D 425 23.69 2.10 -39.99
N ARG D 426 23.93 1.38 -41.10
CA ARG D 426 24.48 0.04 -41.03
C ARG D 426 25.78 0.07 -40.27
N GLN D 427 26.53 1.15 -40.44
CA GLN D 427 27.80 1.32 -39.74
C GLN D 427 27.61 1.56 -38.25
N ILE D 428 26.80 2.56 -37.93
CA ILE D 428 26.54 2.93 -36.53
C ILE D 428 26.02 1.75 -35.73
N ILE D 429 25.13 0.94 -36.32
CA ILE D 429 24.54 -0.24 -35.65
C ILE D 429 25.41 -1.50 -35.75
N GLY D 430 26.54 -1.38 -36.47
CA GLY D 430 27.46 -2.48 -36.63
C GLY D 430 26.92 -3.71 -37.32
N ALA D 431 26.08 -3.53 -38.33
CA ALA D 431 25.53 -4.67 -39.03
C ALA D 431 26.41 -4.94 -40.21
N ASP D 432 26.54 -6.20 -40.62
CA ASP D 432 27.33 -6.50 -41.79
C ASP D 432 26.54 -6.05 -43.03
N GLY D 433 25.22 -6.02 -42.88
CA GLY D 433 24.36 -5.59 -43.96
C GLY D 433 23.06 -5.12 -43.34
N LEU D 434 22.43 -4.12 -43.97
CA LEU D 434 21.16 -3.57 -43.47
C LEU D 434 20.25 -3.24 -44.65
N ILE D 435 18.99 -3.66 -44.54
CA ILE D 435 18.05 -3.43 -45.60
C ILE D 435 16.66 -3.08 -45.06
N PHE D 436 16.06 -1.98 -45.52
CA PHE D 436 14.71 -1.60 -45.07
C PHE D 436 13.66 -2.02 -46.06
N GLN D 437 12.41 -1.92 -45.64
CA GLN D 437 11.27 -2.26 -46.48
C GLN D 437 10.96 -0.96 -47.25
N ASP D 438 10.57 -1.08 -48.53
CA ASP D 438 10.24 0.10 -49.36
C ASP D 438 8.86 0.59 -48.95
N LEU D 439 8.70 1.91 -48.76
CA LEU D 439 7.39 2.42 -48.35
C LEU D 439 6.23 1.91 -49.20
N ASN D 440 6.46 1.79 -50.50
CA ASN D 440 5.44 1.30 -51.41
C ASN D 440 5.13 -0.20 -51.20
N ASP D 441 6.16 -0.99 -50.85
CA ASP D 441 5.99 -2.42 -50.60
C ASP D 441 5.10 -2.61 -49.36
N LEU D 442 5.31 -1.75 -48.36
CA LEU D 442 4.52 -1.78 -47.14
C LEU D 442 3.08 -1.48 -47.53
N ILE D 443 2.89 -0.35 -48.23
CA ILE D 443 1.56 0.05 -48.68
C ILE D 443 0.83 -1.08 -49.40
N ASP D 444 1.45 -1.70 -50.41
CA ASP D 444 0.83 -2.81 -51.13
C ASP D 444 0.51 -3.95 -50.19
N ALA D 445 1.47 -4.21 -49.29
CA ALA D 445 1.40 -5.27 -48.29
C ALA D 445 0.11 -5.24 -47.53
N VAL D 446 -0.23 -4.04 -47.06
CA VAL D 446 -1.43 -3.76 -46.27
C VAL D 446 -2.61 -3.57 -47.19
N ARG D 447 -2.44 -2.69 -48.18
CA ARG D 447 -3.48 -2.38 -49.18
C ARG D 447 -4.13 -3.65 -49.76
N ALA D 448 -3.30 -4.64 -50.06
CA ALA D 448 -3.73 -5.91 -50.61
C ALA D 448 -4.96 -6.50 -49.91
N GLU D 449 -5.07 -6.26 -48.61
CA GLU D 449 -6.17 -6.78 -47.80
C GLU D 449 -7.53 -6.08 -47.99
N ASN D 450 -7.47 -4.84 -48.49
CA ASN D 450 -8.64 -4.04 -48.72
C ASN D 450 -8.16 -2.90 -49.60
N PRO D 451 -8.25 -3.10 -50.92
CA PRO D 451 -7.85 -2.15 -51.97
C PRO D 451 -8.62 -0.86 -51.91
N ASP D 452 -9.80 -0.88 -51.31
CA ASP D 452 -10.59 0.35 -51.23
C ASP D 452 -9.77 1.44 -50.55
N ILE D 453 -8.80 1.06 -49.74
CA ILE D 453 -7.98 2.08 -49.09
C ILE D 453 -7.00 2.52 -50.14
N GLN D 454 -7.05 3.78 -50.50
CA GLN D 454 -6.13 4.26 -51.51
C GLN D 454 -4.88 4.87 -50.90
N GLN D 455 -5.02 5.51 -49.74
CA GLN D 455 -3.87 6.15 -49.13
C GLN D 455 -3.77 5.99 -47.61
N PHE D 456 -2.55 5.86 -47.10
CA PHE D 456 -2.34 5.66 -45.67
C PHE D 456 -1.73 6.87 -45.00
N GLU D 457 -1.99 7.02 -43.72
CA GLU D 457 -1.37 8.11 -43.00
C GLU D 457 -0.01 7.47 -42.79
N CYS D 458 1.05 8.18 -43.15
CA CYS D 458 2.40 7.64 -42.96
C CYS D 458 3.46 8.70 -43.01
N SER D 459 3.20 9.74 -42.25
CA SER D 459 4.08 10.87 -42.10
C SER D 459 5.47 10.52 -41.51
N VAL D 460 5.56 9.47 -40.69
CA VAL D 460 6.85 9.08 -40.08
C VAL D 460 7.86 8.55 -41.11
N PHE D 461 7.35 7.91 -42.16
CA PHE D 461 8.20 7.35 -43.21
C PHE D 461 8.52 8.39 -44.27
N ASN D 462 7.53 9.21 -44.66
CA ASN D 462 7.72 10.22 -45.71
C ASN D 462 7.50 11.69 -45.41
N GLY D 463 7.22 12.05 -44.17
CA GLY D 463 7.03 13.45 -43.81
C GLY D 463 5.88 14.17 -44.48
N VAL D 464 4.90 13.43 -45.00
CA VAL D 464 3.76 14.04 -45.64
C VAL D 464 2.58 13.95 -44.66
N TYR D 465 2.24 15.11 -44.11
CA TYR D 465 1.16 15.24 -43.15
C TYR D 465 -0.18 15.42 -43.83
N VAL D 466 -1.05 14.43 -43.76
CA VAL D 466 -2.36 14.54 -44.39
C VAL D 466 -3.15 15.79 -44.00
N THR D 467 -2.97 16.29 -42.78
CA THR D 467 -3.75 17.45 -42.35
C THR D 467 -3.23 18.82 -42.75
N LYS D 468 -2.10 18.83 -43.47
CA LYS D 468 -1.45 20.05 -43.94
C LYS D 468 -1.32 21.07 -42.80
N ASP D 469 -1.50 20.60 -41.57
CA ASP D 469 -1.43 21.40 -40.37
C ASP D 469 0.02 21.72 -40.09
N VAL D 470 0.82 20.65 -40.03
CA VAL D 470 2.23 20.72 -39.68
C VAL D 470 3.19 21.44 -40.62
N ASP D 471 4.20 22.05 -40.00
CA ASP D 471 5.27 22.77 -40.70
C ASP D 471 6.49 22.74 -39.78
N GLN D 472 7.64 23.18 -40.27
CA GLN D 472 8.85 23.17 -39.47
C GLN D 472 8.67 23.83 -38.12
N GLY D 473 8.21 25.07 -38.14
CA GLY D 473 8.00 25.81 -36.91
C GLY D 473 7.15 25.10 -35.88
N TYR D 474 6.11 24.37 -36.32
CA TYR D 474 5.25 23.66 -35.37
C TYR D 474 6.03 22.57 -34.65
N LEU D 475 6.81 21.81 -35.41
CA LEU D 475 7.63 20.72 -34.87
C LEU D 475 8.60 21.22 -33.81
N ASP D 476 9.12 22.43 -34.01
CA ASP D 476 10.02 23.03 -33.04
C ASP D 476 9.25 23.13 -31.73
N PHE D 477 8.01 23.65 -31.80
CA PHE D 477 7.16 23.82 -30.60
C PHE D 477 6.94 22.49 -29.88
N LEU D 478 6.96 21.39 -30.62
CA LEU D 478 6.78 20.08 -29.99
C LEU D 478 8.08 19.55 -29.38
N ASP D 479 9.22 20.00 -29.89
CA ASP D 479 10.49 19.56 -29.31
C ASP D 479 10.63 20.24 -27.93
N THR D 480 9.90 21.33 -27.70
CA THR D 480 9.96 22.10 -26.43
C THR D 480 8.99 21.66 -25.30
N LEU D 481 8.61 20.39 -25.31
CA LEU D 481 7.68 19.89 -24.29
C LEU D 481 8.16 18.64 -23.54
MG MG E . 7.22 17.13 29.58
P 5GP F . 14.00 17.79 26.20
O1P 5GP F . 13.93 18.65 25.00
O2P 5GP F . 14.62 16.45 25.92
O3P 5GP F . 14.46 18.56 27.42
O5' 5GP F . 12.43 17.40 26.61
C5' 5GP F . 11.87 16.51 27.67
C4' 5GP F . 10.31 16.58 27.74
O4' 5GP F . 9.86 16.09 26.46
C3' 5GP F . 9.56 15.77 28.79
O3' 5GP F . 9.08 16.66 29.75
C2' 5GP F . 8.37 15.11 28.05
O2' 5GP F . 7.07 15.70 28.24
C1' 5GP F . 8.68 15.28 26.52
N9 5GP F . 9.05 14.03 25.79
C8 5GP F . 8.65 13.55 24.54
N7 5GP F . 9.18 12.40 24.22
C5 5GP F . 10.01 12.07 25.34
C6 5GP F . 10.83 10.94 25.63
O6 5GP F . 10.93 10.00 24.86
N1 5GP F . 11.50 10.94 26.89
C2 5GP F . 11.41 11.97 27.83
N2 5GP F . 12.05 11.91 29.00
N3 5GP F . 10.64 13.04 27.57
C4 5GP F . 9.96 13.04 26.32
P 5GP G . 3.91 14.09 27.53
O1P 5GP G . 2.63 13.99 26.71
O2P 5GP G . 5.17 14.21 26.78
O3P 5GP G . 3.96 15.03 28.73
O5' 5GP G . 3.90 12.68 28.19
C5' 5GP G . 3.08 11.66 27.76
C4' 5GP G . 2.40 11.30 29.00
O4' 5GP G . 1.33 10.61 28.44
C3' 5GP G . 3.05 10.35 30.09
O3' 5GP G . 2.94 11.05 31.35
C2' 5GP G . 2.10 9.09 30.06
O2' 5GP G . 1.60 8.65 31.32
C1' 5GP G . 0.84 9.67 29.42
N9 5GP G . 0.03 8.65 28.70
C8 5GP G . 0.53 7.62 28.03
N7 5GP G . -0.33 6.94 27.37
C5 5GP G . -1.53 7.56 27.65
C6 5GP G . -2.81 7.19 27.17
O6 5GP G . -3.06 6.29 26.34
N1 5GP G . -3.76 8.03 27.68
C2 5GP G . -3.48 9.10 28.53
N2 5GP G . -4.49 9.83 28.87
N3 5GP G . -2.28 9.49 29.01
C4 5GP G . -1.33 8.63 28.48
MG MG H . -17.96 13.68 26.72
P 5GP I . -23.52 9.58 23.84
O1P 5GP I . -23.22 8.12 23.76
O2P 5GP I . -23.99 10.02 22.50
O3P 5GP I . -24.33 10.05 25.10
O5' 5GP I . -22.11 10.39 24.06
C5' 5GP I . -21.77 11.83 23.94
C4' 5GP I . -20.35 12.09 24.45
O4' 5GP I . -19.49 11.37 23.57
C3' 5GP I . -19.83 13.51 24.47
O3' 5GP I . -19.69 13.92 25.80
C2' 5GP I . -18.38 13.47 23.90
O2' 5GP I . -17.33 13.65 24.91
C1' 5GP I . -18.27 12.05 23.24
N9 5GP I . -18.22 12.13 21.78
C8 5GP I . -17.40 11.44 20.89
N7 5GP I . -17.61 11.77 19.63
C5 5GP I . -18.65 12.73 19.70
C6 5GP I . -19.30 13.44 18.67
O6 5GP I . -19.02 13.28 17.50
N1 5GP I . -20.31 14.35 19.12
C2 5GP I . -20.64 14.55 20.45
N2 5GP I . -21.60 15.43 20.81
N3 5GP I . -20.03 13.87 21.42
C4 5GP I . -19.05 12.98 20.99
P 5GP J . -13.82 14.26 24.20
O1P 5GP J . -12.38 13.85 24.22
O2P 5GP J . -14.76 13.38 23.46
O3P 5GP J . -14.39 14.68 25.54
O5' 5GP J . -13.80 15.57 23.28
C5' 5GP J . -12.74 16.05 22.56
C4' 5GP J . -12.38 17.31 23.11
O4' 5GP J . -11.10 17.43 22.64
C3' 5GP J . -13.10 18.59 22.62
O3' 5GP J . -13.58 19.31 23.80
C2' 5GP J . -12.04 19.37 21.89
O2' 5GP J . -11.93 20.70 22.23
C1' 5GP J . -10.76 18.84 22.45
N9 5GP J . -9.68 18.88 21.46
C8 5GP J . -9.84 18.74 20.09
N7 5GP J . -8.73 18.64 19.45
C5 5GP J . -7.72 18.73 20.43
C6 5GP J . -6.32 18.68 20.25
O6 5GP J . -5.71 18.59 19.16
N1 5GP J . -5.71 18.81 21.45
C2 5GP J . -6.39 18.97 22.68
N2 5GP J . -5.76 19.12 23.81
N3 5GP J . -7.68 19.01 22.87
C4 5GP J . -8.28 18.89 21.67
MG MG K . -0.68 -25.48 -23.64
P 5GP L . -5.78 -28.22 -18.74
O1P 5GP L . -6.99 -27.35 -18.52
O2P 5GP L . -5.28 -28.61 -17.41
O3P 5GP L . -5.89 -29.32 -19.81
O5' 5GP L . -4.61 -27.24 -19.37
C5' 5GP L . -3.26 -27.61 -19.80
C4' 5GP L . -2.66 -26.49 -20.67
O4' 5GP L . -2.78 -25.28 -19.93
C3' 5GP L . -1.19 -26.60 -21.09
O3' 5GP L . -1.07 -26.84 -22.50
C2' 5GP L . -0.51 -25.24 -20.85
O2' 5GP L . -0.25 -24.48 -22.04
C1' 5GP L . -1.55 -24.47 -20.01
N9 5GP L . -1.10 -24.28 -18.64
C8 5GP L . -1.21 -23.13 -17.87
N7 5GP L . -0.74 -23.29 -16.66
C5 5GP L . -0.29 -24.64 -16.63
C6 5GP L . 0.32 -25.39 -15.60
O6 5GP L . 0.56 -24.90 -14.51
N1 5GP L . 0.65 -26.74 -15.94
C2 5GP L . 0.42 -27.31 -17.17
N2 5GP L . 0.76 -28.57 -17.43
N3 5GP L . -0.16 -26.59 -18.14
C4 5GP L . -0.48 -25.27 -17.83
P 5GP M . 1.86 -21.64 -22.40
O1P 5GP M . 2.09 -20.19 -22.59
O2P 5GP M . 0.70 -22.03 -21.54
O3P 5GP M . 2.04 -22.52 -23.61
O5' 5GP M . 3.16 -22.06 -21.53
C5' 5GP M . 4.25 -21.20 -21.19
C4' 5GP M . 5.51 -21.48 -21.96
O4' 5GP M . 6.24 -20.30 -21.73
C3' 5GP M . 6.40 -22.62 -21.51
O3' 5GP M . 6.53 -23.56 -22.58
C2' 5GP M . 7.72 -21.86 -21.22
O2' 5GP M . 8.80 -22.39 -21.85
C1' 5GP M . 7.61 -20.56 -21.94
N9 5GP M . 8.31 -19.45 -21.30
C8 5GP M . 8.52 -19.35 -20.02
N7 5GP M . 9.08 -18.28 -19.59
C5 5GP M . 9.25 -17.58 -20.70
C6 5GP M . 9.86 -16.29 -20.79
O6 5GP M . 10.28 -15.61 -19.81
N1 5GP M . 9.92 -15.93 -22.17
C2 5GP M . 9.45 -16.73 -23.24
N2 5GP M . 9.79 -16.30 -24.46
N3 5GP M . 8.85 -17.94 -23.11
C4 5GP M . 8.79 -18.29 -21.80
MG MG N . 11.21 -4.66 -32.84
P 5GP O . 15.24 1.35 -31.16
O1P 5GP O . 16.22 1.17 -30.07
O2P 5GP O . 14.44 2.59 -30.90
O3P 5GP O . 15.85 1.22 -32.54
O5' 5GP O . 14.24 0.08 -31.16
C5' 5GP O . 12.97 -0.14 -31.89
C4' 5GP O . 12.44 -1.58 -31.57
O4' 5GP O . 12.17 -1.64 -30.17
C3' 5GP O . 11.18 -2.05 -32.27
O3' 5GP O . 11.64 -3.04 -33.14
C2' 5GP O . 10.21 -2.64 -31.22
O2' 5GP O . 10.15 -4.05 -31.24
C1' 5GP O . 10.87 -2.26 -29.89
N9 5GP O . 10.07 -1.28 -29.11
C8 5GP O . 9.78 -1.31 -27.76
N7 5GP O . 8.98 -0.33 -27.40
C5 5GP O . 8.74 0.36 -28.59
C6 5GP O . 7.92 1.48 -28.83
O6 5GP O . 7.22 1.99 -27.96
N1 5GP O . 7.92 1.92 -30.20
C2 5GP O . 8.62 1.31 -31.22
N2 5GP O . 8.53 1.77 -32.48
N3 5GP O . 9.38 0.24 -30.97
C4 5GP O . 9.39 -0.19 -29.66
P 5GP P . 7.70 -6.28 -29.58
O1P 5GP P . 7.31 -7.34 -28.63
O2P 5GP P . 8.53 -5.16 -29.03
O3P 5GP P . 8.21 -6.82 -30.88
O5' 5GP P . 6.36 -5.62 -30.01
C5' 5GP P . 5.14 -5.86 -29.37
C4' 5GP P . 4.30 -6.60 -30.28
O4' 5GP P . 3.47 -7.22 -29.38
C3' 5GP P . 3.45 -5.84 -31.33
O3' 5GP P . 3.69 -6.45 -32.62
C2' 5GP P . 2.01 -6.12 -30.83
O2' 5GP P . 1.05 -6.55 -31.79
C1' 5GP P . 2.22 -7.44 -30.05
N9 5GP P . 1.25 -7.62 -28.99
C8 5GP P . 0.70 -6.58 -28.27
N7 5GP P . -0.10 -6.96 -27.34
C5 5GP P . -0.10 -8.37 -27.43
C6 5GP P . -0.80 -9.29 -26.61
O6 5GP P . -1.50 -8.98 -25.60
N1 5GP P . -0.51 -10.60 -27.01
C2 5GP P . 0.35 -10.94 -28.08
N2 5GP P . 0.48 -12.25 -28.39
N3 5GP P . 1.03 -10.06 -28.87
C4 5GP P . 0.73 -8.79 -28.46
#